data_5OC4
# 
_entry.id   5OC4 
# 
_audit_conform.dict_name       mmcif_pdbx.dic 
_audit_conform.dict_version    5.383 
_audit_conform.dict_location   http://mmcif.pdb.org/dictionaries/ascii/mmcif_pdbx.dic 
# 
loop_
_database_2.database_id 
_database_2.database_code 
_database_2.pdbx_database_accession 
_database_2.pdbx_DOI 
PDB   5OC4         pdb_00005oc4 10.2210/pdb5oc4/pdb 
WWPDB D_1200005552 ?            ?                   
# 
loop_
_pdbx_audit_revision_history.ordinal 
_pdbx_audit_revision_history.data_content_type 
_pdbx_audit_revision_history.major_revision 
_pdbx_audit_revision_history.minor_revision 
_pdbx_audit_revision_history.revision_date 
1 'Structure model' 1 0 2018-12-26 
2 'Structure model' 1 1 2019-01-16 
3 'Structure model' 1 2 2019-04-17 
4 'Structure model' 1 3 2024-01-17 
# 
_pdbx_audit_revision_details.ordinal             1 
_pdbx_audit_revision_details.revision_ordinal    1 
_pdbx_audit_revision_details.data_content_type   'Structure model' 
_pdbx_audit_revision_details.provider            repository 
_pdbx_audit_revision_details.type                'Initial release' 
_pdbx_audit_revision_details.description         ? 
_pdbx_audit_revision_details.details             ? 
# 
loop_
_pdbx_audit_revision_group.ordinal 
_pdbx_audit_revision_group.revision_ordinal 
_pdbx_audit_revision_group.data_content_type 
_pdbx_audit_revision_group.group 
1 2 'Structure model' 'Data collection'        
2 2 'Structure model' 'Database references'    
3 3 'Structure model' 'Data collection'        
4 3 'Structure model' 'Database references'    
5 4 'Structure model' 'Data collection'        
6 4 'Structure model' 'Database references'    
7 4 'Structure model' 'Refinement description' 
# 
loop_
_pdbx_audit_revision_category.ordinal 
_pdbx_audit_revision_category.revision_ordinal 
_pdbx_audit_revision_category.data_content_type 
_pdbx_audit_revision_category.category 
1 2 'Structure model' citation                      
2 3 'Structure model' citation                      
3 3 'Structure model' pdbx_database_proc            
4 4 'Structure model' chem_comp_atom                
5 4 'Structure model' chem_comp_bond                
6 4 'Structure model' database_2                    
7 4 'Structure model' pdbx_initial_refinement_model 
# 
loop_
_pdbx_audit_revision_item.ordinal 
_pdbx_audit_revision_item.revision_ordinal 
_pdbx_audit_revision_item.data_content_type 
_pdbx_audit_revision_item.item 
1  2 'Structure model' '_citation.country'                   
2  2 'Structure model' '_citation.journal_abbrev'            
3  2 'Structure model' '_citation.journal_id_ASTM'           
4  2 'Structure model' '_citation.journal_id_CSD'            
5  2 'Structure model' '_citation.journal_id_ISSN'           
6  2 'Structure model' '_citation.pdbx_database_id_DOI'      
7  2 'Structure model' '_citation.pdbx_database_id_PubMed'   
8  2 'Structure model' '_citation.title'                     
9  2 'Structure model' '_citation.year'                      
10 3 'Structure model' '_citation.journal_volume'            
11 3 'Structure model' '_citation.page_first'                
12 3 'Structure model' '_citation.page_last'                 
13 4 'Structure model' '_database_2.pdbx_DOI'                
14 4 'Structure model' '_database_2.pdbx_database_accession' 
# 
_pdbx_database_status.status_code                     REL 
_pdbx_database_status.status_code_sf                  REL 
_pdbx_database_status.status_code_mr                  ? 
_pdbx_database_status.entry_id                        5OC4 
_pdbx_database_status.recvd_initial_deposition_date   2017-06-29 
_pdbx_database_status.SG_entry                        N 
_pdbx_database_status.deposit_site                    PDBE 
_pdbx_database_status.process_site                    PDBE 
_pdbx_database_status.status_code_cs                  ? 
_pdbx_database_status.methods_development_category    ? 
_pdbx_database_status.pdb_format_compatible           Y 
_pdbx_database_status.status_code_nmr_data            ? 
# 
loop_
_audit_author.name 
_audit_author.pdbx_ordinal 
_audit_author.identifier_ORCID 
'Bou-nader, C.' 1 ? 
'Pecqueur, L.'  2 ? 
'Hamdane, D.'   3 ? 
# 
_citation.abstract                  ? 
_citation.abstract_id_CAS           ? 
_citation.book_id_ISBN              ? 
_citation.book_publisher            ? 
_citation.book_publisher_city       ? 
_citation.book_title                ? 
_citation.coordinate_linkage        ? 
_citation.country                   UK 
_citation.database_id_Medline       ? 
_citation.details                   ? 
_citation.id                        primary 
_citation.journal_abbrev            'Nucleic Acids Res.' 
_citation.journal_id_ASTM           NARHAD 
_citation.journal_id_CSD            0389 
_citation.journal_id_ISSN           1362-4962 
_citation.journal_full              ? 
_citation.journal_issue             ? 
_citation.journal_volume            47 
_citation.language                  ? 
_citation.page_first                3117 
_citation.page_last                 3126 
_citation.title                     
'Molecular basis for transfer RNA recognition by the double-stranded RNA-binding domain of human dihydrouridine synthase 2.' 
_citation.year                      2019 
_citation.database_id_CSD           ? 
_citation.pdbx_database_id_DOI      10.1093/nar/gky1302 
_citation.pdbx_database_id_PubMed   30605527 
_citation.unpublished_flag          ? 
# 
loop_
_citation_author.citation_id 
_citation_author.name 
_citation_author.ordinal 
_citation_author.identifier_ORCID 
primary 'Bou-Nader, C.' 1 ? 
primary 'Barraud, P.'   2 ? 
primary 'Pecqueur, L.'  3 ? 
primary 'Perez, J.'     4 ? 
primary 'Velours, C.'   5 ? 
primary 'Shepard, W.'   6 ? 
primary 'Fontecave, M.' 7 ? 
primary 'Tisne, C.'     8 ? 
primary 'Hamdane, D.'   9 ? 
# 
loop_
_entity.id 
_entity.type 
_entity.src_method 
_entity.pdbx_description 
_entity.formula_weight 
_entity.pdbx_number_of_molecules 
_entity.pdbx_ec 
_entity.pdbx_mutation 
_entity.pdbx_fragment 
_entity.details 
1 polymer     man 'tRNA-dihydrouridine(20) synthase [NAD(P)+]-like' 13425.269 1   1.3.1.- 'R361A, R362A' ? ? 
2 non-polymer syn 'CHLORIDE ION'                                    35.453    1   ?       ?              ? ? 
3 non-polymer syn GLYCEROL                                          92.094    2   ?       ?              ? ? 
4 non-polymer syn 'CACODYLATE ION'                                  136.989   1   ?       ?              ? ? 
5 water       nat water                                             18.015    144 ?       ?              ? ? 
# 
_entity_name_com.entity_id   1 
_entity_name_com.name        
'Dihydrouridine synthase 2,Up-regulated in lung cancer protein 8,URLC8,tRNA-dihydrouridine synthase 2-like,hDUS2' 
# 
_entity_poly.entity_id                      1 
_entity_poly.type                           'polypeptide(L)' 
_entity_poly.nstd_linkage                   no 
_entity_poly.nstd_monomer                   no 
_entity_poly.pdbx_seq_one_letter_code       
;TSEQTGEPAEDTSGVIKMAVKFDAAAYPAQITPKMCLLEWCRREKLAQPVYETVQRPLDRLFSSIVTVAEQKYQSTLWDK
SKKLAEQAAAIVCLRSQGLPEGRLGEESPSLHKHHHHHH
;
_entity_poly.pdbx_seq_one_letter_code_can   
;TSEQTGEPAEDTSGVIKMAVKFDAAAYPAQITPKMCLLEWCRREKLAQPVYETVQRPLDRLFSSIVTVAEQKYQSTLWDK
SKKLAEQAAAIVCLRSQGLPEGRLGEESPSLHKHHHHHH
;
_entity_poly.pdbx_strand_id                 A 
_entity_poly.pdbx_target_identifier         ? 
# 
loop_
_pdbx_entity_nonpoly.entity_id 
_pdbx_entity_nonpoly.name 
_pdbx_entity_nonpoly.comp_id 
2 'CHLORIDE ION'   CL  
3 GLYCEROL         GOL 
4 'CACODYLATE ION' CAC 
5 water            HOH 
# 
loop_
_entity_poly_seq.entity_id 
_entity_poly_seq.num 
_entity_poly_seq.mon_id 
_entity_poly_seq.hetero 
1 1   THR n 
1 2   SER n 
1 3   GLU n 
1 4   GLN n 
1 5   THR n 
1 6   GLY n 
1 7   GLU n 
1 8   PRO n 
1 9   ALA n 
1 10  GLU n 
1 11  ASP n 
1 12  THR n 
1 13  SER n 
1 14  GLY n 
1 15  VAL n 
1 16  ILE n 
1 17  LYS n 
1 18  MET n 
1 19  ALA n 
1 20  VAL n 
1 21  LYS n 
1 22  PHE n 
1 23  ASP n 
1 24  ALA n 
1 25  ALA n 
1 26  ALA n 
1 27  TYR n 
1 28  PRO n 
1 29  ALA n 
1 30  GLN n 
1 31  ILE n 
1 32  THR n 
1 33  PRO n 
1 34  LYS n 
1 35  MET n 
1 36  CYS n 
1 37  LEU n 
1 38  LEU n 
1 39  GLU n 
1 40  TRP n 
1 41  CYS n 
1 42  ARG n 
1 43  ARG n 
1 44  GLU n 
1 45  LYS n 
1 46  LEU n 
1 47  ALA n 
1 48  GLN n 
1 49  PRO n 
1 50  VAL n 
1 51  TYR n 
1 52  GLU n 
1 53  THR n 
1 54  VAL n 
1 55  GLN n 
1 56  ARG n 
1 57  PRO n 
1 58  LEU n 
1 59  ASP n 
1 60  ARG n 
1 61  LEU n 
1 62  PHE n 
1 63  SER n 
1 64  SER n 
1 65  ILE n 
1 66  VAL n 
1 67  THR n 
1 68  VAL n 
1 69  ALA n 
1 70  GLU n 
1 71  GLN n 
1 72  LYS n 
1 73  TYR n 
1 74  GLN n 
1 75  SER n 
1 76  THR n 
1 77  LEU n 
1 78  TRP n 
1 79  ASP n 
1 80  LYS n 
1 81  SER n 
1 82  LYS n 
1 83  LYS n 
1 84  LEU n 
1 85  ALA n 
1 86  GLU n 
1 87  GLN n 
1 88  ALA n 
1 89  ALA n 
1 90  ALA n 
1 91  ILE n 
1 92  VAL n 
1 93  CYS n 
1 94  LEU n 
1 95  ARG n 
1 96  SER n 
1 97  GLN n 
1 98  GLY n 
1 99  LEU n 
1 100 PRO n 
1 101 GLU n 
1 102 GLY n 
1 103 ARG n 
1 104 LEU n 
1 105 GLY n 
1 106 GLU n 
1 107 GLU n 
1 108 SER n 
1 109 PRO n 
1 110 SER n 
1 111 LEU n 
1 112 HIS n 
1 113 LYS n 
1 114 HIS n 
1 115 HIS n 
1 116 HIS n 
1 117 HIS n 
1 118 HIS n 
1 119 HIS n 
# 
_entity_src_gen.entity_id                          1 
_entity_src_gen.pdbx_src_id                        1 
_entity_src_gen.pdbx_alt_source_flag               sample 
_entity_src_gen.pdbx_seq_type                      'Biological sequence' 
_entity_src_gen.pdbx_beg_seq_num                   1 
_entity_src_gen.pdbx_end_seq_num                   119 
_entity_src_gen.gene_src_common_name               Human 
_entity_src_gen.gene_src_genus                     ? 
_entity_src_gen.pdbx_gene_src_gene                 'DUS2, DUS2L' 
_entity_src_gen.gene_src_species                   ? 
_entity_src_gen.gene_src_strain                    ? 
_entity_src_gen.gene_src_tissue                    ? 
_entity_src_gen.gene_src_tissue_fraction           ? 
_entity_src_gen.gene_src_details                   ? 
_entity_src_gen.pdbx_gene_src_fragment             ? 
_entity_src_gen.pdbx_gene_src_scientific_name      'Homo sapiens' 
_entity_src_gen.pdbx_gene_src_ncbi_taxonomy_id     9606 
_entity_src_gen.pdbx_gene_src_variant              ? 
_entity_src_gen.pdbx_gene_src_cell_line            ? 
_entity_src_gen.pdbx_gene_src_atcc                 ? 
_entity_src_gen.pdbx_gene_src_organ                ? 
_entity_src_gen.pdbx_gene_src_organelle            ? 
_entity_src_gen.pdbx_gene_src_cell                 ? 
_entity_src_gen.pdbx_gene_src_cellular_location    ? 
_entity_src_gen.host_org_common_name               ? 
_entity_src_gen.pdbx_host_org_scientific_name      'Escherichia coli BL21(DE3)' 
_entity_src_gen.pdbx_host_org_ncbi_taxonomy_id     469008 
_entity_src_gen.host_org_genus                     ? 
_entity_src_gen.pdbx_host_org_gene                 ? 
_entity_src_gen.pdbx_host_org_organ                ? 
_entity_src_gen.host_org_species                   ? 
_entity_src_gen.pdbx_host_org_tissue               ? 
_entity_src_gen.pdbx_host_org_tissue_fraction      ? 
_entity_src_gen.pdbx_host_org_strain               ? 
_entity_src_gen.pdbx_host_org_variant              ? 
_entity_src_gen.pdbx_host_org_cell_line            ? 
_entity_src_gen.pdbx_host_org_atcc                 ? 
_entity_src_gen.pdbx_host_org_culture_collection   ? 
_entity_src_gen.pdbx_host_org_cell                 ? 
_entity_src_gen.pdbx_host_org_organelle            ? 
_entity_src_gen.pdbx_host_org_cellular_location    ? 
_entity_src_gen.pdbx_host_org_vector_type          Plasmid 
_entity_src_gen.pdbx_host_org_vector               pET11D 
_entity_src_gen.host_org_details                   ? 
_entity_src_gen.expression_system_id               ? 
_entity_src_gen.plasmid_name                       ? 
_entity_src_gen.plasmid_details                    ? 
_entity_src_gen.pdbx_description                   ? 
# 
loop_
_chem_comp.id 
_chem_comp.type 
_chem_comp.mon_nstd_flag 
_chem_comp.name 
_chem_comp.pdbx_synonyms 
_chem_comp.formula 
_chem_comp.formula_weight 
ALA 'L-peptide linking' y ALANINE          ?                               'C3 H7 N O2'     89.093  
ARG 'L-peptide linking' y ARGININE         ?                               'C6 H15 N4 O2 1' 175.209 
ASP 'L-peptide linking' y 'ASPARTIC ACID'  ?                               'C4 H7 N O4'     133.103 
CAC non-polymer         . 'CACODYLATE ION' dimethylarsinate                'C2 H6 As O2 -1' 136.989 
CL  non-polymer         . 'CHLORIDE ION'   ?                               'Cl -1'          35.453  
CYS 'L-peptide linking' y CYSTEINE         ?                               'C3 H7 N O2 S'   121.158 
GLN 'L-peptide linking' y GLUTAMINE        ?                               'C5 H10 N2 O3'   146.144 
GLU 'L-peptide linking' y 'GLUTAMIC ACID'  ?                               'C5 H9 N O4'     147.129 
GLY 'peptide linking'   y GLYCINE          ?                               'C2 H5 N O2'     75.067  
GOL non-polymer         . GLYCEROL         'GLYCERIN; PROPANE-1,2,3-TRIOL' 'C3 H8 O3'       92.094  
HIS 'L-peptide linking' y HISTIDINE        ?                               'C6 H10 N3 O2 1' 156.162 
HOH non-polymer         . WATER            ?                               'H2 O'           18.015  
ILE 'L-peptide linking' y ISOLEUCINE       ?                               'C6 H13 N O2'    131.173 
LEU 'L-peptide linking' y LEUCINE          ?                               'C6 H13 N O2'    131.173 
LYS 'L-peptide linking' y LYSINE           ?                               'C6 H15 N2 O2 1' 147.195 
MET 'L-peptide linking' y METHIONINE       ?                               'C5 H11 N O2 S'  149.211 
PHE 'L-peptide linking' y PHENYLALANINE    ?                               'C9 H11 N O2'    165.189 
PRO 'L-peptide linking' y PROLINE          ?                               'C5 H9 N O2'     115.130 
SER 'L-peptide linking' y SERINE           ?                               'C3 H7 N O3'     105.093 
THR 'L-peptide linking' y THREONINE        ?                               'C4 H9 N O3'     119.119 
TRP 'L-peptide linking' y TRYPTOPHAN       ?                               'C11 H12 N2 O2'  204.225 
TYR 'L-peptide linking' y TYROSINE         ?                               'C9 H11 N O3'    181.189 
VAL 'L-peptide linking' y VALINE           ?                               'C5 H11 N O2'    117.146 
# 
loop_
_pdbx_poly_seq_scheme.asym_id 
_pdbx_poly_seq_scheme.entity_id 
_pdbx_poly_seq_scheme.seq_id 
_pdbx_poly_seq_scheme.mon_id 
_pdbx_poly_seq_scheme.ndb_seq_num 
_pdbx_poly_seq_scheme.pdb_seq_num 
_pdbx_poly_seq_scheme.auth_seq_num 
_pdbx_poly_seq_scheme.pdb_mon_id 
_pdbx_poly_seq_scheme.auth_mon_id 
_pdbx_poly_seq_scheme.pdb_strand_id 
_pdbx_poly_seq_scheme.pdb_ins_code 
_pdbx_poly_seq_scheme.hetero 
A 1 1   THR 1   338 ?   ?   ?   A . n 
A 1 2   SER 2   339 ?   ?   ?   A . n 
A 1 3   GLU 3   340 ?   ?   ?   A . n 
A 1 4   GLN 4   341 ?   ?   ?   A . n 
A 1 5   THR 5   342 ?   ?   ?   A . n 
A 1 6   GLY 6   343 ?   ?   ?   A . n 
A 1 7   GLU 7   344 ?   ?   ?   A . n 
A 1 8   PRO 8   345 ?   ?   ?   A . n 
A 1 9   ALA 9   346 ?   ?   ?   A . n 
A 1 10  GLU 10  347 347 GLU GLU A . n 
A 1 11  ASP 11  348 348 ASP ASP A . n 
A 1 12  THR 12  349 349 THR THR A . n 
A 1 13  SER 13  350 350 SER SER A . n 
A 1 14  GLY 14  351 351 GLY GLY A . n 
A 1 15  VAL 15  352 352 VAL VAL A . n 
A 1 16  ILE 16  353 353 ILE ILE A . n 
A 1 17  LYS 17  354 354 LYS LYS A . n 
A 1 18  MET 18  355 355 MET MET A . n 
A 1 19  ALA 19  356 356 ALA ALA A . n 
A 1 20  VAL 20  357 357 VAL VAL A . n 
A 1 21  LYS 21  358 358 LYS LYS A . n 
A 1 22  PHE 22  359 359 PHE PHE A . n 
A 1 23  ASP 23  360 360 ASP ASP A . n 
A 1 24  ALA 24  361 361 ALA ALA A . n 
A 1 25  ALA 25  362 362 ALA ALA A . n 
A 1 26  ALA 26  363 363 ALA ALA A . n 
A 1 27  TYR 27  364 364 TYR TYR A . n 
A 1 28  PRO 28  365 365 PRO PRO A . n 
A 1 29  ALA 29  366 366 ALA ALA A . n 
A 1 30  GLN 30  367 367 GLN GLN A . n 
A 1 31  ILE 31  368 368 ILE ILE A . n 
A 1 32  THR 32  369 369 THR THR A . n 
A 1 33  PRO 33  370 370 PRO PRO A . n 
A 1 34  LYS 34  371 371 LYS LYS A . n 
A 1 35  MET 35  372 372 MET MET A . n 
A 1 36  CYS 36  373 373 CYS CYS A . n 
A 1 37  LEU 37  374 374 LEU LEU A . n 
A 1 38  LEU 38  375 375 LEU LEU A . n 
A 1 39  GLU 39  376 376 GLU GLU A . n 
A 1 40  TRP 40  377 377 TRP TRP A . n 
A 1 41  CYS 41  378 378 CYS CYS A . n 
A 1 42  ARG 42  379 379 ARG ARG A . n 
A 1 43  ARG 43  380 380 ARG ARG A . n 
A 1 44  GLU 44  381 381 GLU GLU A . n 
A 1 45  LYS 45  382 382 LYS LYS A . n 
A 1 46  LEU 46  383 383 LEU LEU A . n 
A 1 47  ALA 47  384 384 ALA ALA A . n 
A 1 48  GLN 48  385 385 GLN GLN A . n 
A 1 49  PRO 49  386 386 PRO PRO A . n 
A 1 50  VAL 50  387 387 VAL VAL A . n 
A 1 51  TYR 51  388 388 TYR TYR A . n 
A 1 52  GLU 52  389 389 GLU GLU A . n 
A 1 53  THR 53  390 390 THR THR A . n 
A 1 54  VAL 54  391 391 VAL VAL A . n 
A 1 55  GLN 55  392 392 GLN GLN A . n 
A 1 56  ARG 56  393 393 ARG ARG A . n 
A 1 57  PRO 57  394 394 PRO PRO A . n 
A 1 58  LEU 58  395 395 LEU LEU A . n 
A 1 59  ASP 59  396 396 ASP ASP A . n 
A 1 60  ARG 60  397 397 ARG ARG A . n 
A 1 61  LEU 61  398 398 LEU LEU A . n 
A 1 62  PHE 62  399 399 PHE PHE A . n 
A 1 63  SER 63  400 400 SER SER A . n 
A 1 64  SER 64  401 401 SER SER A . n 
A 1 65  ILE 65  402 402 ILE ILE A . n 
A 1 66  VAL 66  403 403 VAL VAL A . n 
A 1 67  THR 67  404 404 THR THR A . n 
A 1 68  VAL 68  405 405 VAL VAL A . n 
A 1 69  ALA 69  406 406 ALA ALA A . n 
A 1 70  GLU 70  407 407 GLU GLU A . n 
A 1 71  GLN 71  408 408 GLN GLN A . n 
A 1 72  LYS 72  409 409 LYS LYS A . n 
A 1 73  TYR 73  410 410 TYR TYR A . n 
A 1 74  GLN 74  411 411 GLN GLN A . n 
A 1 75  SER 75  412 412 SER SER A . n 
A 1 76  THR 76  413 413 THR THR A . n 
A 1 77  LEU 77  414 414 LEU LEU A . n 
A 1 78  TRP 78  415 415 TRP TRP A . n 
A 1 79  ASP 79  416 416 ASP ASP A . n 
A 1 80  LYS 80  417 417 LYS LYS A . n 
A 1 81  SER 81  418 418 SER SER A . n 
A 1 82  LYS 82  419 419 LYS LYS A . n 
A 1 83  LYS 83  420 420 LYS LYS A . n 
A 1 84  LEU 84  421 421 LEU LEU A . n 
A 1 85  ALA 85  422 422 ALA ALA A . n 
A 1 86  GLU 86  423 423 GLU GLU A . n 
A 1 87  GLN 87  424 424 GLN GLN A . n 
A 1 88  ALA 88  425 425 ALA ALA A . n 
A 1 89  ALA 89  426 426 ALA ALA A . n 
A 1 90  ALA 90  427 427 ALA ALA A . n 
A 1 91  ILE 91  428 428 ILE ILE A . n 
A 1 92  VAL 92  429 429 VAL VAL A . n 
A 1 93  CYS 93  430 430 CYS CYS A . n 
A 1 94  LEU 94  431 431 LEU LEU A . n 
A 1 95  ARG 95  432 432 ARG ARG A . n 
A 1 96  SER 96  433 433 SER SER A . n 
A 1 97  GLN 97  434 434 GLN GLN A . n 
A 1 98  GLY 98  435 435 GLY GLY A . n 
A 1 99  LEU 99  436 436 LEU LEU A . n 
A 1 100 PRO 100 437 437 PRO PRO A . n 
A 1 101 GLU 101 438 438 GLU GLU A . n 
A 1 102 GLY 102 439 439 GLY GLY A . n 
A 1 103 ARG 103 440 440 ARG ARG A . n 
A 1 104 LEU 104 441 441 LEU LEU A . n 
A 1 105 GLY 105 442 442 GLY GLY A . n 
A 1 106 GLU 106 443 ?   ?   ?   A . n 
A 1 107 GLU 107 444 ?   ?   ?   A . n 
A 1 108 SER 108 445 ?   ?   ?   A . n 
A 1 109 PRO 109 446 ?   ?   ?   A . n 
A 1 110 SER 110 447 ?   ?   ?   A . n 
A 1 111 LEU 111 448 ?   ?   ?   A . n 
A 1 112 HIS 112 449 ?   ?   ?   A . n 
A 1 113 LYS 113 450 ?   ?   ?   A . n 
A 1 114 HIS 114 451 ?   ?   ?   A . n 
A 1 115 HIS 115 452 ?   ?   ?   A . n 
A 1 116 HIS 116 453 ?   ?   ?   A . n 
A 1 117 HIS 117 454 ?   ?   ?   A . n 
A 1 118 HIS 118 455 ?   ?   ?   A . n 
A 1 119 HIS 119 456 ?   ?   ?   A . n 
# 
loop_
_pdbx_nonpoly_scheme.asym_id 
_pdbx_nonpoly_scheme.entity_id 
_pdbx_nonpoly_scheme.mon_id 
_pdbx_nonpoly_scheme.ndb_seq_num 
_pdbx_nonpoly_scheme.pdb_seq_num 
_pdbx_nonpoly_scheme.auth_seq_num 
_pdbx_nonpoly_scheme.pdb_mon_id 
_pdbx_nonpoly_scheme.auth_mon_id 
_pdbx_nonpoly_scheme.pdb_strand_id 
_pdbx_nonpoly_scheme.pdb_ins_code 
B 2 CL  1   501 1   CL  CL  A . 
C 3 GOL 1   502 1   GOL GOL A . 
D 3 GOL 1   503 2   GOL GOL A . 
E 4 CAC 1   504 1   CAC CAC A . 
F 5 HOH 1   601 48  HOH HOH A . 
F 5 HOH 2   602 77  HOH HOH A . 
F 5 HOH 3   603 4   HOH HOH A . 
F 5 HOH 4   604 96  HOH HOH A . 
F 5 HOH 5   605 6   HOH HOH A . 
F 5 HOH 6   606 36  HOH HOH A . 
F 5 HOH 7   607 229 HOH HOH A . 
F 5 HOH 8   608 23  HOH HOH A . 
F 5 HOH 9   609 17  HOH HOH A . 
F 5 HOH 10  610 166 HOH HOH A . 
F 5 HOH 11  611 19  HOH HOH A . 
F 5 HOH 12  612 12  HOH HOH A . 
F 5 HOH 13  613 15  HOH HOH A . 
F 5 HOH 14  614 198 HOH HOH A . 
F 5 HOH 15  615 25  HOH HOH A . 
F 5 HOH 16  616 13  HOH HOH A . 
F 5 HOH 17  617 44  HOH HOH A . 
F 5 HOH 18  618 54  HOH HOH A . 
F 5 HOH 19  619 16  HOH HOH A . 
F 5 HOH 20  620 38  HOH HOH A . 
F 5 HOH 21  621 112 HOH HOH A . 
F 5 HOH 22  622 20  HOH HOH A . 
F 5 HOH 23  623 39  HOH HOH A . 
F 5 HOH 24  624 41  HOH HOH A . 
F 5 HOH 25  625 167 HOH HOH A . 
F 5 HOH 26  626 51  HOH HOH A . 
F 5 HOH 27  627 88  HOH HOH A . 
F 5 HOH 28  628 24  HOH HOH A . 
F 5 HOH 29  629 164 HOH HOH A . 
F 5 HOH 30  630 79  HOH HOH A . 
F 5 HOH 31  631 177 HOH HOH A . 
F 5 HOH 32  632 49  HOH HOH A . 
F 5 HOH 33  633 78  HOH HOH A . 
F 5 HOH 34  634 188 HOH HOH A . 
F 5 HOH 35  635 42  HOH HOH A . 
F 5 HOH 36  636 131 HOH HOH A . 
F 5 HOH 37  637 14  HOH HOH A . 
F 5 HOH 38  638 1   HOH HOH A . 
F 5 HOH 39  639 60  HOH HOH A . 
F 5 HOH 40  640 3   HOH HOH A . 
F 5 HOH 41  641 178 HOH HOH A . 
F 5 HOH 42  642 66  HOH HOH A . 
F 5 HOH 43  643 90  HOH HOH A . 
F 5 HOH 44  644 2   HOH HOH A . 
F 5 HOH 45  645 155 HOH HOH A . 
F 5 HOH 46  646 98  HOH HOH A . 
F 5 HOH 47  647 7   HOH HOH A . 
F 5 HOH 48  648 32  HOH HOH A . 
F 5 HOH 49  649 211 HOH HOH A . 
F 5 HOH 50  650 10  HOH HOH A . 
F 5 HOH 51  651 161 HOH HOH A . 
F 5 HOH 52  652 63  HOH HOH A . 
F 5 HOH 53  653 18  HOH HOH A . 
F 5 HOH 54  654 184 HOH HOH A . 
F 5 HOH 55  655 27  HOH HOH A . 
F 5 HOH 56  656 218 HOH HOH A . 
F 5 HOH 57  657 108 HOH HOH A . 
F 5 HOH 58  658 29  HOH HOH A . 
F 5 HOH 59  659 181 HOH HOH A . 
F 5 HOH 60  660 97  HOH HOH A . 
F 5 HOH 61  661 120 HOH HOH A . 
F 5 HOH 62  662 225 HOH HOH A . 
F 5 HOH 63  663 55  HOH HOH A . 
F 5 HOH 64  664 28  HOH HOH A . 
F 5 HOH 65  665 33  HOH HOH A . 
F 5 HOH 66  666 204 HOH HOH A . 
F 5 HOH 67  667 31  HOH HOH A . 
F 5 HOH 68  668 5   HOH HOH A . 
F 5 HOH 69  669 157 HOH HOH A . 
F 5 HOH 70  670 22  HOH HOH A . 
F 5 HOH 71  671 228 HOH HOH A . 
F 5 HOH 72  672 226 HOH HOH A . 
F 5 HOH 73  673 35  HOH HOH A . 
F 5 HOH 74  674 11  HOH HOH A . 
F 5 HOH 75  675 195 HOH HOH A . 
F 5 HOH 76  676 103 HOH HOH A . 
F 5 HOH 77  677 165 HOH HOH A . 
F 5 HOH 78  678 171 HOH HOH A . 
F 5 HOH 79  679 94  HOH HOH A . 
F 5 HOH 80  680 21  HOH HOH A . 
F 5 HOH 81  681 185 HOH HOH A . 
F 5 HOH 82  682 180 HOH HOH A . 
F 5 HOH 83  683 193 HOH HOH A . 
F 5 HOH 84  684 179 HOH HOH A . 
F 5 HOH 85  685 59  HOH HOH A . 
F 5 HOH 86  686 159 HOH HOH A . 
F 5 HOH 87  687 224 HOH HOH A . 
F 5 HOH 88  688 227 HOH HOH A . 
F 5 HOH 89  689 200 HOH HOH A . 
F 5 HOH 90  690 191 HOH HOH A . 
F 5 HOH 91  691 92  HOH HOH A . 
F 5 HOH 92  692 168 HOH HOH A . 
F 5 HOH 93  693 194 HOH HOH A . 
F 5 HOH 94  694 183 HOH HOH A . 
F 5 HOH 95  695 67  HOH HOH A . 
F 5 HOH 96  696 163 HOH HOH A . 
F 5 HOH 97  697 217 HOH HOH A . 
F 5 HOH 98  698 132 HOH HOH A . 
F 5 HOH 99  699 153 HOH HOH A . 
F 5 HOH 100 700 203 HOH HOH A . 
F 5 HOH 101 701 214 HOH HOH A . 
F 5 HOH 102 702 206 HOH HOH A . 
F 5 HOH 103 703 182 HOH HOH A . 
F 5 HOH 104 704 99  HOH HOH A . 
F 5 HOH 105 705 118 HOH HOH A . 
F 5 HOH 106 706 64  HOH HOH A . 
F 5 HOH 107 707 65  HOH HOH A . 
F 5 HOH 108 708 71  HOH HOH A . 
F 5 HOH 109 709 170 HOH HOH A . 
F 5 HOH 110 710 207 HOH HOH A . 
F 5 HOH 111 711 111 HOH HOH A . 
F 5 HOH 112 712 209 HOH HOH A . 
F 5 HOH 113 713 173 HOH HOH A . 
F 5 HOH 114 714 202 HOH HOH A . 
F 5 HOH 115 715 68  HOH HOH A . 
F 5 HOH 116 716 26  HOH HOH A . 
F 5 HOH 117 717 223 HOH HOH A . 
F 5 HOH 118 718 201 HOH HOH A . 
F 5 HOH 119 719 95  HOH HOH A . 
F 5 HOH 120 720 47  HOH HOH A . 
F 5 HOH 121 721 142 HOH HOH A . 
F 5 HOH 122 722 176 HOH HOH A . 
F 5 HOH 123 723 43  HOH HOH A . 
F 5 HOH 124 724 172 HOH HOH A . 
F 5 HOH 125 725 162 HOH HOH A . 
F 5 HOH 126 726 216 HOH HOH A . 
F 5 HOH 127 727 205 HOH HOH A . 
F 5 HOH 128 728 212 HOH HOH A . 
F 5 HOH 129 729 222 HOH HOH A . 
F 5 HOH 130 730 34  HOH HOH A . 
F 5 HOH 131 731 143 HOH HOH A . 
F 5 HOH 132 732 221 HOH HOH A . 
F 5 HOH 133 733 215 HOH HOH A . 
F 5 HOH 134 734 160 HOH HOH A . 
F 5 HOH 135 735 169 HOH HOH A . 
F 5 HOH 136 736 187 HOH HOH A . 
F 5 HOH 137 737 219 HOH HOH A . 
F 5 HOH 138 738 56  HOH HOH A . 
F 5 HOH 139 739 192 HOH HOH A . 
F 5 HOH 140 740 208 HOH HOH A . 
F 5 HOH 141 741 190 HOH HOH A . 
F 5 HOH 142 742 210 HOH HOH A . 
F 5 HOH 143 743 186 HOH HOH A . 
F 5 HOH 144 744 220 HOH HOH A . 
# 
loop_
_pdbx_unobs_or_zero_occ_atoms.id 
_pdbx_unobs_or_zero_occ_atoms.PDB_model_num 
_pdbx_unobs_or_zero_occ_atoms.polymer_flag 
_pdbx_unobs_or_zero_occ_atoms.occupancy_flag 
_pdbx_unobs_or_zero_occ_atoms.auth_asym_id 
_pdbx_unobs_or_zero_occ_atoms.auth_comp_id 
_pdbx_unobs_or_zero_occ_atoms.auth_seq_id 
_pdbx_unobs_or_zero_occ_atoms.PDB_ins_code 
_pdbx_unobs_or_zero_occ_atoms.auth_atom_id 
_pdbx_unobs_or_zero_occ_atoms.label_alt_id 
_pdbx_unobs_or_zero_occ_atoms.label_asym_id 
_pdbx_unobs_or_zero_occ_atoms.label_comp_id 
_pdbx_unobs_or_zero_occ_atoms.label_seq_id 
_pdbx_unobs_or_zero_occ_atoms.label_atom_id 
1 1 Y 1 A GLU 347 ? CG  ? A GLU 10 CG  
2 1 Y 1 A GLU 347 ? CD  ? A GLU 10 CD  
3 1 Y 1 A GLU 347 ? OE1 ? A GLU 10 OE1 
4 1 Y 1 A GLU 347 ? OE2 ? A GLU 10 OE2 
5 1 Y 1 A GLN 367 ? CG  ? A GLN 30 CG  
6 1 Y 1 A GLN 367 ? CD  ? A GLN 30 CD  
7 1 Y 1 A GLN 367 ? OE1 ? A GLN 30 OE1 
8 1 Y 1 A GLN 367 ? NE2 ? A GLN 30 NE2 
# 
loop_
_software.citation_id 
_software.classification 
_software.compiler_name 
_software.compiler_version 
_software.contact_author 
_software.contact_author_email 
_software.date 
_software.description 
_software.dependencies 
_software.hardware 
_software.language 
_software.location 
_software.mods 
_software.name 
_software.os 
_software.os_version 
_software.type 
_software.version 
_software.pdbx_ordinal 
? refinement       ? ? ? ? ? ? ? ? ? ? ? BUSTER    ? ? ? 2.10.3 1 
? 'data reduction' ? ? ? ? ? ? ? ? ? ? ? XDS       ? ? ? .      2 
? 'data scaling'   ? ? ? ? ? ? ? ? ? ? ? STARANISO ? ? ? .      3 
? phasing          ? ? ? ? ? ? ? ? ? ? ? PHASER    ? ? ? .      4 
# 
_cell.entry_id           5OC4 
_cell.length_a           83.940 
_cell.length_b           83.940 
_cell.length_c           56.500 
_cell.angle_alpha        90.00 
_cell.angle_beta         90.00 
_cell.angle_gamma        120.00 
_cell.Z_PDB              9 
_cell.pdbx_unique_axis   ? 
# 
_symmetry.entry_id                         5OC4 
_symmetry.space_group_name_H-M             'H 3' 
_symmetry.pdbx_full_space_group_name_H-M   ? 
_symmetry.cell_setting                     ? 
_symmetry.Int_Tables_number                146 
# 
_exptl.absorpt_coefficient_mu     ? 
_exptl.absorpt_correction_T_max   ? 
_exptl.absorpt_correction_T_min   ? 
_exptl.absorpt_correction_type    ? 
_exptl.absorpt_process_details    ? 
_exptl.entry_id                   5OC4 
_exptl.crystals_number            1 
_exptl.details                    ? 
_exptl.method                     'X-RAY DIFFRACTION' 
_exptl.method_details             ? 
# 
_exptl_crystal.colour                      ? 
_exptl_crystal.density_diffrn              ? 
_exptl_crystal.density_Matthews            2.84 
_exptl_crystal.density_method              ? 
_exptl_crystal.density_percent_sol         56.65 
_exptl_crystal.description                 ? 
_exptl_crystal.F_000                       ? 
_exptl_crystal.id                          1 
_exptl_crystal.preparation                 ? 
_exptl_crystal.size_max                    ? 
_exptl_crystal.size_mid                    ? 
_exptl_crystal.size_min                    ? 
_exptl_crystal.size_rad                    ? 
_exptl_crystal.colour_lustre               ? 
_exptl_crystal.colour_modifier             ? 
_exptl_crystal.colour_primary              ? 
_exptl_crystal.density_meas                ? 
_exptl_crystal.density_meas_esd            ? 
_exptl_crystal.density_meas_gt             ? 
_exptl_crystal.density_meas_lt             ? 
_exptl_crystal.density_meas_temp           ? 
_exptl_crystal.density_meas_temp_esd       ? 
_exptl_crystal.density_meas_temp_gt        ? 
_exptl_crystal.density_meas_temp_lt        ? 
_exptl_crystal.pdbx_crystal_image_url      ? 
_exptl_crystal.pdbx_crystal_image_format   ? 
_exptl_crystal.pdbx_mosaicity              ? 
_exptl_crystal.pdbx_mosaicity_esd          ? 
# 
_exptl_crystal_grow.apparatus       ? 
_exptl_crystal_grow.atmosphere      ? 
_exptl_crystal_grow.crystal_id      1 
_exptl_crystal_grow.details         ? 
_exptl_crystal_grow.method          'VAPOR DIFFUSION, HANGING DROP' 
_exptl_crystal_grow.method_ref      ? 
_exptl_crystal_grow.pH              6 
_exptl_crystal_grow.pressure        ? 
_exptl_crystal_grow.pressure_esd    ? 
_exptl_crystal_grow.seeding         ? 
_exptl_crystal_grow.seeding_ref     ? 
_exptl_crystal_grow.temp            292 
_exptl_crystal_grow.temp_details    ? 
_exptl_crystal_grow.temp_esd        ? 
_exptl_crystal_grow.time            ? 
_exptl_crystal_grow.pdbx_details    
;22% PEG 8K
100 mM sodium cacodylate
;
_exptl_crystal_grow.pdbx_pH_range   ? 
# 
_diffrn.ambient_environment    ? 
_diffrn.ambient_temp           100 
_diffrn.ambient_temp_details   ? 
_diffrn.ambient_temp_esd       ? 
_diffrn.crystal_id             1 
_diffrn.crystal_support        ? 
_diffrn.crystal_treatment      ? 
_diffrn.details                ? 
_diffrn.id                     1 
_diffrn.ambient_pressure       ? 
_diffrn.ambient_pressure_esd   ? 
_diffrn.ambient_pressure_gt    ? 
_diffrn.ambient_pressure_lt    ? 
_diffrn.ambient_temp_gt        ? 
_diffrn.ambient_temp_lt        ? 
# 
_diffrn_detector.details                      ? 
_diffrn_detector.detector                     PIXEL 
_diffrn_detector.diffrn_id                    1 
_diffrn_detector.type                         'DECTRIS EIGER X 9M' 
_diffrn_detector.area_resol_mean              ? 
_diffrn_detector.dtime                        ? 
_diffrn_detector.pdbx_frames_total            ? 
_diffrn_detector.pdbx_collection_time_total   ? 
_diffrn_detector.pdbx_collection_date         2015-12-18 
# 
_diffrn_radiation.collimation                      ? 
_diffrn_radiation.diffrn_id                        1 
_diffrn_radiation.filter_edge                      ? 
_diffrn_radiation.inhomogeneity                    ? 
_diffrn_radiation.monochromator                    ? 
_diffrn_radiation.polarisn_norm                    ? 
_diffrn_radiation.polarisn_ratio                   ? 
_diffrn_radiation.probe                            ? 
_diffrn_radiation.type                             ? 
_diffrn_radiation.xray_symbol                      ? 
_diffrn_radiation.wavelength_id                    1 
_diffrn_radiation.pdbx_monochromatic_or_laue_m_l   M 
_diffrn_radiation.pdbx_wavelength_list             ? 
_diffrn_radiation.pdbx_wavelength                  ? 
_diffrn_radiation.pdbx_diffrn_protocol             'SINGLE WAVELENGTH' 
_diffrn_radiation.pdbx_analyzer                    ? 
_diffrn_radiation.pdbx_scattering_type             x-ray 
# 
_diffrn_radiation_wavelength.id           1 
_diffrn_radiation_wavelength.wavelength   0.98011 
_diffrn_radiation_wavelength.wt           1.0 
# 
_diffrn_source.current                     ? 
_diffrn_source.details                     ? 
_diffrn_source.diffrn_id                   1 
_diffrn_source.power                       ? 
_diffrn_source.size                        ? 
_diffrn_source.source                      SYNCHROTRON 
_diffrn_source.target                      ? 
_diffrn_source.type                        'SOLEIL BEAMLINE PROXIMA 2' 
_diffrn_source.voltage                     ? 
_diffrn_source.take-off_angle              ? 
_diffrn_source.pdbx_wavelength_list        0.98011 
_diffrn_source.pdbx_wavelength             ? 
_diffrn_source.pdbx_synchrotron_beamline   'PROXIMA 2' 
_diffrn_source.pdbx_synchrotron_site       SOLEIL 
# 
_reflns.B_iso_Wilson_estimate            31.71 
_reflns.entry_id                         5OC4 
_reflns.data_reduction_details           ? 
_reflns.data_reduction_method            ? 
_reflns.d_resolution_high                1.70 
_reflns.d_resolution_low                 44.52 
_reflns.details                          ? 
_reflns.limit_h_max                      ? 
_reflns.limit_h_min                      ? 
_reflns.limit_k_max                      ? 
_reflns.limit_k_min                      ? 
_reflns.limit_l_max                      ? 
_reflns.limit_l_min                      ? 
_reflns.number_all                       ? 
_reflns.number_obs                       16219 
_reflns.observed_criterion               ? 
_reflns.observed_criterion_F_max         ? 
_reflns.observed_criterion_F_min         ? 
_reflns.observed_criterion_I_max         ? 
_reflns.observed_criterion_I_min         ? 
_reflns.observed_criterion_sigma_F       ? 
_reflns.observed_criterion_sigma_I       ? 
_reflns.percent_possible_obs             91.02 
_reflns.R_free_details                   ? 
_reflns.Rmerge_F_all                     ? 
_reflns.Rmerge_F_obs                     ? 
_reflns.Friedel_coverage                 ? 
_reflns.number_gt                        ? 
_reflns.threshold_expression             ? 
_reflns.pdbx_redundancy                  5.6 
_reflns.pdbx_Rmerge_I_obs                0.2169 
_reflns.pdbx_Rmerge_I_all                ? 
_reflns.pdbx_Rsym_value                  ? 
_reflns.pdbx_netI_over_av_sigmaI         ? 
_reflns.pdbx_netI_over_sigmaI            7.00 
_reflns.pdbx_res_netI_over_av_sigmaI_2   ? 
_reflns.pdbx_res_netI_over_sigmaI_2      ? 
_reflns.pdbx_chi_squared                 ? 
_reflns.pdbx_scaling_rejects             ? 
_reflns.pdbx_d_res_high_opt              ? 
_reflns.pdbx_d_res_low_opt               ? 
_reflns.pdbx_d_res_opt_method            ? 
_reflns.phase_calculation_details        ? 
_reflns.pdbx_Rrim_I_all                  ? 
_reflns.pdbx_Rpim_I_all                  ? 
_reflns.pdbx_d_opt                       ? 
_reflns.pdbx_number_measured_all         ? 
_reflns.pdbx_diffrn_id                   1 
_reflns.pdbx_ordinal                     1 
_reflns.pdbx_CC_half                     0.992 
_reflns.pdbx_R_split                     ? 
# 
_reflns_shell.d_res_high                  1.70 
_reflns_shell.d_res_low                   1.76 
_reflns_shell.meanI_over_sigI_all         ? 
_reflns_shell.meanI_over_sigI_obs         1.02 
_reflns_shell.number_measured_all         ? 
_reflns_shell.number_measured_obs         ? 
_reflns_shell.number_possible             ? 
_reflns_shell.number_unique_all           ? 
_reflns_shell.number_unique_obs           625 
_reflns_shell.percent_possible_all        39.01 
_reflns_shell.percent_possible_obs        ? 
_reflns_shell.Rmerge_F_all                ? 
_reflns_shell.Rmerge_F_obs                ? 
_reflns_shell.Rmerge_I_all                ? 
_reflns_shell.Rmerge_I_obs                ? 
_reflns_shell.meanI_over_sigI_gt          ? 
_reflns_shell.meanI_over_uI_all           ? 
_reflns_shell.meanI_over_uI_gt            ? 
_reflns_shell.number_measured_gt          ? 
_reflns_shell.number_unique_gt            ? 
_reflns_shell.percent_possible_gt         ? 
_reflns_shell.Rmerge_F_gt                 ? 
_reflns_shell.Rmerge_I_gt                 ? 
_reflns_shell.pdbx_redundancy             5.9 
_reflns_shell.pdbx_Rsym_value             ? 
_reflns_shell.pdbx_chi_squared            ? 
_reflns_shell.pdbx_netI_over_sigmaI_all   ? 
_reflns_shell.pdbx_netI_over_sigmaI_obs   ? 
_reflns_shell.pdbx_Rrim_I_all             ? 
_reflns_shell.pdbx_Rpim_I_all             ? 
_reflns_shell.pdbx_rejects                ? 
_reflns_shell.pdbx_ordinal                1 
_reflns_shell.pdbx_diffrn_id              1 
_reflns_shell.pdbx_CC_half                0.26 
_reflns_shell.pdbx_R_split                ? 
# 
_refine.pdbx_refine_id                           'X-RAY DIFFRACTION' 
_refine.entry_id                                 5OC4 
_refine.pdbx_diffrn_id                           1 
_refine.pdbx_TLS_residual_ADP_flag               ? 
_refine.ls_number_reflns_obs                     16049 
_refine.ls_number_reflns_all                     ? 
_refine.pdbx_ls_sigma_I                          ? 
_refine.pdbx_ls_sigma_F                          0.000 
_refine.pdbx_data_cutoff_high_absF               ? 
_refine.pdbx_data_cutoff_low_absF                ? 
_refine.pdbx_data_cutoff_high_rms_absF           ? 
_refine.ls_d_res_low                             41.97 
_refine.ls_d_res_high                            1.71 
_refine.ls_percent_reflns_obs                    99.5 
_refine.ls_R_factor_obs                          0.196 
_refine.ls_R_factor_all                          ? 
_refine.ls_R_factor_R_work                       0.194 
_refine.ls_R_factor_R_free                       0.215 
_refine.ls_R_factor_R_free_error                 ? 
_refine.ls_R_factor_R_free_error_details         ? 
_refine.ls_percent_reflns_R_free                 8.260 
_refine.ls_number_reflns_R_free                  1326 
_refine.ls_number_parameters                     ? 
_refine.ls_number_restraints                     ? 
_refine.occupancy_min                            ? 
_refine.occupancy_max                            ? 
_refine.correlation_coeff_Fo_to_Fc               0.960 
_refine.correlation_coeff_Fo_to_Fc_free          0.953 
_refine.B_iso_mean                               37.02 
_refine.aniso_B[1][1]                            -1.64300 
_refine.aniso_B[2][2]                            -1.64300 
_refine.aniso_B[3][3]                            3.28610 
_refine.aniso_B[1][2]                            0.00000 
_refine.aniso_B[1][3]                            0.00000 
_refine.aniso_B[2][3]                            0.00000 
_refine.solvent_model_details                    ? 
_refine.solvent_model_param_ksol                 ? 
_refine.solvent_model_param_bsol                 ? 
_refine.pdbx_solvent_vdw_probe_radii             ? 
_refine.pdbx_solvent_ion_probe_radii             ? 
_refine.pdbx_solvent_shrinkage_radii             ? 
_refine.pdbx_ls_cross_valid_method               THROUGHOUT 
_refine.details                                  ? 
_refine.pdbx_starting_model                      4WFT 
_refine.pdbx_method_to_determine_struct          'MOLECULAR REPLACEMENT' 
_refine.pdbx_isotropic_thermal_model             ? 
_refine.pdbx_stereochemistry_target_values       ? 
_refine.pdbx_stereochem_target_val_spec_case     ? 
_refine.pdbx_R_Free_selection_details            RANDOM 
_refine.pdbx_overall_ESU_R                       ? 
_refine.pdbx_overall_ESU_R_Free                  ? 
_refine.overall_SU_ML                            ? 
_refine.pdbx_overall_phase_error                 ? 
_refine.overall_SU_B                             ? 
_refine.overall_SU_R_Cruickshank_DPI             0.091 
_refine.pdbx_overall_SU_R_free_Cruickshank_DPI   0.088 
_refine.pdbx_overall_SU_R_Blow_DPI               0.098 
_refine.pdbx_overall_SU_R_free_Blow_DPI          0.093 
# 
_refine_analyze.pdbx_refine_id                  'X-RAY DIFFRACTION' 
_refine_analyze.entry_id                        5OC4 
_refine_analyze.Luzzati_coordinate_error_obs    0.23 
_refine_analyze.Luzzati_sigma_a_obs             ? 
_refine_analyze.Luzzati_d_res_low_obs           ? 
_refine_analyze.Luzzati_coordinate_error_free   ? 
_refine_analyze.Luzzati_sigma_a_free            ? 
_refine_analyze.Luzzati_d_res_low_free          ? 
_refine_analyze.number_disordered_residues      ? 
_refine_analyze.occupancy_sum_hydrogen          ? 
_refine_analyze.occupancy_sum_non_hydrogen      ? 
# 
_refine_hist.pdbx_refine_id                   'X-RAY DIFFRACTION' 
_refine_hist.cycle_id                         1 
_refine_hist.pdbx_number_atoms_protein        746 
_refine_hist.pdbx_number_atoms_nucleic_acid   0 
_refine_hist.pdbx_number_atoms_ligand         18 
_refine_hist.number_atoms_solvent             144 
_refine_hist.number_atoms_total               908 
_refine_hist.d_res_high                       1.71 
_refine_hist.d_res_low                        41.97 
# 
loop_
_refine_ls_restr.type 
_refine_ls_restr.dev_ideal 
_refine_ls_restr.dev_ideal_target 
_refine_ls_restr.weight 
_refine_ls_restr.number 
_refine_ls_restr.pdbx_refine_id 
_refine_ls_restr.pdbx_restraint_function 
t_bond_d                  0.010 ? 2.00  794  'X-RAY DIFFRACTION' HARMONIC     
t_angle_deg               1.06  ? 2.00  1071 'X-RAY DIFFRACTION' HARMONIC     
t_dihedral_angle_d        ?     ? 2.00  286  'X-RAY DIFFRACTION' SINUSOIDAL   
t_incorr_chiral_ct        ?     ? ?     ?    'X-RAY DIFFRACTION' ?            
t_pseud_angle             ?     ? ?     ?    'X-RAY DIFFRACTION' ?            
t_trig_c_planes           ?     ? ?     ?    'X-RAY DIFFRACTION' ?            
t_gen_planes              ?     ? 5.00  129  'X-RAY DIFFRACTION' HARMONIC     
t_it                      ?     ? 20.00 794  'X-RAY DIFFRACTION' HARMONIC     
t_nbd                     ?     ? ?     ?    'X-RAY DIFFRACTION' ?            
t_omega_torsion           3.26  ? ?     ?    'X-RAY DIFFRACTION' ?            
t_other_torsion           14.85 ? ?     ?    'X-RAY DIFFRACTION' ?            
t_improper_torsion        ?     ? ?     ?    'X-RAY DIFFRACTION' ?            
t_chiral_improper_torsion ?     ? 5.00  103  'X-RAY DIFFRACTION' SEMIHARMONIC 
t_sum_occupancies         ?     ? ?     ?    'X-RAY DIFFRACTION' ?            
t_utility_distance        ?     ? ?     ?    'X-RAY DIFFRACTION' ?            
t_utility_angle           ?     ? ?     ?    'X-RAY DIFFRACTION' ?            
t_utility_torsion         ?     ? ?     ?    'X-RAY DIFFRACTION' ?            
t_ideal_dist_contact      ?     ? 4.00  1069 'X-RAY DIFFRACTION' SEMIHARMONIC 
# 
_refine_ls_shell.pdbx_refine_id                   'X-RAY DIFFRACTION' 
_refine_ls_shell.pdbx_total_number_of_bins_used   8 
_refine_ls_shell.d_res_high                       1.71 
_refine_ls_shell.d_res_low                        1.82 
_refine_ls_shell.number_reflns_R_work             2643 
_refine_ls_shell.R_factor_R_work                  0.2247 
_refine_ls_shell.percent_reflns_obs               99.52 
_refine_ls_shell.R_factor_R_free                  0.2452 
_refine_ls_shell.R_factor_R_free_error            ? 
_refine_ls_shell.percent_reflns_R_free            9.30 
_refine_ls_shell.number_reflns_R_free             271 
_refine_ls_shell.number_reflns_all                2914 
_refine_ls_shell.R_factor_all                     0.2266 
# 
_struct.entry_id                     5OC4 
_struct.title                        'Crystal structure of human tRNA-dihydrouridine(20) synthase dsRBD R361A-R362A mutant' 
_struct.pdbx_model_details           ? 
_struct.pdbx_formula_weight          ? 
_struct.pdbx_formula_weight_method   ? 
_struct.pdbx_model_type_details      ? 
_struct.pdbx_CASP_flag               N 
# 
_struct_keywords.entry_id        5OC4 
_struct_keywords.text            'double-stranded RNA-binding domain, RNA BINDING PROTEIN' 
_struct_keywords.pdbx_keywords   'RNA BINDING PROTEIN' 
# 
loop_
_struct_asym.id 
_struct_asym.pdbx_blank_PDB_chainid_flag 
_struct_asym.pdbx_modified 
_struct_asym.entity_id 
_struct_asym.details 
A N N 1 ? 
B N N 2 ? 
C N N 3 ? 
D N N 3 ? 
E N N 4 ? 
F N N 5 ? 
# 
_struct_ref.id                         1 
_struct_ref.db_name                    UNP 
_struct_ref.db_code                    DUS2L_HUMAN 
_struct_ref.pdbx_db_accession          Q9NX74 
_struct_ref.pdbx_db_isoform            ? 
_struct_ref.entity_id                  1 
_struct_ref.pdbx_seq_one_letter_code   
;TSEQTGEPAEDTSGVIKMAVKFDRRAYPAQITPKMCLLEWCRREKLAQPVYETVQRPLDRLFSSIVTVAEQKYQSTLWDK
SKKLAEQAAAIVCLRSQGLPEGRLGEESPSLHK
;
_struct_ref.pdbx_align_begin           338 
# 
_struct_ref_seq.align_id                      1 
_struct_ref_seq.ref_id                        1 
_struct_ref_seq.pdbx_PDB_id_code              5OC4 
_struct_ref_seq.pdbx_strand_id                A 
_struct_ref_seq.seq_align_beg                 1 
_struct_ref_seq.pdbx_seq_align_beg_ins_code   ? 
_struct_ref_seq.seq_align_end                 113 
_struct_ref_seq.pdbx_seq_align_end_ins_code   ? 
_struct_ref_seq.pdbx_db_accession             Q9NX74 
_struct_ref_seq.db_align_beg                  338 
_struct_ref_seq.pdbx_db_align_beg_ins_code    ? 
_struct_ref_seq.db_align_end                  450 
_struct_ref_seq.pdbx_db_align_end_ins_code    ? 
_struct_ref_seq.pdbx_auth_seq_align_beg       338 
_struct_ref_seq.pdbx_auth_seq_align_end       450 
# 
loop_
_struct_ref_seq_dif.align_id 
_struct_ref_seq_dif.pdbx_pdb_id_code 
_struct_ref_seq_dif.mon_id 
_struct_ref_seq_dif.pdbx_pdb_strand_id 
_struct_ref_seq_dif.seq_num 
_struct_ref_seq_dif.pdbx_pdb_ins_code 
_struct_ref_seq_dif.pdbx_seq_db_name 
_struct_ref_seq_dif.pdbx_seq_db_accession_code 
_struct_ref_seq_dif.db_mon_id 
_struct_ref_seq_dif.pdbx_seq_db_seq_num 
_struct_ref_seq_dif.details 
_struct_ref_seq_dif.pdbx_auth_seq_num 
_struct_ref_seq_dif.pdbx_ordinal 
1 5OC4 ALA A 24  ? UNP Q9NX74 ARG 361 'engineered mutation' 361 1 
1 5OC4 ALA A 25  ? UNP Q9NX74 ARG 362 'engineered mutation' 362 2 
1 5OC4 HIS A 114 ? UNP Q9NX74 ?   ?   'expression tag'      451 3 
1 5OC4 HIS A 115 ? UNP Q9NX74 ?   ?   'expression tag'      452 4 
1 5OC4 HIS A 116 ? UNP Q9NX74 ?   ?   'expression tag'      453 5 
1 5OC4 HIS A 117 ? UNP Q9NX74 ?   ?   'expression tag'      454 6 
1 5OC4 HIS A 118 ? UNP Q9NX74 ?   ?   'expression tag'      455 7 
1 5OC4 HIS A 119 ? UNP Q9NX74 ?   ?   'expression tag'      456 8 
# 
_pdbx_struct_assembly.id                   1 
_pdbx_struct_assembly.details              author_and_software_defined_assembly 
_pdbx_struct_assembly.method_details       PISA 
_pdbx_struct_assembly.oligomeric_details   monomeric 
_pdbx_struct_assembly.oligomeric_count     1 
# 
loop_
_pdbx_struct_assembly_prop.biol_id 
_pdbx_struct_assembly_prop.type 
_pdbx_struct_assembly_prop.value 
_pdbx_struct_assembly_prop.details 
1 'ABSA (A^2)' 710  ? 
1 MORE         -6   ? 
1 'SSA (A^2)'  6160 ? 
# 
_pdbx_struct_assembly_gen.assembly_id       1 
_pdbx_struct_assembly_gen.oper_expression   1 
_pdbx_struct_assembly_gen.asym_id_list      A,B,C,D,E,F 
# 
_pdbx_struct_assembly_auth_evidence.id                     1 
_pdbx_struct_assembly_auth_evidence.assembly_id            1 
_pdbx_struct_assembly_auth_evidence.experimental_support   SAXS 
_pdbx_struct_assembly_auth_evidence.details                ? 
# 
_pdbx_struct_oper_list.id                   1 
_pdbx_struct_oper_list.type                 'identity operation' 
_pdbx_struct_oper_list.name                 1_555 
_pdbx_struct_oper_list.symmetry_operation   x,y,z 
_pdbx_struct_oper_list.matrix[1][1]         1.0000000000 
_pdbx_struct_oper_list.matrix[1][2]         0.0000000000 
_pdbx_struct_oper_list.matrix[1][3]         0.0000000000 
_pdbx_struct_oper_list.vector[1]            0.0000000000 
_pdbx_struct_oper_list.matrix[2][1]         0.0000000000 
_pdbx_struct_oper_list.matrix[2][2]         1.0000000000 
_pdbx_struct_oper_list.matrix[2][3]         0.0000000000 
_pdbx_struct_oper_list.vector[2]            0.0000000000 
_pdbx_struct_oper_list.matrix[3][1]         0.0000000000 
_pdbx_struct_oper_list.matrix[3][2]         0.0000000000 
_pdbx_struct_oper_list.matrix[3][3]         1.0000000000 
_pdbx_struct_oper_list.vector[3]            0.0000000000 
# 
loop_
_struct_conf.conf_type_id 
_struct_conf.id 
_struct_conf.pdbx_PDB_helix_id 
_struct_conf.beg_label_comp_id 
_struct_conf.beg_label_asym_id 
_struct_conf.beg_label_seq_id 
_struct_conf.pdbx_beg_PDB_ins_code 
_struct_conf.end_label_comp_id 
_struct_conf.end_label_asym_id 
_struct_conf.end_label_seq_id 
_struct_conf.pdbx_end_PDB_ins_code 
_struct_conf.beg_auth_comp_id 
_struct_conf.beg_auth_asym_id 
_struct_conf.beg_auth_seq_id 
_struct_conf.end_auth_comp_id 
_struct_conf.end_auth_asym_id 
_struct_conf.end_auth_seq_id 
_struct_conf.pdbx_PDB_helix_class 
_struct_conf.details 
_struct_conf.pdbx_PDB_helix_length 
HELX_P HELX_P1 AA1 ASP A 23 ? TYR A 27 ? ASP A 360 TYR A 364 5 ? 5  
HELX_P HELX_P2 AA2 THR A 32 ? GLU A 44 ? THR A 369 GLU A 381 1 ? 13 
HELX_P HELX_P3 AA3 PRO A 57 ? ARG A 60 ? PRO A 394 ARG A 397 5 ? 4  
HELX_P HELX_P4 AA4 SER A 81 ? GLN A 97 ? SER A 418 GLN A 434 1 ? 17 
# 
_struct_conf_type.id          HELX_P 
_struct_conf_type.criteria    ? 
_struct_conf_type.reference   ? 
# 
_struct_sheet.id               AA1 
_struct_sheet.type             ? 
_struct_sheet.number_strands   4 
_struct_sheet.details          ? 
# 
loop_
_struct_sheet_order.sheet_id 
_struct_sheet_order.range_id_1 
_struct_sheet_order.range_id_2 
_struct_sheet_order.offset 
_struct_sheet_order.sense 
AA1 1 2 ? parallel      
AA1 2 3 ? anti-parallel 
AA1 3 4 ? anti-parallel 
# 
loop_
_struct_sheet_range.sheet_id 
_struct_sheet_range.id 
_struct_sheet_range.beg_label_comp_id 
_struct_sheet_range.beg_label_asym_id 
_struct_sheet_range.beg_label_seq_id 
_struct_sheet_range.pdbx_beg_PDB_ins_code 
_struct_sheet_range.end_label_comp_id 
_struct_sheet_range.end_label_asym_id 
_struct_sheet_range.end_label_seq_id 
_struct_sheet_range.pdbx_end_PDB_ins_code 
_struct_sheet_range.beg_auth_comp_id 
_struct_sheet_range.beg_auth_asym_id 
_struct_sheet_range.beg_auth_seq_id 
_struct_sheet_range.end_auth_comp_id 
_struct_sheet_range.end_auth_asym_id 
_struct_sheet_range.end_auth_seq_id 
AA1 1 VAL A 15 ? MET A 18 ? VAL A 352 MET A 355 
AA1 2 GLN A 71 ? SER A 75 ? GLN A 408 SER A 412 
AA1 3 LEU A 61 ? VAL A 68 ? LEU A 398 VAL A 405 
AA1 4 VAL A 50 ? ARG A 56 ? VAL A 387 ARG A 393 
# 
loop_
_pdbx_struct_sheet_hbond.sheet_id 
_pdbx_struct_sheet_hbond.range_id_1 
_pdbx_struct_sheet_hbond.range_id_2 
_pdbx_struct_sheet_hbond.range_1_label_atom_id 
_pdbx_struct_sheet_hbond.range_1_label_comp_id 
_pdbx_struct_sheet_hbond.range_1_label_asym_id 
_pdbx_struct_sheet_hbond.range_1_label_seq_id 
_pdbx_struct_sheet_hbond.range_1_PDB_ins_code 
_pdbx_struct_sheet_hbond.range_1_auth_atom_id 
_pdbx_struct_sheet_hbond.range_1_auth_comp_id 
_pdbx_struct_sheet_hbond.range_1_auth_asym_id 
_pdbx_struct_sheet_hbond.range_1_auth_seq_id 
_pdbx_struct_sheet_hbond.range_2_label_atom_id 
_pdbx_struct_sheet_hbond.range_2_label_comp_id 
_pdbx_struct_sheet_hbond.range_2_label_asym_id 
_pdbx_struct_sheet_hbond.range_2_label_seq_id 
_pdbx_struct_sheet_hbond.range_2_PDB_ins_code 
_pdbx_struct_sheet_hbond.range_2_auth_atom_id 
_pdbx_struct_sheet_hbond.range_2_auth_comp_id 
_pdbx_struct_sheet_hbond.range_2_auth_asym_id 
_pdbx_struct_sheet_hbond.range_2_auth_seq_id 
AA1 1 2 N ILE A 16 ? N ILE A 353 O LYS A 72 ? O LYS A 409 
AA1 2 3 O TYR A 73 ? O TYR A 410 N VAL A 66 ? N VAL A 403 
AA1 3 4 O SER A 63 ? O SER A 400 N VAL A 54 ? N VAL A 391 
# 
loop_
_struct_site.id 
_struct_site.pdbx_evidence_code 
_struct_site.pdbx_auth_asym_id 
_struct_site.pdbx_auth_comp_id 
_struct_site.pdbx_auth_seq_id 
_struct_site.pdbx_auth_ins_code 
_struct_site.pdbx_num_residues 
_struct_site.details 
AC1 Software A CL  501 ? 3  'binding site for residue CL A 501'  
AC2 Software A GOL 502 ? 8  'binding site for residue GOL A 502' 
AC3 Software A GOL 503 ? 10 'binding site for residue GOL A 503' 
AC4 Software A CAC 504 ? 7  'binding site for residue CAC A 504' 
# 
loop_
_struct_site_gen.id 
_struct_site_gen.site_id 
_struct_site_gen.pdbx_num_res 
_struct_site_gen.label_comp_id 
_struct_site_gen.label_asym_id 
_struct_site_gen.label_seq_id 
_struct_site_gen.pdbx_auth_ins_code 
_struct_site_gen.auth_comp_id 
_struct_site_gen.auth_asym_id 
_struct_site_gen.auth_seq_id 
_struct_site_gen.label_atom_id 
_struct_site_gen.label_alt_id 
_struct_site_gen.symmetry 
_struct_site_gen.details 
1  AC1 3  GLU A 101 ? GLU A 438 . ? 1_555 ? 
2  AC1 3  GLY A 102 ? GLY A 439 . ? 1_555 ? 
3  AC1 3  ARG A 103 ? ARG A 440 . ? 1_555 ? 
4  AC2 8  LYS A 17  ? LYS A 354 . ? 1_555 ? 
5  AC2 8  SER A 63  ? SER A 400 . ? 1_555 ? 
6  AC2 8  SER A 75  ? SER A 412 . ? 1_555 ? 
7  AC2 8  THR A 76  ? THR A 413 . ? 1_555 ? 
8  AC2 8  LEU A 77  ? LEU A 414 . ? 1_555 ? 
9  AC2 8  TRP A 78  ? TRP A 415 . ? 1_555 ? 
10 AC2 8  GOL D .   ? GOL A 503 . ? 9_554 ? 
11 AC2 8  HOH F .   ? HOH A 627 . ? 1_555 ? 
12 AC3 10 ILE A 16  ? ILE A 353 . ? 1_555 ? 
13 AC3 10 VAL A 54  ? VAL A 391 . ? 5_555 ? 
14 AC3 10 GLN A 74  ? GLN A 411 . ? 5_555 ? 
15 AC3 10 SER A 96  ? SER A 433 . ? 1_555 ? 
16 AC3 10 GLN A 97  ? GLN A 434 . ? 1_555 ? 
17 AC3 10 GOL C .   ? GOL A 502 . ? 5_555 ? 
18 AC3 10 HOH F .   ? HOH A 601 . ? 1_555 ? 
19 AC3 10 HOH F .   ? HOH A 606 . ? 1_555 ? 
20 AC3 10 HOH F .   ? HOH A 617 . ? 1_555 ? 
21 AC3 10 HOH F .   ? HOH A 627 . ? 5_555 ? 
22 AC4 7  TYR A 51  ? TYR A 388 . ? 1_555 ? 
23 AC4 7  GLU A 52  ? GLU A 389 . ? 1_555 ? 
24 AC4 7  THR A 53  ? THR A 390 . ? 1_555 ? 
25 AC4 7  LYS A 82  ? LYS A 419 . ? 1_555 ? 
26 AC4 7  HOH F .   ? HOH A 610 . ? 1_555 ? 
27 AC4 7  HOH F .   ? HOH A 618 . ? 1_555 ? 
28 AC4 7  HOH F .   ? HOH A 625 . ? 1_555 ? 
# 
_pdbx_validate_torsion.id              1 
_pdbx_validate_torsion.PDB_model_num   1 
_pdbx_validate_torsion.auth_comp_id    GLU 
_pdbx_validate_torsion.auth_asym_id    A 
_pdbx_validate_torsion.auth_seq_id     407 
_pdbx_validate_torsion.PDB_ins_code    ? 
_pdbx_validate_torsion.label_alt_id    ? 
_pdbx_validate_torsion.phi             68.60 
_pdbx_validate_torsion.psi             -0.87 
# 
_pdbx_distant_solvent_atoms.id                                1 
_pdbx_distant_solvent_atoms.PDB_model_num                     1 
_pdbx_distant_solvent_atoms.auth_atom_id                      O 
_pdbx_distant_solvent_atoms.label_alt_id                      ? 
_pdbx_distant_solvent_atoms.auth_asym_id                      A 
_pdbx_distant_solvent_atoms.auth_comp_id                      HOH 
_pdbx_distant_solvent_atoms.auth_seq_id                       744 
_pdbx_distant_solvent_atoms.PDB_ins_code                      ? 
_pdbx_distant_solvent_atoms.neighbor_macromolecule_distance   6.10 
_pdbx_distant_solvent_atoms.neighbor_ligand_distance          . 
# 
loop_
_pdbx_unobs_or_zero_occ_residues.id 
_pdbx_unobs_or_zero_occ_residues.PDB_model_num 
_pdbx_unobs_or_zero_occ_residues.polymer_flag 
_pdbx_unobs_or_zero_occ_residues.occupancy_flag 
_pdbx_unobs_or_zero_occ_residues.auth_asym_id 
_pdbx_unobs_or_zero_occ_residues.auth_comp_id 
_pdbx_unobs_or_zero_occ_residues.auth_seq_id 
_pdbx_unobs_or_zero_occ_residues.PDB_ins_code 
_pdbx_unobs_or_zero_occ_residues.label_asym_id 
_pdbx_unobs_or_zero_occ_residues.label_comp_id 
_pdbx_unobs_or_zero_occ_residues.label_seq_id 
1  1 Y 1 A THR 338 ? A THR 1   
2  1 Y 1 A SER 339 ? A SER 2   
3  1 Y 1 A GLU 340 ? A GLU 3   
4  1 Y 1 A GLN 341 ? A GLN 4   
5  1 Y 1 A THR 342 ? A THR 5   
6  1 Y 1 A GLY 343 ? A GLY 6   
7  1 Y 1 A GLU 344 ? A GLU 7   
8  1 Y 1 A PRO 345 ? A PRO 8   
9  1 Y 1 A ALA 346 ? A ALA 9   
10 1 Y 1 A GLU 443 ? A GLU 106 
11 1 Y 1 A GLU 444 ? A GLU 107 
12 1 Y 1 A SER 445 ? A SER 108 
13 1 Y 1 A PRO 446 ? A PRO 109 
14 1 Y 1 A SER 447 ? A SER 110 
15 1 Y 1 A LEU 448 ? A LEU 111 
16 1 Y 1 A HIS 449 ? A HIS 112 
17 1 Y 1 A LYS 450 ? A LYS 113 
18 1 Y 1 A HIS 451 ? A HIS 114 
19 1 Y 1 A HIS 452 ? A HIS 115 
20 1 Y 1 A HIS 453 ? A HIS 116 
21 1 Y 1 A HIS 454 ? A HIS 117 
22 1 Y 1 A HIS 455 ? A HIS 118 
23 1 Y 1 A HIS 456 ? A HIS 119 
# 
loop_
_chem_comp_atom.comp_id 
_chem_comp_atom.atom_id 
_chem_comp_atom.type_symbol 
_chem_comp_atom.pdbx_aromatic_flag 
_chem_comp_atom.pdbx_stereo_config 
_chem_comp_atom.pdbx_ordinal 
ALA N    N  N N 1   
ALA CA   C  N S 2   
ALA C    C  N N 3   
ALA O    O  N N 4   
ALA CB   C  N N 5   
ALA OXT  O  N N 6   
ALA H    H  N N 7   
ALA H2   H  N N 8   
ALA HA   H  N N 9   
ALA HB1  H  N N 10  
ALA HB2  H  N N 11  
ALA HB3  H  N N 12  
ALA HXT  H  N N 13  
ARG N    N  N N 14  
ARG CA   C  N S 15  
ARG C    C  N N 16  
ARG O    O  N N 17  
ARG CB   C  N N 18  
ARG CG   C  N N 19  
ARG CD   C  N N 20  
ARG NE   N  N N 21  
ARG CZ   C  N N 22  
ARG NH1  N  N N 23  
ARG NH2  N  N N 24  
ARG OXT  O  N N 25  
ARG H    H  N N 26  
ARG H2   H  N N 27  
ARG HA   H  N N 28  
ARG HB2  H  N N 29  
ARG HB3  H  N N 30  
ARG HG2  H  N N 31  
ARG HG3  H  N N 32  
ARG HD2  H  N N 33  
ARG HD3  H  N N 34  
ARG HE   H  N N 35  
ARG HH11 H  N N 36  
ARG HH12 H  N N 37  
ARG HH21 H  N N 38  
ARG HH22 H  N N 39  
ARG HXT  H  N N 40  
ASP N    N  N N 41  
ASP CA   C  N S 42  
ASP C    C  N N 43  
ASP O    O  N N 44  
ASP CB   C  N N 45  
ASP CG   C  N N 46  
ASP OD1  O  N N 47  
ASP OD2  O  N N 48  
ASP OXT  O  N N 49  
ASP H    H  N N 50  
ASP H2   H  N N 51  
ASP HA   H  N N 52  
ASP HB2  H  N N 53  
ASP HB3  H  N N 54  
ASP HD2  H  N N 55  
ASP HXT  H  N N 56  
CAC AS   AS N N 57  
CAC O1   O  N N 58  
CAC O2   O  N N 59  
CAC C1   C  N N 60  
CAC C2   C  N N 61  
CAC H11  H  N N 62  
CAC H12  H  N N 63  
CAC H13  H  N N 64  
CAC H21  H  N N 65  
CAC H22  H  N N 66  
CAC H23  H  N N 67  
CL  CL   CL N N 68  
CYS N    N  N N 69  
CYS CA   C  N R 70  
CYS C    C  N N 71  
CYS O    O  N N 72  
CYS CB   C  N N 73  
CYS SG   S  N N 74  
CYS OXT  O  N N 75  
CYS H    H  N N 76  
CYS H2   H  N N 77  
CYS HA   H  N N 78  
CYS HB2  H  N N 79  
CYS HB3  H  N N 80  
CYS HG   H  N N 81  
CYS HXT  H  N N 82  
GLN N    N  N N 83  
GLN CA   C  N S 84  
GLN C    C  N N 85  
GLN O    O  N N 86  
GLN CB   C  N N 87  
GLN CG   C  N N 88  
GLN CD   C  N N 89  
GLN OE1  O  N N 90  
GLN NE2  N  N N 91  
GLN OXT  O  N N 92  
GLN H    H  N N 93  
GLN H2   H  N N 94  
GLN HA   H  N N 95  
GLN HB2  H  N N 96  
GLN HB3  H  N N 97  
GLN HG2  H  N N 98  
GLN HG3  H  N N 99  
GLN HE21 H  N N 100 
GLN HE22 H  N N 101 
GLN HXT  H  N N 102 
GLU N    N  N N 103 
GLU CA   C  N S 104 
GLU C    C  N N 105 
GLU O    O  N N 106 
GLU CB   C  N N 107 
GLU CG   C  N N 108 
GLU CD   C  N N 109 
GLU OE1  O  N N 110 
GLU OE2  O  N N 111 
GLU OXT  O  N N 112 
GLU H    H  N N 113 
GLU H2   H  N N 114 
GLU HA   H  N N 115 
GLU HB2  H  N N 116 
GLU HB3  H  N N 117 
GLU HG2  H  N N 118 
GLU HG3  H  N N 119 
GLU HE2  H  N N 120 
GLU HXT  H  N N 121 
GLY N    N  N N 122 
GLY CA   C  N N 123 
GLY C    C  N N 124 
GLY O    O  N N 125 
GLY OXT  O  N N 126 
GLY H    H  N N 127 
GLY H2   H  N N 128 
GLY HA2  H  N N 129 
GLY HA3  H  N N 130 
GLY HXT  H  N N 131 
GOL C1   C  N N 132 
GOL O1   O  N N 133 
GOL C2   C  N N 134 
GOL O2   O  N N 135 
GOL C3   C  N N 136 
GOL O3   O  N N 137 
GOL H11  H  N N 138 
GOL H12  H  N N 139 
GOL HO1  H  N N 140 
GOL H2   H  N N 141 
GOL HO2  H  N N 142 
GOL H31  H  N N 143 
GOL H32  H  N N 144 
GOL HO3  H  N N 145 
HIS N    N  N N 146 
HIS CA   C  N S 147 
HIS C    C  N N 148 
HIS O    O  N N 149 
HIS CB   C  N N 150 
HIS CG   C  Y N 151 
HIS ND1  N  Y N 152 
HIS CD2  C  Y N 153 
HIS CE1  C  Y N 154 
HIS NE2  N  Y N 155 
HIS OXT  O  N N 156 
HIS H    H  N N 157 
HIS H2   H  N N 158 
HIS HA   H  N N 159 
HIS HB2  H  N N 160 
HIS HB3  H  N N 161 
HIS HD1  H  N N 162 
HIS HD2  H  N N 163 
HIS HE1  H  N N 164 
HIS HE2  H  N N 165 
HIS HXT  H  N N 166 
HOH O    O  N N 167 
HOH H1   H  N N 168 
HOH H2   H  N N 169 
ILE N    N  N N 170 
ILE CA   C  N S 171 
ILE C    C  N N 172 
ILE O    O  N N 173 
ILE CB   C  N S 174 
ILE CG1  C  N N 175 
ILE CG2  C  N N 176 
ILE CD1  C  N N 177 
ILE OXT  O  N N 178 
ILE H    H  N N 179 
ILE H2   H  N N 180 
ILE HA   H  N N 181 
ILE HB   H  N N 182 
ILE HG12 H  N N 183 
ILE HG13 H  N N 184 
ILE HG21 H  N N 185 
ILE HG22 H  N N 186 
ILE HG23 H  N N 187 
ILE HD11 H  N N 188 
ILE HD12 H  N N 189 
ILE HD13 H  N N 190 
ILE HXT  H  N N 191 
LEU N    N  N N 192 
LEU CA   C  N S 193 
LEU C    C  N N 194 
LEU O    O  N N 195 
LEU CB   C  N N 196 
LEU CG   C  N N 197 
LEU CD1  C  N N 198 
LEU CD2  C  N N 199 
LEU OXT  O  N N 200 
LEU H    H  N N 201 
LEU H2   H  N N 202 
LEU HA   H  N N 203 
LEU HB2  H  N N 204 
LEU HB3  H  N N 205 
LEU HG   H  N N 206 
LEU HD11 H  N N 207 
LEU HD12 H  N N 208 
LEU HD13 H  N N 209 
LEU HD21 H  N N 210 
LEU HD22 H  N N 211 
LEU HD23 H  N N 212 
LEU HXT  H  N N 213 
LYS N    N  N N 214 
LYS CA   C  N S 215 
LYS C    C  N N 216 
LYS O    O  N N 217 
LYS CB   C  N N 218 
LYS CG   C  N N 219 
LYS CD   C  N N 220 
LYS CE   C  N N 221 
LYS NZ   N  N N 222 
LYS OXT  O  N N 223 
LYS H    H  N N 224 
LYS H2   H  N N 225 
LYS HA   H  N N 226 
LYS HB2  H  N N 227 
LYS HB3  H  N N 228 
LYS HG2  H  N N 229 
LYS HG3  H  N N 230 
LYS HD2  H  N N 231 
LYS HD3  H  N N 232 
LYS HE2  H  N N 233 
LYS HE3  H  N N 234 
LYS HZ1  H  N N 235 
LYS HZ2  H  N N 236 
LYS HZ3  H  N N 237 
LYS HXT  H  N N 238 
MET N    N  N N 239 
MET CA   C  N S 240 
MET C    C  N N 241 
MET O    O  N N 242 
MET CB   C  N N 243 
MET CG   C  N N 244 
MET SD   S  N N 245 
MET CE   C  N N 246 
MET OXT  O  N N 247 
MET H    H  N N 248 
MET H2   H  N N 249 
MET HA   H  N N 250 
MET HB2  H  N N 251 
MET HB3  H  N N 252 
MET HG2  H  N N 253 
MET HG3  H  N N 254 
MET HE1  H  N N 255 
MET HE2  H  N N 256 
MET HE3  H  N N 257 
MET HXT  H  N N 258 
PHE N    N  N N 259 
PHE CA   C  N S 260 
PHE C    C  N N 261 
PHE O    O  N N 262 
PHE CB   C  N N 263 
PHE CG   C  Y N 264 
PHE CD1  C  Y N 265 
PHE CD2  C  Y N 266 
PHE CE1  C  Y N 267 
PHE CE2  C  Y N 268 
PHE CZ   C  Y N 269 
PHE OXT  O  N N 270 
PHE H    H  N N 271 
PHE H2   H  N N 272 
PHE HA   H  N N 273 
PHE HB2  H  N N 274 
PHE HB3  H  N N 275 
PHE HD1  H  N N 276 
PHE HD2  H  N N 277 
PHE HE1  H  N N 278 
PHE HE2  H  N N 279 
PHE HZ   H  N N 280 
PHE HXT  H  N N 281 
PRO N    N  N N 282 
PRO CA   C  N S 283 
PRO C    C  N N 284 
PRO O    O  N N 285 
PRO CB   C  N N 286 
PRO CG   C  N N 287 
PRO CD   C  N N 288 
PRO OXT  O  N N 289 
PRO H    H  N N 290 
PRO HA   H  N N 291 
PRO HB2  H  N N 292 
PRO HB3  H  N N 293 
PRO HG2  H  N N 294 
PRO HG3  H  N N 295 
PRO HD2  H  N N 296 
PRO HD3  H  N N 297 
PRO HXT  H  N N 298 
SER N    N  N N 299 
SER CA   C  N S 300 
SER C    C  N N 301 
SER O    O  N N 302 
SER CB   C  N N 303 
SER OG   O  N N 304 
SER OXT  O  N N 305 
SER H    H  N N 306 
SER H2   H  N N 307 
SER HA   H  N N 308 
SER HB2  H  N N 309 
SER HB3  H  N N 310 
SER HG   H  N N 311 
SER HXT  H  N N 312 
THR N    N  N N 313 
THR CA   C  N S 314 
THR C    C  N N 315 
THR O    O  N N 316 
THR CB   C  N R 317 
THR OG1  O  N N 318 
THR CG2  C  N N 319 
THR OXT  O  N N 320 
THR H    H  N N 321 
THR H2   H  N N 322 
THR HA   H  N N 323 
THR HB   H  N N 324 
THR HG1  H  N N 325 
THR HG21 H  N N 326 
THR HG22 H  N N 327 
THR HG23 H  N N 328 
THR HXT  H  N N 329 
TRP N    N  N N 330 
TRP CA   C  N S 331 
TRP C    C  N N 332 
TRP O    O  N N 333 
TRP CB   C  N N 334 
TRP CG   C  Y N 335 
TRP CD1  C  Y N 336 
TRP CD2  C  Y N 337 
TRP NE1  N  Y N 338 
TRP CE2  C  Y N 339 
TRP CE3  C  Y N 340 
TRP CZ2  C  Y N 341 
TRP CZ3  C  Y N 342 
TRP CH2  C  Y N 343 
TRP OXT  O  N N 344 
TRP H    H  N N 345 
TRP H2   H  N N 346 
TRP HA   H  N N 347 
TRP HB2  H  N N 348 
TRP HB3  H  N N 349 
TRP HD1  H  N N 350 
TRP HE1  H  N N 351 
TRP HE3  H  N N 352 
TRP HZ2  H  N N 353 
TRP HZ3  H  N N 354 
TRP HH2  H  N N 355 
TRP HXT  H  N N 356 
TYR N    N  N N 357 
TYR CA   C  N S 358 
TYR C    C  N N 359 
TYR O    O  N N 360 
TYR CB   C  N N 361 
TYR CG   C  Y N 362 
TYR CD1  C  Y N 363 
TYR CD2  C  Y N 364 
TYR CE1  C  Y N 365 
TYR CE2  C  Y N 366 
TYR CZ   C  Y N 367 
TYR OH   O  N N 368 
TYR OXT  O  N N 369 
TYR H    H  N N 370 
TYR H2   H  N N 371 
TYR HA   H  N N 372 
TYR HB2  H  N N 373 
TYR HB3  H  N N 374 
TYR HD1  H  N N 375 
TYR HD2  H  N N 376 
TYR HE1  H  N N 377 
TYR HE2  H  N N 378 
TYR HH   H  N N 379 
TYR HXT  H  N N 380 
VAL N    N  N N 381 
VAL CA   C  N S 382 
VAL C    C  N N 383 
VAL O    O  N N 384 
VAL CB   C  N N 385 
VAL CG1  C  N N 386 
VAL CG2  C  N N 387 
VAL OXT  O  N N 388 
VAL H    H  N N 389 
VAL H2   H  N N 390 
VAL HA   H  N N 391 
VAL HB   H  N N 392 
VAL HG11 H  N N 393 
VAL HG12 H  N N 394 
VAL HG13 H  N N 395 
VAL HG21 H  N N 396 
VAL HG22 H  N N 397 
VAL HG23 H  N N 398 
VAL HXT  H  N N 399 
# 
loop_
_chem_comp_bond.comp_id 
_chem_comp_bond.atom_id_1 
_chem_comp_bond.atom_id_2 
_chem_comp_bond.value_order 
_chem_comp_bond.pdbx_aromatic_flag 
_chem_comp_bond.pdbx_stereo_config 
_chem_comp_bond.pdbx_ordinal 
ALA N   CA   sing N N 1   
ALA N   H    sing N N 2   
ALA N   H2   sing N N 3   
ALA CA  C    sing N N 4   
ALA CA  CB   sing N N 5   
ALA CA  HA   sing N N 6   
ALA C   O    doub N N 7   
ALA C   OXT  sing N N 8   
ALA CB  HB1  sing N N 9   
ALA CB  HB2  sing N N 10  
ALA CB  HB3  sing N N 11  
ALA OXT HXT  sing N N 12  
ARG N   CA   sing N N 13  
ARG N   H    sing N N 14  
ARG N   H2   sing N N 15  
ARG CA  C    sing N N 16  
ARG CA  CB   sing N N 17  
ARG CA  HA   sing N N 18  
ARG C   O    doub N N 19  
ARG C   OXT  sing N N 20  
ARG CB  CG   sing N N 21  
ARG CB  HB2  sing N N 22  
ARG CB  HB3  sing N N 23  
ARG CG  CD   sing N N 24  
ARG CG  HG2  sing N N 25  
ARG CG  HG3  sing N N 26  
ARG CD  NE   sing N N 27  
ARG CD  HD2  sing N N 28  
ARG CD  HD3  sing N N 29  
ARG NE  CZ   sing N N 30  
ARG NE  HE   sing N N 31  
ARG CZ  NH1  sing N N 32  
ARG CZ  NH2  doub N N 33  
ARG NH1 HH11 sing N N 34  
ARG NH1 HH12 sing N N 35  
ARG NH2 HH21 sing N N 36  
ARG NH2 HH22 sing N N 37  
ARG OXT HXT  sing N N 38  
ASP N   CA   sing N N 39  
ASP N   H    sing N N 40  
ASP N   H2   sing N N 41  
ASP CA  C    sing N N 42  
ASP CA  CB   sing N N 43  
ASP CA  HA   sing N N 44  
ASP C   O    doub N N 45  
ASP C   OXT  sing N N 46  
ASP CB  CG   sing N N 47  
ASP CB  HB2  sing N N 48  
ASP CB  HB3  sing N N 49  
ASP CG  OD1  doub N N 50  
ASP CG  OD2  sing N N 51  
ASP OD2 HD2  sing N N 52  
ASP OXT HXT  sing N N 53  
CAC AS  O1   doub N N 54  
CAC AS  O2   sing N N 55  
CAC AS  C1   sing N N 56  
CAC AS  C2   sing N N 57  
CAC C1  H11  sing N N 58  
CAC C1  H12  sing N N 59  
CAC C1  H13  sing N N 60  
CAC C2  H21  sing N N 61  
CAC C2  H22  sing N N 62  
CAC C2  H23  sing N N 63  
CYS N   CA   sing N N 64  
CYS N   H    sing N N 65  
CYS N   H2   sing N N 66  
CYS CA  C    sing N N 67  
CYS CA  CB   sing N N 68  
CYS CA  HA   sing N N 69  
CYS C   O    doub N N 70  
CYS C   OXT  sing N N 71  
CYS CB  SG   sing N N 72  
CYS CB  HB2  sing N N 73  
CYS CB  HB3  sing N N 74  
CYS SG  HG   sing N N 75  
CYS OXT HXT  sing N N 76  
GLN N   CA   sing N N 77  
GLN N   H    sing N N 78  
GLN N   H2   sing N N 79  
GLN CA  C    sing N N 80  
GLN CA  CB   sing N N 81  
GLN CA  HA   sing N N 82  
GLN C   O    doub N N 83  
GLN C   OXT  sing N N 84  
GLN CB  CG   sing N N 85  
GLN CB  HB2  sing N N 86  
GLN CB  HB3  sing N N 87  
GLN CG  CD   sing N N 88  
GLN CG  HG2  sing N N 89  
GLN CG  HG3  sing N N 90  
GLN CD  OE1  doub N N 91  
GLN CD  NE2  sing N N 92  
GLN NE2 HE21 sing N N 93  
GLN NE2 HE22 sing N N 94  
GLN OXT HXT  sing N N 95  
GLU N   CA   sing N N 96  
GLU N   H    sing N N 97  
GLU N   H2   sing N N 98  
GLU CA  C    sing N N 99  
GLU CA  CB   sing N N 100 
GLU CA  HA   sing N N 101 
GLU C   O    doub N N 102 
GLU C   OXT  sing N N 103 
GLU CB  CG   sing N N 104 
GLU CB  HB2  sing N N 105 
GLU CB  HB3  sing N N 106 
GLU CG  CD   sing N N 107 
GLU CG  HG2  sing N N 108 
GLU CG  HG3  sing N N 109 
GLU CD  OE1  doub N N 110 
GLU CD  OE2  sing N N 111 
GLU OE2 HE2  sing N N 112 
GLU OXT HXT  sing N N 113 
GLY N   CA   sing N N 114 
GLY N   H    sing N N 115 
GLY N   H2   sing N N 116 
GLY CA  C    sing N N 117 
GLY CA  HA2  sing N N 118 
GLY CA  HA3  sing N N 119 
GLY C   O    doub N N 120 
GLY C   OXT  sing N N 121 
GLY OXT HXT  sing N N 122 
GOL C1  O1   sing N N 123 
GOL C1  C2   sing N N 124 
GOL C1  H11  sing N N 125 
GOL C1  H12  sing N N 126 
GOL O1  HO1  sing N N 127 
GOL C2  O2   sing N N 128 
GOL C2  C3   sing N N 129 
GOL C2  H2   sing N N 130 
GOL O2  HO2  sing N N 131 
GOL C3  O3   sing N N 132 
GOL C3  H31  sing N N 133 
GOL C3  H32  sing N N 134 
GOL O3  HO3  sing N N 135 
HIS N   CA   sing N N 136 
HIS N   H    sing N N 137 
HIS N   H2   sing N N 138 
HIS CA  C    sing N N 139 
HIS CA  CB   sing N N 140 
HIS CA  HA   sing N N 141 
HIS C   O    doub N N 142 
HIS C   OXT  sing N N 143 
HIS CB  CG   sing N N 144 
HIS CB  HB2  sing N N 145 
HIS CB  HB3  sing N N 146 
HIS CG  ND1  sing Y N 147 
HIS CG  CD2  doub Y N 148 
HIS ND1 CE1  doub Y N 149 
HIS ND1 HD1  sing N N 150 
HIS CD2 NE2  sing Y N 151 
HIS CD2 HD2  sing N N 152 
HIS CE1 NE2  sing Y N 153 
HIS CE1 HE1  sing N N 154 
HIS NE2 HE2  sing N N 155 
HIS OXT HXT  sing N N 156 
HOH O   H1   sing N N 157 
HOH O   H2   sing N N 158 
ILE N   CA   sing N N 159 
ILE N   H    sing N N 160 
ILE N   H2   sing N N 161 
ILE CA  C    sing N N 162 
ILE CA  CB   sing N N 163 
ILE CA  HA   sing N N 164 
ILE C   O    doub N N 165 
ILE C   OXT  sing N N 166 
ILE CB  CG1  sing N N 167 
ILE CB  CG2  sing N N 168 
ILE CB  HB   sing N N 169 
ILE CG1 CD1  sing N N 170 
ILE CG1 HG12 sing N N 171 
ILE CG1 HG13 sing N N 172 
ILE CG2 HG21 sing N N 173 
ILE CG2 HG22 sing N N 174 
ILE CG2 HG23 sing N N 175 
ILE CD1 HD11 sing N N 176 
ILE CD1 HD12 sing N N 177 
ILE CD1 HD13 sing N N 178 
ILE OXT HXT  sing N N 179 
LEU N   CA   sing N N 180 
LEU N   H    sing N N 181 
LEU N   H2   sing N N 182 
LEU CA  C    sing N N 183 
LEU CA  CB   sing N N 184 
LEU CA  HA   sing N N 185 
LEU C   O    doub N N 186 
LEU C   OXT  sing N N 187 
LEU CB  CG   sing N N 188 
LEU CB  HB2  sing N N 189 
LEU CB  HB3  sing N N 190 
LEU CG  CD1  sing N N 191 
LEU CG  CD2  sing N N 192 
LEU CG  HG   sing N N 193 
LEU CD1 HD11 sing N N 194 
LEU CD1 HD12 sing N N 195 
LEU CD1 HD13 sing N N 196 
LEU CD2 HD21 sing N N 197 
LEU CD2 HD22 sing N N 198 
LEU CD2 HD23 sing N N 199 
LEU OXT HXT  sing N N 200 
LYS N   CA   sing N N 201 
LYS N   H    sing N N 202 
LYS N   H2   sing N N 203 
LYS CA  C    sing N N 204 
LYS CA  CB   sing N N 205 
LYS CA  HA   sing N N 206 
LYS C   O    doub N N 207 
LYS C   OXT  sing N N 208 
LYS CB  CG   sing N N 209 
LYS CB  HB2  sing N N 210 
LYS CB  HB3  sing N N 211 
LYS CG  CD   sing N N 212 
LYS CG  HG2  sing N N 213 
LYS CG  HG3  sing N N 214 
LYS CD  CE   sing N N 215 
LYS CD  HD2  sing N N 216 
LYS CD  HD3  sing N N 217 
LYS CE  NZ   sing N N 218 
LYS CE  HE2  sing N N 219 
LYS CE  HE3  sing N N 220 
LYS NZ  HZ1  sing N N 221 
LYS NZ  HZ2  sing N N 222 
LYS NZ  HZ3  sing N N 223 
LYS OXT HXT  sing N N 224 
MET N   CA   sing N N 225 
MET N   H    sing N N 226 
MET N   H2   sing N N 227 
MET CA  C    sing N N 228 
MET CA  CB   sing N N 229 
MET CA  HA   sing N N 230 
MET C   O    doub N N 231 
MET C   OXT  sing N N 232 
MET CB  CG   sing N N 233 
MET CB  HB2  sing N N 234 
MET CB  HB3  sing N N 235 
MET CG  SD   sing N N 236 
MET CG  HG2  sing N N 237 
MET CG  HG3  sing N N 238 
MET SD  CE   sing N N 239 
MET CE  HE1  sing N N 240 
MET CE  HE2  sing N N 241 
MET CE  HE3  sing N N 242 
MET OXT HXT  sing N N 243 
PHE N   CA   sing N N 244 
PHE N   H    sing N N 245 
PHE N   H2   sing N N 246 
PHE CA  C    sing N N 247 
PHE CA  CB   sing N N 248 
PHE CA  HA   sing N N 249 
PHE C   O    doub N N 250 
PHE C   OXT  sing N N 251 
PHE CB  CG   sing N N 252 
PHE CB  HB2  sing N N 253 
PHE CB  HB3  sing N N 254 
PHE CG  CD1  doub Y N 255 
PHE CG  CD2  sing Y N 256 
PHE CD1 CE1  sing Y N 257 
PHE CD1 HD1  sing N N 258 
PHE CD2 CE2  doub Y N 259 
PHE CD2 HD2  sing N N 260 
PHE CE1 CZ   doub Y N 261 
PHE CE1 HE1  sing N N 262 
PHE CE2 CZ   sing Y N 263 
PHE CE2 HE2  sing N N 264 
PHE CZ  HZ   sing N N 265 
PHE OXT HXT  sing N N 266 
PRO N   CA   sing N N 267 
PRO N   CD   sing N N 268 
PRO N   H    sing N N 269 
PRO CA  C    sing N N 270 
PRO CA  CB   sing N N 271 
PRO CA  HA   sing N N 272 
PRO C   O    doub N N 273 
PRO C   OXT  sing N N 274 
PRO CB  CG   sing N N 275 
PRO CB  HB2  sing N N 276 
PRO CB  HB3  sing N N 277 
PRO CG  CD   sing N N 278 
PRO CG  HG2  sing N N 279 
PRO CG  HG3  sing N N 280 
PRO CD  HD2  sing N N 281 
PRO CD  HD3  sing N N 282 
PRO OXT HXT  sing N N 283 
SER N   CA   sing N N 284 
SER N   H    sing N N 285 
SER N   H2   sing N N 286 
SER CA  C    sing N N 287 
SER CA  CB   sing N N 288 
SER CA  HA   sing N N 289 
SER C   O    doub N N 290 
SER C   OXT  sing N N 291 
SER CB  OG   sing N N 292 
SER CB  HB2  sing N N 293 
SER CB  HB3  sing N N 294 
SER OG  HG   sing N N 295 
SER OXT HXT  sing N N 296 
THR N   CA   sing N N 297 
THR N   H    sing N N 298 
THR N   H2   sing N N 299 
THR CA  C    sing N N 300 
THR CA  CB   sing N N 301 
THR CA  HA   sing N N 302 
THR C   O    doub N N 303 
THR C   OXT  sing N N 304 
THR CB  OG1  sing N N 305 
THR CB  CG2  sing N N 306 
THR CB  HB   sing N N 307 
THR OG1 HG1  sing N N 308 
THR CG2 HG21 sing N N 309 
THR CG2 HG22 sing N N 310 
THR CG2 HG23 sing N N 311 
THR OXT HXT  sing N N 312 
TRP N   CA   sing N N 313 
TRP N   H    sing N N 314 
TRP N   H2   sing N N 315 
TRP CA  C    sing N N 316 
TRP CA  CB   sing N N 317 
TRP CA  HA   sing N N 318 
TRP C   O    doub N N 319 
TRP C   OXT  sing N N 320 
TRP CB  CG   sing N N 321 
TRP CB  HB2  sing N N 322 
TRP CB  HB3  sing N N 323 
TRP CG  CD1  doub Y N 324 
TRP CG  CD2  sing Y N 325 
TRP CD1 NE1  sing Y N 326 
TRP CD1 HD1  sing N N 327 
TRP CD2 CE2  doub Y N 328 
TRP CD2 CE3  sing Y N 329 
TRP NE1 CE2  sing Y N 330 
TRP NE1 HE1  sing N N 331 
TRP CE2 CZ2  sing Y N 332 
TRP CE3 CZ3  doub Y N 333 
TRP CE3 HE3  sing N N 334 
TRP CZ2 CH2  doub Y N 335 
TRP CZ2 HZ2  sing N N 336 
TRP CZ3 CH2  sing Y N 337 
TRP CZ3 HZ3  sing N N 338 
TRP CH2 HH2  sing N N 339 
TRP OXT HXT  sing N N 340 
TYR N   CA   sing N N 341 
TYR N   H    sing N N 342 
TYR N   H2   sing N N 343 
TYR CA  C    sing N N 344 
TYR CA  CB   sing N N 345 
TYR CA  HA   sing N N 346 
TYR C   O    doub N N 347 
TYR C   OXT  sing N N 348 
TYR CB  CG   sing N N 349 
TYR CB  HB2  sing N N 350 
TYR CB  HB3  sing N N 351 
TYR CG  CD1  doub Y N 352 
TYR CG  CD2  sing Y N 353 
TYR CD1 CE1  sing Y N 354 
TYR CD1 HD1  sing N N 355 
TYR CD2 CE2  doub Y N 356 
TYR CD2 HD2  sing N N 357 
TYR CE1 CZ   doub Y N 358 
TYR CE1 HE1  sing N N 359 
TYR CE2 CZ   sing Y N 360 
TYR CE2 HE2  sing N N 361 
TYR CZ  OH   sing N N 362 
TYR OH  HH   sing N N 363 
TYR OXT HXT  sing N N 364 
VAL N   CA   sing N N 365 
VAL N   H    sing N N 366 
VAL N   H2   sing N N 367 
VAL CA  C    sing N N 368 
VAL CA  CB   sing N N 369 
VAL CA  HA   sing N N 370 
VAL C   O    doub N N 371 
VAL C   OXT  sing N N 372 
VAL CB  CG1  sing N N 373 
VAL CB  CG2  sing N N 374 
VAL CB  HB   sing N N 375 
VAL CG1 HG11 sing N N 376 
VAL CG1 HG12 sing N N 377 
VAL CG1 HG13 sing N N 378 
VAL CG2 HG21 sing N N 379 
VAL CG2 HG22 sing N N 380 
VAL CG2 HG23 sing N N 381 
VAL OXT HXT  sing N N 382 
# 
_pdbx_audit_support.funding_organization   'French National Research Agency' 
_pdbx_audit_support.country                France 
_pdbx_audit_support.grant_number           ? 
_pdbx_audit_support.ordinal                1 
# 
_pdbx_initial_refinement_model.id               1 
_pdbx_initial_refinement_model.entity_id_list   ? 
_pdbx_initial_refinement_model.type             'experimental model' 
_pdbx_initial_refinement_model.source_name      PDB 
_pdbx_initial_refinement_model.accession_code   4WFT 
_pdbx_initial_refinement_model.details          ? 
# 
_atom_sites.entry_id                    5OC4 
_atom_sites.fract_transf_matrix[1][1]   0.01131784 
_atom_sites.fract_transf_matrix[1][2]   0.00649261 
_atom_sites.fract_transf_matrix[1][3]   0.00435649 
_atom_sites.fract_transf_matrix[2][1]   -0.00006767 
_atom_sites.fract_transf_matrix[2][2]   0.01367180 
_atom_sites.fract_transf_matrix[2][3]   0.00151819 
_atom_sites.fract_transf_matrix[3][1]   -0.00536818 
_atom_sites.fract_transf_matrix[3][2]   -0.00188762 
_atom_sites.fract_transf_matrix[3][3]   0.01675930 
_atom_sites.fract_transf_vector[1]      0.221712 
_atom_sites.fract_transf_vector[2]      0.219866 
_atom_sites.fract_transf_vector[3]      0.009551 
# 
loop_
_atom_type.symbol 
AS 
C  
CL 
N  
O  
S  
# 
loop_
_atom_site.group_PDB 
_atom_site.id 
_atom_site.type_symbol 
_atom_site.label_atom_id 
_atom_site.label_alt_id 
_atom_site.label_comp_id 
_atom_site.label_asym_id 
_atom_site.label_entity_id 
_atom_site.label_seq_id 
_atom_site.pdbx_PDB_ins_code 
_atom_site.Cartn_x 
_atom_site.Cartn_y 
_atom_site.Cartn_z 
_atom_site.occupancy 
_atom_site.B_iso_or_equiv 
_atom_site.pdbx_formal_charge 
_atom_site.auth_seq_id 
_atom_site.auth_comp_id 
_atom_site.auth_asym_id 
_atom_site.auth_atom_id 
_atom_site.pdbx_PDB_model_num 
ATOM   1   N  N   . GLU A 1 10  ? -8.196  16.059  9.455   1.00 63.24  ? 347 GLU A N   1 
ATOM   2   C  CA  . GLU A 1 10  ? -7.738  17.448  9.438   1.00 62.61  ? 347 GLU A CA  1 
ATOM   3   C  C   . GLU A 1 10  ? -6.822  17.718  8.224   1.00 63.43  ? 347 GLU A C   1 
ATOM   4   O  O   . GLU A 1 10  ? -7.306  18.222  7.205   1.00 64.04  ? 347 GLU A O   1 
ATOM   5   C  CB  . GLU A 1 10  ? -7.060  17.820  10.776  1.00 64.12  ? 347 GLU A CB  1 
ATOM   6   N  N   . ASP A 1 11  ? -5.520  17.361  8.315   1.00 55.61  ? 348 ASP A N   1 
ATOM   7   C  CA  . ASP A 1 11  ? -4.581  17.559  7.205   1.00 52.96  ? 348 ASP A CA  1 
ATOM   8   C  C   . ASP A 1 11  ? -4.417  16.276  6.392   1.00 49.59  ? 348 ASP A C   1 
ATOM   9   O  O   . ASP A 1 11  ? -3.919  15.283  6.914   1.00 49.94  ? 348 ASP A O   1 
ATOM   10  C  CB  . ASP A 1 11  ? -3.213  18.104  7.692   1.00 54.53  ? 348 ASP A CB  1 
ATOM   11  C  CG  . ASP A 1 11  ? -2.083  17.999  6.664   1.00 57.19  ? 348 ASP A CG  1 
ATOM   12  O  OD1 . ASP A 1 11  ? -2.303  18.394  5.490   1.00 56.30  ? 348 ASP A OD1 1 
ATOM   13  O  OD2 . ASP A 1 11  ? -0.984  17.524  7.034   1.00 56.53  ? 348 ASP A OD2 1 
ATOM   14  N  N   . THR A 1 12  ? -4.849  16.299  5.122   1.00 41.82  ? 349 THR A N   1 
ATOM   15  C  CA  . THR A 1 12  ? -4.720  15.142  4.218   1.00 39.41  ? 349 THR A CA  1 
ATOM   16  C  C   . THR A 1 12  ? -3.796  15.453  3.017   1.00 38.92  ? 349 THR A C   1 
ATOM   17  O  O   . THR A 1 12  ? -3.850  14.752  2.000   1.00 37.05  ? 349 THR A O   1 
ATOM   18  C  CB  . THR A 1 12  ? -6.084  14.582  3.766   1.00 44.41  ? 349 THR A CB  1 
ATOM   19  O  OG1 . THR A 1 12  ? -6.711  15.498  2.866   1.00 42.44  ? 349 THR A OG1 1 
ATOM   20  C  CG2 . THR A 1 12  ? -6.996  14.188  4.932   1.00 43.19  ? 349 THR A CG2 1 
ATOM   21  N  N   . SER A 1 13  ? -2.977  16.506  3.127   1.00 33.73  ? 350 SER A N   1 
ATOM   22  C  CA  . SER A 1 13  ? -2.096  16.922  2.026   1.00 32.75  ? 350 SER A CA  1 
ATOM   23  C  C   . SER A 1 13  ? -0.795  16.102  2.004   1.00 33.25  ? 350 SER A C   1 
ATOM   24  O  O   . SER A 1 13  ? -0.536  15.318  2.922   1.00 31.97  ? 350 SER A O   1 
ATOM   25  C  CB  . SER A 1 13  ? -1.780  18.416  2.132   1.00 36.26  ? 350 SER A CB  1 
ATOM   26  O  OG  . SER A 1 13  ? -0.841  18.673  3.167   1.00 41.30  ? 350 SER A OG  1 
ATOM   27  N  N   . GLY A 1 14  ? 0.002   16.297  0.954   1.00 29.11  ? 351 GLY A N   1 
ATOM   28  C  CA  . GLY A 1 14  ? 1.299   15.660  0.806   1.00 27.80  ? 351 GLY A CA  1 
ATOM   29  C  C   . GLY A 1 14  ? 1.270   14.146  0.813   1.00 28.51  ? 351 GLY A C   1 
ATOM   30  O  O   . GLY A 1 14  ? 0.277   13.533  0.426   1.00 28.61  ? 351 GLY A O   1 
ATOM   31  N  N   . VAL A 1 15  ? 2.346   13.545  1.285   1.00 23.88  ? 352 VAL A N   1 
ATOM   32  C  CA  . VAL A 1 15  ? 2.454   12.088  1.275   1.00 22.45  ? 352 VAL A CA  1 
ATOM   33  C  C   . VAL A 1 15  ? 2.977   11.546  2.603   1.00 25.07  ? 352 VAL A C   1 
ATOM   34  O  O   . VAL A 1 15  ? 3.932   12.085  3.187   1.00 24.23  ? 352 VAL A O   1 
ATOM   35  C  CB  . VAL A 1 15  ? 3.292   11.607  0.036   1.00 25.96  ? 352 VAL A CB  1 
ATOM   36  C  CG1 . VAL A 1 15  ? 4.694   12.205  0.038   1.00 26.03  ? 352 VAL A CG1 1 
ATOM   37  C  CG2 . VAL A 1 15  ? 3.334   10.067  -0.088  1.00 24.84  ? 352 VAL A CG2 1 
ATOM   38  N  N   . ILE A 1 16  ? 2.333   10.473  3.069   1.00 21.88  ? 353 ILE A N   1 
ATOM   39  C  CA  . ILE A 1 16  ? 2.734   9.743   4.277   1.00 21.67  ? 353 ILE A CA  1 
ATOM   40  C  C   . ILE A 1 16  ? 3.599   8.559   3.793   1.00 22.38  ? 353 ILE A C   1 
ATOM   41  O  O   . ILE A 1 16  ? 3.191   7.818   2.895   1.00 21.08  ? 353 ILE A O   1 
ATOM   42  C  CB  . ILE A 1 16  ? 1.493   9.289   5.107   1.00 24.21  ? 353 ILE A CB  1 
ATOM   43  C  CG1 . ILE A 1 16  ? 0.778   10.538  5.736   1.00 25.61  ? 353 ILE A CG1 1 
ATOM   44  C  CG2 . ILE A 1 16  ? 1.884   8.249   6.199   1.00 24.90  ? 353 ILE A CG2 1 
ATOM   45  C  CD1 . ILE A 1 16  ? -0.626  10.293  6.315   1.00 31.08  ? 353 ILE A CD1 1 
ATOM   46  N  N   . LYS A 1 17  ? 4.771   8.381   4.385   1.00 20.57  ? 354 LYS A N   1 
ATOM   47  C  CA  . LYS A 1 17  ? 5.671   7.300   4.001   1.00 19.78  ? 354 LYS A CA  1 
ATOM   48  C  C   . LYS A 1 17  ? 6.171   6.448   5.173   1.00 24.83  ? 354 LYS A C   1 
ATOM   49  O  O   . LYS A 1 17  ? 6.323   6.922   6.316   1.00 23.99  ? 354 LYS A O   1 
ATOM   50  C  CB  . LYS A 1 17  ? 6.887   7.849   3.225   1.00 20.58  ? 354 LYS A CB  1 
ATOM   51  C  CG  . LYS A 1 17  ? 6.552   8.613   1.941   1.00 21.87  ? 354 LYS A CG  1 
ATOM   52  C  CD  . LYS A 1 17  ? 7.783   8.713   1.034   1.00 24.43  ? 354 LYS A CD  1 
ATOM   53  C  CE  . LYS A 1 17  ? 7.573   9.707   -0.091  1.00 23.59  ? 354 LYS A CE  1 
ATOM   54  N  NZ  . LYS A 1 17  ? 8.710   9.668   -1.066  1.00 24.47  ? 354 LYS A NZ  1 
ATOM   55  N  N   . MET A 1 18  ? 6.466   5.182   4.858   1.00 21.24  ? 355 MET A N   1 
ATOM   56  C  CA  . MET A 1 18  ? 7.106   4.224   5.759   1.00 19.79  ? 355 MET A CA  1 
ATOM   57  C  C   . MET A 1 18  ? 8.046   3.372   4.911   1.00 24.57  ? 355 MET A C   1 
ATOM   58  O  O   . MET A 1 18  ? 7.817   3.206   3.701   1.00 22.92  ? 355 MET A O   1 
ATOM   59  C  CB  . MET A 1 18  ? 6.094   3.340   6.502   1.00 20.50  ? 355 MET A CB  1 
ATOM   60  C  CG  . MET A 1 18  ? 5.059   4.132   7.324   1.00 22.39  ? 355 MET A CG  1 
ATOM   61  S  SD  . MET A 1 18  ? 4.013   2.981   8.257   1.00 26.12  ? 355 MET A SD  1 
ATOM   62  C  CE  . MET A 1 18  ? 5.178   2.405   9.487   1.00 22.68  ? 355 MET A CE  1 
ATOM   63  N  N   . ALA A 1 19  ? 9.087   2.810   5.544   1.00 23.35  ? 356 ALA A N   1 
ATOM   64  C  CA  . ALA A 1 19  ? 10.080  1.975   4.847   1.00 22.58  ? 356 ALA A CA  1 
ATOM   65  C  C   . ALA A 1 19  ? 9.534   0.560   4.843   1.00 28.58  ? 356 ALA A C   1 
ATOM   66  O  O   . ALA A 1 19  ? 9.667   -0.185  5.825   1.00 26.82  ? 356 ALA A O   1 
ATOM   67  C  CB  . ALA A 1 19  ? 11.433  2.061   5.557   1.00 22.98  ? 356 ALA A CB  1 
ATOM   68  N  N   . VAL A 1 20  ? 8.783   0.232   3.784   1.00 25.75  ? 357 VAL A N   1 
ATOM   69  C  CA  . VAL A 1 20  ? 8.142   -1.076  3.730   1.00 26.96  ? 357 VAL A CA  1 
ATOM   70  C  C   . VAL A 1 20  ? 8.342   -1.767  2.386   1.00 29.77  ? 357 VAL A C   1 
ATOM   71  O  O   . VAL A 1 20  ? 8.350   -1.130  1.338   1.00 26.75  ? 357 VAL A O   1 
ATOM   72  C  CB  . VAL A 1 20  ? 6.632   -1.072  4.147   1.00 31.97  ? 357 VAL A CB  1 
ATOM   73  C  CG1 . VAL A 1 20  ? 6.390   -0.419  5.508   1.00 30.62  ? 357 VAL A CG1 1 
ATOM   74  C  CG2 . VAL A 1 20  ? 5.763   -0.438  3.087   1.00 32.68  ? 357 VAL A CG2 1 
ATOM   75  N  N   . LYS A 1 21  ? 8.438   -3.090  2.440   1.00 28.67  ? 358 LYS A N   1 
ATOM   76  C  CA  . LYS A 1 21  ? 8.533   -3.949  1.270   1.00 29.10  ? 358 LYS A CA  1 
ATOM   77  C  C   . LYS A 1 21  ? 7.623   -5.141  1.519   1.00 33.33  ? 358 LYS A C   1 
ATOM   78  O  O   . LYS A 1 21  ? 7.600   -5.687  2.625   1.00 33.03  ? 358 LYS A O   1 
ATOM   79  C  CB  . LYS A 1 21  ? 9.982   -4.361  1.004   1.00 31.30  ? 358 LYS A CB  1 
ATOM   80  C  CG  . LYS A 1 21  ? 10.166  -5.115  -0.311  1.00 42.50  ? 358 LYS A CG  1 
ATOM   81  C  CD  . LYS A 1 21  ? 11.641  -5.334  -0.700  1.00 49.37  ? 358 LYS A CD  1 
ATOM   82  C  CE  . LYS A 1 21  ? 12.463  -4.065  -0.849  1.00 49.95  ? 358 LYS A CE  1 
ATOM   83  N  NZ  . LYS A 1 21  ? 11.832  -3.060  -1.751  1.00 40.72  ? 358 LYS A NZ  1 
ATOM   84  N  N   . PHE A 1 22  ? 6.809   -5.493  0.525   1.00 29.69  ? 359 PHE A N   1 
ATOM   85  C  CA  . PHE A 1 22  ? 5.895   -6.610  0.681   1.00 28.99  ? 359 PHE A CA  1 
ATOM   86  C  C   . PHE A 1 22  ? 6.646   -7.956  0.676   1.00 34.51  ? 359 PHE A C   1 
ATOM   87  O  O   . PHE A 1 22  ? 7.442   -8.223  -0.225  1.00 33.28  ? 359 PHE A O   1 
ATOM   88  C  CB  . PHE A 1 22  ? 4.795   -6.564  -0.387  1.00 29.85  ? 359 PHE A CB  1 
ATOM   89  C  CG  . PHE A 1 22  ? 3.967   -7.828  -0.525  1.00 30.33  ? 359 PHE A CG  1 
ATOM   90  C  CD1 . PHE A 1 22  ? 3.067   -8.204  0.467   1.00 32.88  ? 359 PHE A CD1 1 
ATOM   91  C  CD2 . PHE A 1 22  ? 4.040   -8.602  -1.679  1.00 32.04  ? 359 PHE A CD2 1 
ATOM   92  C  CE1 . PHE A 1 22  ? 2.302   -9.378  0.337   1.00 33.58  ? 359 PHE A CE1 1 
ATOM   93  C  CE2 . PHE A 1 22  ? 3.254   -9.757  -1.823  1.00 34.78  ? 359 PHE A CE2 1 
ATOM   94  C  CZ  . PHE A 1 22  ? 2.376   -10.124 -0.823  1.00 32.91  ? 359 PHE A CZ  1 
ATOM   95  N  N   . ASP A 1 23  ? 6.425   -8.759  1.724   1.00 32.76  ? 360 ASP A N   1 
ATOM   96  C  CA  . ASP A 1 23  ? 7.002   -10.100 1.830   1.00 33.90  ? 360 ASP A CA  1 
ATOM   97  C  C   . ASP A 1 23  ? 5.808   -11.058 1.851   1.00 35.16  ? 360 ASP A C   1 
ATOM   98  O  O   . ASP A 1 23  ? 5.127   -11.169 2.874   1.00 33.01  ? 360 ASP A O   1 
ATOM   99  C  CB  . ASP A 1 23  ? 7.876   -10.241 3.107   1.00 36.76  ? 360 ASP A CB  1 
ATOM   100 C  CG  . ASP A 1 23  ? 8.525   -11.613 3.315   1.00 51.37  ? 360 ASP A CG  1 
ATOM   101 O  OD1 . ASP A 1 23  ? 8.653   -12.373 2.326   1.00 52.01  ? 360 ASP A OD1 1 
ATOM   102 O  OD2 . ASP A 1 23  ? 8.912   -11.919 4.461   1.00 60.72  ? 360 ASP A OD2 1 
ATOM   103 N  N   . ALA A 1 24  ? 5.520   -11.691 0.702   1.00 33.66  ? 361 ALA A N   1 
ATOM   104 C  CA  . ALA A 1 24  ? 4.414   -12.645 0.521   1.00 34.97  ? 361 ALA A CA  1 
ATOM   105 C  C   . ALA A 1 24  ? 4.361   -13.752 1.578   1.00 40.05  ? 361 ALA A C   1 
ATOM   106 O  O   . ALA A 1 24  ? 3.261   -14.174 1.941   1.00 39.58  ? 361 ALA A O   1 
ATOM   107 C  CB  . ALA A 1 24  ? 4.458   -13.258 -0.876  1.00 36.28  ? 361 ALA A CB  1 
ATOM   108 N  N   . ALA A 1 25  ? 5.536   -14.184 2.092   1.00 38.06  ? 362 ALA A N   1 
ATOM   109 C  CA  . ALA A 1 25  ? 5.680   -15.233 3.112   1.00 39.10  ? 362 ALA A CA  1 
ATOM   110 C  C   . ALA A 1 25  ? 5.012   -14.879 4.455   1.00 45.21  ? 362 ALA A C   1 
ATOM   111 O  O   . ALA A 1 25  ? 4.633   -15.780 5.201   1.00 44.43  ? 362 ALA A O   1 
ATOM   112 C  CB  . ALA A 1 25  ? 7.148   -15.564 3.326   1.00 39.65  ? 362 ALA A CB  1 
ATOM   113 N  N   . ALA A 1 26  ? 4.848   -13.576 4.744   1.00 42.98  ? 363 ALA A N   1 
ATOM   114 C  CA  . ALA A 1 26  ? 4.226   -13.081 5.976   1.00 43.26  ? 363 ALA A CA  1 
ATOM   115 C  C   . ALA A 1 26  ? 2.686   -13.140 5.939   1.00 48.11  ? 363 ALA A C   1 
ATOM   116 O  O   . ALA A 1 26  ? 2.053   -12.880 6.961   1.00 47.36  ? 363 ALA A O   1 
ATOM   117 C  CB  . ALA A 1 26  ? 4.680   -11.645 6.231   1.00 44.12  ? 363 ALA A CB  1 
ATOM   118 N  N   . TYR A 1 27  ? 2.092   -13.484 4.778   1.00 46.70  ? 364 TYR A N   1 
ATOM   119 C  CA  . TYR A 1 27  ? 0.644   -13.464 4.557   1.00 48.65  ? 364 TYR A CA  1 
ATOM   120 C  C   . TYR A 1 27  ? -0.001  -14.810 4.160   1.00 57.09  ? 364 TYR A C   1 
ATOM   121 O  O   . TYR A 1 27  ? 0.595   -15.553 3.383   1.00 56.62  ? 364 TYR A O   1 
ATOM   122 C  CB  . TYR A 1 27  ? 0.306   -12.400 3.469   1.00 50.32  ? 364 TYR A CB  1 
ATOM   123 C  CG  . TYR A 1 27  ? 0.796   -11.002 3.803   1.00 52.47  ? 364 TYR A CG  1 
ATOM   124 C  CD1 . TYR A 1 27  ? -0.065  -10.048 4.339   1.00 54.84  ? 364 TYR A CD1 1 
ATOM   125 C  CD2 . TYR A 1 27  ? 2.125   -10.642 3.607   1.00 53.13  ? 364 TYR A CD2 1 
ATOM   126 C  CE1 . TYR A 1 27  ? 0.388   -8.770  4.674   1.00 55.19  ? 364 TYR A CE1 1 
ATOM   127 C  CE2 . TYR A 1 27  ? 2.595   -9.377  3.958   1.00 54.18  ? 364 TYR A CE2 1 
ATOM   128 C  CZ  . TYR A 1 27  ? 1.725   -8.445  4.498   1.00 61.65  ? 364 TYR A CZ  1 
ATOM   129 O  OH  . TYR A 1 27  ? 2.201   -7.200  4.845   1.00 63.19  ? 364 TYR A OH  1 
ATOM   130 N  N   . PRO A 1 28  ? -1.276  -15.070 4.563   1.00 56.53  ? 365 PRO A N   1 
ATOM   131 C  CA  . PRO A 1 28  ? -1.979  -16.285 4.095   1.00 56.73  ? 365 PRO A CA  1 
ATOM   132 C  C   . PRO A 1 28  ? -2.029  -16.393 2.563   1.00 61.03  ? 365 PRO A C   1 
ATOM   133 O  O   . PRO A 1 28  ? -1.934  -15.383 1.859   1.00 60.10  ? 365 PRO A O   1 
ATOM   134 C  CB  . PRO A 1 28  ? -3.386  -16.119 4.679   1.00 58.63  ? 365 PRO A CB  1 
ATOM   135 C  CG  . PRO A 1 28  ? -3.187  -15.290 5.900   1.00 63.09  ? 365 PRO A CG  1 
ATOM   136 C  CD  . PRO A 1 28  ? -2.127  -14.300 5.496   1.00 58.54  ? 365 PRO A CD  1 
ATOM   137 N  N   . ALA A 1 29  ? -2.164  -17.633 2.054   1.00 57.97  ? 366 ALA A N   1 
ATOM   138 C  CA  . ALA A 1 29  ? -2.144  -17.995 0.634   1.00 58.18  ? 366 ALA A CA  1 
ATOM   139 C  C   . ALA A 1 29  ? -2.912  -17.064 -0.329  1.00 63.52  ? 366 ALA A C   1 
ATOM   140 O  O   . ALA A 1 29  ? -2.423  -16.810 -1.436  1.00 62.92  ? 366 ALA A O   1 
ATOM   141 C  CB  . ALA A 1 29  ? -2.629  -19.420 0.457   1.00 58.69  ? 366 ALA A CB  1 
ATOM   142 N  N   . GLN A 1 30  ? -4.104  -16.580 0.072   1.00 60.76  ? 367 GLN A N   1 
ATOM   143 C  CA  . GLN A 1 30  ? -4.932  -15.738 -0.791  1.00 60.66  ? 367 GLN A CA  1 
ATOM   144 C  C   . GLN A 1 30  ? -4.900  -14.233 -0.483  1.00 63.05  ? 367 GLN A C   1 
ATOM   145 O  O   . GLN A 1 30  ? -4.941  -13.440 -1.427  1.00 63.41  ? 367 GLN A O   1 
ATOM   146 C  CB  . GLN A 1 30  ? -6.386  -16.236 -0.796  1.00 61.95  ? 367 GLN A CB  1 
ATOM   147 N  N   . ILE A 1 31  ? -4.863  -13.839 0.808   1.00 57.06  ? 368 ILE A N   1 
ATOM   148 C  CA  . ILE A 1 31  ? -4.934  -12.425 1.195   1.00 55.74  ? 368 ILE A CA  1 
ATOM   149 C  C   . ILE A 1 31  ? -3.601  -11.658 1.023   1.00 52.64  ? 368 ILE A C   1 
ATOM   150 O  O   . ILE A 1 31  ? -2.520  -12.166 1.332   1.00 52.12  ? 368 ILE A O   1 
ATOM   151 C  CB  . ILE A 1 31  ? -5.550  -12.220 2.614   1.00 59.76  ? 368 ILE A CB  1 
ATOM   152 C  CG1 . ILE A 1 31  ? -6.028  -10.782 2.839   1.00 60.62  ? 368 ILE A CG1 1 
ATOM   153 C  CG2 . ILE A 1 31  ? -4.656  -12.674 3.744   1.00 61.54  ? 368 ILE A CG2 1 
ATOM   154 C  CD1 . ILE A 1 31  ? -7.384  -10.529 2.407   1.00 70.84  ? 368 ILE A CD1 1 
ATOM   155 N  N   . THR A 1 32  ? -3.726  -10.424 0.512   1.00 43.60  ? 369 THR A N   1 
ATOM   156 C  CA  . THR A 1 32  ? -2.633  -9.469  0.283   1.00 39.84  ? 369 THR A CA  1 
ATOM   157 C  C   . THR A 1 32  ? -2.979  -8.119  0.956   1.00 37.66  ? 369 THR A C   1 
ATOM   158 O  O   . THR A 1 32  ? -4.173  -7.830  1.165   1.00 32.96  ? 369 THR A O   1 
ATOM   159 C  CB  . THR A 1 32  ? -2.438  -9.216  -1.225  1.00 42.86  ? 369 THR A CB  1 
ATOM   160 O  OG1 . THR A 1 32  ? -3.615  -8.627  -1.778  1.00 39.56  ? 369 THR A OG1 1 
ATOM   161 C  CG2 . THR A 1 32  ? -1.986  -10.463 -2.011  1.00 44.58  ? 369 THR A CG2 1 
ATOM   162 N  N   . PRO A 1 33  ? -1.967  -7.252  1.235   1.00 33.10  ? 370 PRO A N   1 
ATOM   163 C  CA  . PRO A 1 33  ? -2.274  -5.906  1.767   1.00 32.06  ? 370 PRO A CA  1 
ATOM   164 C  C   . PRO A 1 33  ? -3.273  -5.139  0.887   1.00 28.81  ? 370 PRO A C   1 
ATOM   165 O  O   . PRO A 1 33  ? -4.172  -4.501  1.423   1.00 26.56  ? 370 PRO A O   1 
ATOM   166 C  CB  . PRO A 1 33  ? -0.905  -5.224  1.810   1.00 34.19  ? 370 PRO A CB  1 
ATOM   167 C  CG  . PRO A 1 33  ? 0.070   -6.370  1.951   1.00 39.49  ? 370 PRO A CG  1 
ATOM   168 C  CD  . PRO A 1 33  ? -0.511  -7.436  1.072   1.00 34.87  ? 370 PRO A CD  1 
ATOM   169 N  N   . LYS A 1 34  ? -3.146  -5.226  -0.455  1.00 25.99  ? 371 LYS A N   1 
ATOM   170 C  CA  . LYS A 1 34  ? -4.082  -4.572  -1.382  1.00 26.12  ? 371 LYS A CA  1 
ATOM   171 C  C   . LYS A 1 34  ? -5.532  -5.008  -1.114  1.00 30.65  ? 371 LYS A C   1 
ATOM   172 O  O   . LYS A 1 34  ? -6.438  -4.171  -1.072  1.00 29.39  ? 371 LYS A O   1 
ATOM   173 C  CB  . LYS A 1 34  ? -3.710  -4.870  -2.840  1.00 27.28  ? 371 LYS A CB  1 
ATOM   174 C  CG  . LYS A 1 34  ? -2.573  -3.994  -3.391  1.00 29.25  ? 371 LYS A CG  1 
ATOM   175 C  CD  . LYS A 1 34  ? -2.428  -4.147  -4.909  1.00 33.39  ? 371 LYS A CD  1 
ATOM   176 C  CE  . LYS A 1 34  ? -3.429  -3.309  -5.683  1.00 38.76  ? 371 LYS A CE  1 
ATOM   177 N  NZ  . LYS A 1 34  ? -3.421  -3.636  -7.142  1.00 37.48  ? 371 LYS A NZ  1 
ATOM   178 N  N   . MET A 1 35  ? -5.747  -6.325  -0.934  1.00 30.21  ? 372 MET A N   1 
ATOM   179 C  CA  . MET A 1 35  ? -7.089  -6.863  -0.644  1.00 31.56  ? 372 MET A CA  1 
ATOM   180 C  C   . MET A 1 35  ? -7.602  -6.352  0.707   1.00 30.91  ? 372 MET A C   1 
ATOM   181 O  O   . MET A 1 35  ? -8.749  -5.897  0.784   1.00 29.22  ? 372 MET A O   1 
ATOM   182 C  CB  . MET A 1 35  ? -7.080  -8.389  -0.706  1.00 35.33  ? 372 MET A CB  1 
ATOM   183 C  CG  . MET A 1 35  ? -7.051  -8.915  -2.133  1.00 41.68  ? 372 MET A CG  1 
ATOM   184 S  SD  . MET A 1 35  ? -6.641  -10.678 -2.202  1.00 49.06  ? 372 MET A SD  1 
ATOM   185 C  CE  . MET A 1 35  ? -8.001  -11.387 -1.218  1.00 46.70  ? 372 MET A CE  1 
ATOM   186 N  N   A CYS A 1 36  ? -6.747  -6.374  1.768   0.70 27.92  ? 373 CYS A N   1 
ATOM   187 N  N   B CYS A 1 36  ? -6.724  -6.374  1.721   0.30 26.77  ? 373 CYS A N   1 
ATOM   188 C  CA  A CYS A 1 36  ? -7.102  -5.877  3.107   0.70 28.89  ? 373 CYS A CA  1 
ATOM   189 C  CA  B CYS A 1 36  ? -6.954  -5.920  3.085   0.30 26.62  ? 373 CYS A CA  1 
ATOM   190 C  C   A CYS A 1 36  ? -7.504  -4.421  3.047   0.70 29.50  ? 373 CYS A C   1 
ATOM   191 C  C   B CYS A 1 36  ? -7.383  -4.448  3.118   0.30 28.95  ? 373 CYS A C   1 
ATOM   192 O  O   A CYS A 1 36  ? -8.526  -4.046  3.628   0.70 28.13  ? 373 CYS A O   1 
ATOM   193 O  O   B CYS A 1 36  ? -8.319  -4.098  3.840   0.30 28.40  ? 373 CYS A O   1 
ATOM   194 C  CB  A CYS A 1 36  ? -5.969  -6.087  4.109   0.70 31.01  ? 373 CYS A CB  1 
ATOM   195 C  CB  B CYS A 1 36  ? -5.700  -6.156  3.918   0.30 27.45  ? 373 CYS A CB  1 
ATOM   196 S  SG  A CYS A 1 36  ? -5.675  -7.817  4.538   0.70 36.04  ? 373 CYS A SG  1 
ATOM   197 S  SG  B CYS A 1 36  ? -5.921  -5.848  5.680   0.30 31.50  ? 373 CYS A SG  1 
ATOM   198 N  N   . LEU A 1 37  ? -6.709  -3.598  2.315   1.00 24.27  ? 374 LEU A N   1 
ATOM   199 C  CA  . LEU A 1 37  ? -7.000  -2.175  2.188   1.00 23.68  ? 374 LEU A CA  1 
ATOM   200 C  C   . LEU A 1 37  ? -8.324  -1.917  1.452   1.00 27.59  ? 374 LEU A C   1 
ATOM   201 O  O   . LEU A 1 37  ? -9.110  -1.058  1.882   1.00 27.49  ? 374 LEU A O   1 
ATOM   202 C  CB  . LEU A 1 37  ? -5.822  -1.433  1.522   1.00 23.81  ? 374 LEU A CB  1 
ATOM   203 C  CG  . LEU A 1 37  ? -6.000  0.095   1.388   1.00 27.00  ? 374 LEU A CG  1 
ATOM   204 C  CD1 . LEU A 1 37  ? -6.298  0.746   2.753   1.00 26.90  ? 374 LEU A CD1 1 
ATOM   205 C  CD2 . LEU A 1 37  ? -4.757  0.750   0.718   1.00 23.50  ? 374 LEU A CD2 1 
ATOM   206 N  N   . LEU A 1 38  ? -8.585  -2.690  0.369   1.00 24.84  ? 375 LEU A N   1 
ATOM   207 C  CA  . LEU A 1 38  ? -9.819  -2.562  -0.410  1.00 25.82  ? 375 LEU A CA  1 
ATOM   208 C  C   . LEU A 1 38  ? -11.035 -2.885  0.493   1.00 29.79  ? 375 LEU A C   1 
ATOM   209 O  O   . LEU A 1 38  ? -12.001 -2.124  0.509   1.00 29.55  ? 375 LEU A O   1 
ATOM   210 C  CB  . LEU A 1 38  ? -9.753  -3.496  -1.649  1.00 26.27  ? 375 LEU A CB  1 
ATOM   211 C  CG  . LEU A 1 38  ? -10.993 -3.563  -2.560  1.00 32.14  ? 375 LEU A CG  1 
ATOM   212 C  CD1 . LEU A 1 38  ? -11.339 -2.189  -3.166  1.00 32.47  ? 375 LEU A CD1 1 
ATOM   213 C  CD2 . LEU A 1 38  ? -10.799 -4.617  -3.651  1.00 33.54  ? 375 LEU A CD2 1 
ATOM   214 N  N   . GLU A 1 39  ? -10.934 -3.957  1.280   1.00 29.20  ? 376 GLU A N   1 
ATOM   215 C  CA  . GLU A 1 39  ? -11.991 -4.367  2.200   1.00 30.21  ? 376 GLU A CA  1 
ATOM   216 C  C   . GLU A 1 39  ? -12.233 -3.329  3.293   1.00 34.50  ? 376 GLU A C   1 
ATOM   217 O  O   . GLU A 1 39  ? -13.389 -3.011  3.581   1.00 34.23  ? 376 GLU A O   1 
ATOM   218 C  CB  . GLU A 1 39  ? -11.713 -5.744  2.783   1.00 31.29  ? 376 GLU A CB  1 
ATOM   219 C  CG  . GLU A 1 39  ? -12.871 -6.262  3.615   1.00 44.93  ? 376 GLU A CG  1 
ATOM   220 C  CD  . GLU A 1 39  ? -12.834 -7.748  3.884   1.00 67.67  ? 376 GLU A CD  1 
ATOM   221 O  OE1 . GLU A 1 39  ? -12.526 -8.510  2.939   1.00 55.99  ? 376 GLU A OE1 1 
ATOM   222 O  OE2 . GLU A 1 39  ? -13.129 -8.150  5.033   1.00 64.83  ? 376 GLU A OE2 1 
ATOM   223 N  N   . TRP A 1 40  ? -11.149 -2.768  3.862   1.00 31.89  ? 377 TRP A N   1 
ATOM   224 C  CA  . TRP A 1 40  ? -11.263 -1.734  4.879   1.00 30.88  ? 377 TRP A CA  1 
ATOM   225 C  C   . TRP A 1 40  ? -12.005 -0.508  4.320   1.00 33.31  ? 377 TRP A C   1 
ATOM   226 O  O   . TRP A 1 40  ? -12.908 -0.001  4.982   1.00 31.95  ? 377 TRP A O   1 
ATOM   227 C  CB  . TRP A 1 40  ? -9.886  -1.372  5.455   1.00 29.95  ? 377 TRP A CB  1 
ATOM   228 C  CG  . TRP A 1 40  ? -9.979  -0.390  6.582   1.00 31.09  ? 377 TRP A CG  1 
ATOM   229 C  CD1 . TRP A 1 40  ? -10.379 -0.641  7.867   1.00 33.99  ? 377 TRP A CD1 1 
ATOM   230 C  CD2 . TRP A 1 40  ? -9.793  1.022   6.485   1.00 30.90  ? 377 TRP A CD2 1 
ATOM   231 N  NE1 . TRP A 1 40  ? -10.420 0.531   8.585   1.00 33.11  ? 377 TRP A NE1 1 
ATOM   232 C  CE2 . TRP A 1 40  ? -10.054 1.569   7.764   1.00 34.47  ? 377 TRP A CE2 1 
ATOM   233 C  CE3 . TRP A 1 40  ? -9.410  1.882   5.444   1.00 32.03  ? 377 TRP A CE3 1 
ATOM   234 C  CZ2 . TRP A 1 40  ? -9.920  2.934   8.036   1.00 33.42  ? 377 TRP A CZ2 1 
ATOM   235 C  CZ3 . TRP A 1 40  ? -9.266  3.233   5.718   1.00 33.38  ? 377 TRP A CZ3 1 
ATOM   236 C  CH2 . TRP A 1 40  ? -9.534  3.746   6.997   1.00 33.99  ? 377 TRP A CH2 1 
ATOM   237 N  N   . CYS A 1 41  ? -11.666 -0.078  3.077   1.00 28.91  ? 378 CYS A N   1 
ATOM   238 C  CA  . CYS A 1 41  ? -12.336 1.024   2.403   1.00 28.80  ? 378 CYS A CA  1 
ATOM   239 C  C   . CYS A 1 41  ? -13.826 0.708   2.213   1.00 33.69  ? 378 CYS A C   1 
ATOM   240 O  O   . CYS A 1 41  ? -14.673 1.579   2.459   1.00 33.96  ? 378 CYS A O   1 
ATOM   241 C  CB  . CYS A 1 41  ? -11.669 1.322   1.066   1.00 28.94  ? 378 CYS A CB  1 
ATOM   242 S  SG  . CYS A 1 41  ? -10.080 2.178   1.229   1.00 31.61  ? 378 CYS A SG  1 
ATOM   243 N  N   . ARG A 1 42  ? -14.133 -0.536  1.779   1.00 31.24  ? 379 ARG A N   1 
ATOM   244 C  CA  . ARG A 1 42  ? -15.517 -0.974  1.544   1.00 32.00  ? 379 ARG A CA  1 
ATOM   245 C  C   . ARG A 1 42  ? -16.316 -0.964  2.844   1.00 35.59  ? 379 ARG A C   1 
ATOM   246 O  O   . ARG A 1 42  ? -17.409 -0.388  2.873   1.00 34.43  ? 379 ARG A O   1 
ATOM   247 C  CB  . ARG A 1 42  ? -15.558 -2.340  0.863   1.00 33.54  ? 379 ARG A CB  1 
ATOM   248 C  CG  . ARG A 1 42  ? -15.230 -2.240  -0.616  1.00 38.90  ? 379 ARG A CG  1 
ATOM   249 C  CD  . ARG A 1 42  ? -15.328 -3.572  -1.304  1.00 40.44  ? 379 ARG A CD  1 
ATOM   250 N  NE  . ARG A 1 42  ? -14.931 -3.467  -2.711  1.00 41.41  ? 379 ARG A NE  1 
ATOM   251 C  CZ  . ARG A 1 42  ? -14.628 -4.502  -3.487  1.00 47.50  ? 379 ARG A CZ  1 
ATOM   252 N  NH1 . ARG A 1 42  ? -14.663 -5.736  -3.002  1.00 37.75  ? 379 ARG A NH1 1 
ATOM   253 N  NH2 . ARG A 1 42  ? -14.267 -4.309  -4.746  1.00 38.52  ? 379 ARG A NH2 1 
ATOM   254 N  N   . ARG A 1 43  ? -15.733 -1.511  3.933   1.00 32.75  ? 380 ARG A N   1 
ATOM   255 C  CA  . ARG A 1 43  ? -16.382 -1.506  5.252   1.00 33.33  ? 380 ARG A CA  1 
ATOM   256 C  C   . ARG A 1 43  ? -16.591 -0.089  5.772   1.00 37.04  ? 380 ARG A C   1 
ATOM   257 O  O   . ARG A 1 43  ? -17.620 0.191   6.386   1.00 36.94  ? 380 ARG A O   1 
ATOM   258 C  CB  . ARG A 1 43  ? -15.615 -2.354  6.269   1.00 34.97  ? 380 ARG A CB  1 
ATOM   259 C  CG  . ARG A 1 43  ? -15.691 -3.835  5.970   1.00 47.27  ? 380 ARG A CG  1 
ATOM   260 C  CD  . ARG A 1 43  ? -15.210 -4.703  7.113   1.00 57.30  ? 380 ARG A CD  1 
ATOM   261 N  NE  . ARG A 1 43  ? -15.449 -6.116  6.817   1.00 70.28  ? 380 ARG A NE  1 
ATOM   262 C  CZ  . ARG A 1 43  ? -16.560 -6.776  7.134   1.00 88.49  ? 380 ARG A CZ  1 
ATOM   263 N  NH1 . ARG A 1 43  ? -16.695 -8.054  6.807   1.00 80.42  ? 380 ARG A NH1 1 
ATOM   264 N  NH2 . ARG A 1 43  ? -17.544 -6.162  7.783   1.00 75.17  ? 380 ARG A NH2 1 
ATOM   265 N  N   . GLU A 1 44  ? -15.633 0.822   5.501   1.00 32.43  ? 381 GLU A N   1 
ATOM   266 C  CA  . GLU A 1 44  ? -15.725 2.216   5.957   1.00 30.75  ? 381 GLU A CA  1 
ATOM   267 C  C   . GLU A 1 44  ? -16.527 3.117   5.025   1.00 35.92  ? 381 GLU A C   1 
ATOM   268 O  O   . GLU A 1 44  ? -16.686 4.296   5.330   1.00 36.87  ? 381 GLU A O   1 
ATOM   269 C  CB  . GLU A 1 44  ? -14.318 2.804   6.207   1.00 31.65  ? 381 GLU A CB  1 
ATOM   270 C  CG  . GLU A 1 44  ? -13.564 2.139   7.348   1.00 39.49  ? 381 GLU A CG  1 
ATOM   271 C  CD  . GLU A 1 44  ? -14.161 2.361   8.721   1.00 56.14  ? 381 GLU A CD  1 
ATOM   272 O  OE1 . GLU A 1 44  ? -14.314 3.538   9.121   1.00 58.26  ? 381 GLU A OE1 1 
ATOM   273 O  OE2 . GLU A 1 44  ? -14.484 1.357   9.396   1.00 52.67  ? 381 GLU A OE2 1 
ATOM   274 N  N   . LYS A 1 45  ? -17.049 2.567   3.899   1.00 34.09  ? 382 LYS A N   1 
ATOM   275 C  CA  . LYS A 1 45  ? -17.821 3.285   2.869   1.00 35.41  ? 382 LYS A CA  1 
ATOM   276 C  C   . LYS A 1 45  ? -16.984 4.406   2.226   1.00 39.68  ? 382 LYS A C   1 
ATOM   277 O  O   . LYS A 1 45  ? -17.486 5.499   1.951   1.00 40.62  ? 382 LYS A O   1 
ATOM   278 C  CB  . LYS A 1 45  ? -19.206 3.804   3.389   1.00 39.64  ? 382 LYS A CB  1 
ATOM   279 C  CG  . LYS A 1 45  ? -19.984 2.863   4.317   1.00 54.68  ? 382 LYS A CG  1 
ATOM   280 C  CD  . LYS A 1 45  ? -20.752 1.771   3.585   1.00 69.56  ? 382 LYS A CD  1 
ATOM   281 C  CE  . LYS A 1 45  ? -21.801 1.168   4.491   1.00 82.55  ? 382 LYS A CE  1 
ATOM   282 N  NZ  . LYS A 1 45  ? -22.433 -0.031  3.884   1.00 94.26  ? 382 LYS A NZ  1 
ATOM   283 N  N   . LEU A 1 46  ? -15.686 4.134   2.022   1.00 34.99  ? 383 LEU A N   1 
ATOM   284 C  CA  . LEU A 1 46  ? -14.754 5.073   1.401   1.00 33.83  ? 383 LEU A CA  1 
ATOM   285 C  C   . LEU A 1 46  ? -14.594 4.699   -0.056  1.00 38.21  ? 383 LEU A C   1 
ATOM   286 O  O   . LEU A 1 46  ? -14.760 3.526   -0.410  1.00 37.37  ? 383 LEU A O   1 
ATOM   287 C  CB  . LEU A 1 46  ? -13.362 5.000   2.086   1.00 33.26  ? 383 LEU A CB  1 
ATOM   288 C  CG  . LEU A 1 46  ? -13.263 5.459   3.539   1.00 36.70  ? 383 LEU A CG  1 
ATOM   289 C  CD1 . LEU A 1 46  ? -11.966 5.002   4.156   1.00 36.15  ? 383 LEU A CD1 1 
ATOM   290 C  CD2 . LEU A 1 46  ? -13.409 6.985   3.669   1.00 38.88  ? 383 LEU A CD2 1 
ATOM   291 N  N   . ALA A 1 47  ? -14.206 5.676   -0.894  1.00 34.98  ? 384 ALA A N   1 
ATOM   292 C  CA  . ALA A 1 47  ? -13.909 5.416   -2.302  1.00 34.93  ? 384 ALA A CA  1 
ATOM   293 C  C   . ALA A 1 47  ? -12.786 4.362   -2.336  1.00 36.67  ? 384 ALA A C   1 
ATOM   294 O  O   . ALA A 1 47  ? -11.933 4.343   -1.430  1.00 36.11  ? 384 ALA A O   1 
ATOM   295 C  CB  . ALA A 1 47  ? -13.448 6.695   -2.990  1.00 35.71  ? 384 ALA A CB  1 
ATOM   296 N  N   . GLN A 1 48  ? -12.829 3.445   -3.308  1.00 31.52  ? 385 GLN A N   1 
ATOM   297 C  CA  . GLN A 1 48  ? -11.821 2.387   -3.382  1.00 30.84  ? 385 GLN A CA  1 
ATOM   298 C  C   . GLN A 1 48  ? -10.402 2.991   -3.546  1.00 30.67  ? 385 GLN A C   1 
ATOM   299 O  O   . GLN A 1 48  ? -10.279 4.084   -4.104  1.00 29.26  ? 385 GLN A O   1 
ATOM   300 C  CB  . GLN A 1 48  ? -12.149 1.358   -4.489  1.00 32.58  ? 385 GLN A CB  1 
ATOM   301 C  CG  . GLN A 1 48  ? -11.974 1.880   -5.919  1.00 42.40  ? 385 GLN A CG  1 
ATOM   302 C  CD  . GLN A 1 48  ? -12.195 0.811   -6.961  1.00 63.12  ? 385 GLN A CD  1 
ATOM   303 O  OE1 . GLN A 1 48  ? -13.049 0.949   -7.840  1.00 61.64  ? 385 GLN A OE1 1 
ATOM   304 N  NE2 . GLN A 1 48  ? -11.434 -0.275  -6.892  1.00 51.87  ? 385 GLN A NE2 1 
ATOM   305 N  N   . PRO A 1 49  ? -9.339  2.337   -3.036  1.00 28.24  ? 386 PRO A N   1 
ATOM   306 C  CA  . PRO A 1 49  ? -7.975  2.906   -3.216  1.00 27.43  ? 386 PRO A CA  1 
ATOM   307 C  C   . PRO A 1 49  ? -7.627  3.175   -4.686  1.00 30.52  ? 386 PRO A C   1 
ATOM   308 O  O   . PRO A 1 49  ? -8.025  2.405   -5.568  1.00 30.03  ? 386 PRO A O   1 
ATOM   309 C  CB  . PRO A 1 49  ? -7.058  1.820   -2.644  1.00 28.43  ? 386 PRO A CB  1 
ATOM   310 C  CG  . PRO A 1 49  ? -7.941  1.063   -1.671  1.00 32.59  ? 386 PRO A CG  1 
ATOM   311 C  CD  . PRO A 1 49  ? -9.297  1.051   -2.310  1.00 29.34  ? 386 PRO A CD  1 
ATOM   312 N  N   . VAL A 1 50  ? -6.927  4.281   -4.951  1.00 27.34  ? 387 VAL A N   1 
ATOM   313 C  CA  . VAL A 1 50  ? -6.469  4.638   -6.310  1.00 26.68  ? 387 VAL A CA  1 
ATOM   314 C  C   . VAL A 1 50  ? -4.926  4.545   -6.288  1.00 27.72  ? 387 VAL A C   1 
ATOM   315 O  O   . VAL A 1 50  ? -4.292  5.221   -5.480  1.00 25.54  ? 387 VAL A O   1 
ATOM   316 C  CB  . VAL A 1 50  ? -6.964  6.036   -6.789  1.00 31.34  ? 387 VAL A CB  1 
ATOM   317 C  CG1 . VAL A 1 50  ? -6.325  6.423   -8.119  1.00 31.24  ? 387 VAL A CG1 1 
ATOM   318 C  CG2 . VAL A 1 50  ? -8.500  6.082   -6.895  1.00 31.88  ? 387 VAL A CG2 1 
ATOM   319 N  N   . TYR A 1 51  ? -4.354  3.692   -7.139  1.00 24.25  ? 388 TYR A N   1 
ATOM   320 C  CA  . TYR A 1 51  ? -2.898  3.496   -7.234  1.00 23.71  ? 388 TYR A CA  1 
ATOM   321 C  C   . TYR A 1 51  ? -2.341  4.184   -8.464  1.00 27.84  ? 388 TYR A C   1 
ATOM   322 O  O   . TYR A 1 51  ? -2.931  4.085   -9.542  1.00 26.90  ? 388 TYR A O   1 
ATOM   323 C  CB  . TYR A 1 51  ? -2.530  2.011   -7.283  1.00 24.83  ? 388 TYR A CB  1 
ATOM   324 C  CG  . TYR A 1 51  ? -2.890  1.246   -6.032  1.00 25.68  ? 388 TYR A CG  1 
ATOM   325 C  CD1 . TYR A 1 51  ? -1.946  1.026   -5.034  1.00 26.81  ? 388 TYR A CD1 1 
ATOM   326 C  CD2 . TYR A 1 51  ? -4.176  0.745   -5.842  1.00 26.28  ? 388 TYR A CD2 1 
ATOM   327 C  CE1 . TYR A 1 51  ? -2.259  0.292   -3.894  1.00 25.70  ? 388 TYR A CE1 1 
ATOM   328 C  CE2 . TYR A 1 51  ? -4.515  0.048   -4.681  1.00 27.37  ? 388 TYR A CE2 1 
ATOM   329 C  CZ  . TYR A 1 51  ? -3.555  -0.152  -3.701  1.00 30.56  ? 388 TYR A CZ  1 
ATOM   330 O  OH  . TYR A 1 51  ? -3.857  -0.821  -2.551  1.00 28.65  ? 388 TYR A OH  1 
ATOM   331 N  N   . GLU A 1 52  ? -1.198  4.867   -8.312  1.00 24.24  ? 389 GLU A N   1 
ATOM   332 C  CA  . GLU A 1 52  ? -0.497  5.503   -9.443  1.00 24.51  ? 389 GLU A CA  1 
ATOM   333 C  C   . GLU A 1 52  ? 0.958   5.084   -9.399  1.00 26.24  ? 389 GLU A C   1 
ATOM   334 O  O   . GLU A 1 52  ? 1.606   5.201   -8.349  1.00 25.48  ? 389 GLU A O   1 
ATOM   335 C  CB  . GLU A 1 52  ? -0.656  7.026   -9.456  1.00 26.57  ? 389 GLU A CB  1 
ATOM   336 C  CG  . GLU A 1 52  ? -2.124  7.429   -9.553  1.00 42.14  ? 389 GLU A CG  1 
ATOM   337 C  CD  . GLU A 1 52  ? -2.467  8.898   -9.689  1.00 75.60  ? 389 GLU A CD  1 
ATOM   338 O  OE1 . GLU A 1 52  ? -1.589  9.747   -9.419  1.00 63.72  ? 389 GLU A OE1 1 
ATOM   339 O  OE2 . GLU A 1 52  ? -3.623  9.203   -10.065 1.00 77.97  ? 389 GLU A OE2 1 
ATOM   340 N  N   . THR A 1 53  ? 1.452   4.545   -10.518 1.00 20.89  ? 390 THR A N   1 
ATOM   341 C  CA  . THR A 1 53  ? 2.803   4.037   -10.599 1.00 20.34  ? 390 THR A CA  1 
ATOM   342 C  C   . THR A 1 53  ? 3.842   5.140   -10.818 1.00 24.13  ? 390 THR A C   1 
ATOM   343 O  O   . THR A 1 53  ? 3.620   6.087   -11.578 1.00 23.88  ? 390 THR A O   1 
ATOM   344 C  CB  . THR A 1 53  ? 2.890   2.932   -11.698 1.00 28.83  ? 390 THR A CB  1 
ATOM   345 O  OG1 . THR A 1 53  ? 1.840   1.970   -11.489 1.00 26.54  ? 390 THR A OG1 1 
ATOM   346 C  CG2 . THR A 1 53  ? 4.266   2.230   -11.723 1.00 26.92  ? 390 THR A CG2 1 
ATOM   347 N  N   . VAL A 1 54  ? 4.975   5.002   -10.139 1.00 21.43  ? 391 VAL A N   1 
ATOM   348 C  CA  . VAL A 1 54  ? 6.136   5.874   -10.305 1.00 20.37  ? 391 VAL A CA  1 
ATOM   349 C  C   . VAL A 1 54  ? 7.268   4.951   -10.787 1.00 25.04  ? 391 VAL A C   1 
ATOM   350 O  O   . VAL A 1 54  ? 7.486   3.884   -10.199 1.00 23.53  ? 391 VAL A O   1 
ATOM   351 C  CB  . VAL A 1 54  ? 6.525   6.632   -9.001  1.00 22.77  ? 391 VAL A CB  1 
ATOM   352 C  CG1 . VAL A 1 54  ? 7.709   7.568   -9.263  1.00 22.03  ? 391 VAL A CG1 1 
ATOM   353 C  CG2 . VAL A 1 54  ? 5.324   7.420   -8.433  1.00 23.00  ? 391 VAL A CG2 1 
ATOM   354 N  N   . GLN A 1 55  ? 8.008   5.368   -11.806 1.00 22.44  ? 392 GLN A N   1 
ATOM   355 C  CA  . GLN A 1 55  ? 9.098   4.533   -12.322 1.00 23.11  ? 392 GLN A CA  1 
ATOM   356 C  C   . GLN A 1 55  ? 10.422  5.258   -12.385 1.00 26.97  ? 392 GLN A C   1 
ATOM   357 O  O   . GLN A 1 55  ? 10.447  6.473   -12.612 1.00 24.54  ? 392 GLN A O   1 
ATOM   358 C  CB  . GLN A 1 55  ? 8.756   4.061   -13.753 1.00 25.05  ? 392 GLN A CB  1 
ATOM   359 C  CG  . GLN A 1 55  ? 7.589   3.084   -13.846 1.00 25.50  ? 392 GLN A CG  1 
ATOM   360 C  CD  . GLN A 1 55  ? 7.515   2.523   -15.245 1.00 34.69  ? 392 GLN A CD  1 
ATOM   361 O  OE1 . GLN A 1 55  ? 8.488   1.961   -15.768 1.00 31.94  ? 392 GLN A OE1 1 
ATOM   362 N  NE2 . GLN A 1 55  ? 6.367   2.651   -15.882 1.00 27.25  ? 392 GLN A NE2 1 
ATOM   363 N  N   . ARG A 1 56  ? 11.536  4.492   -12.224 1.00 23.79  ? 393 ARG A N   1 
ATOM   364 C  CA  . ARG A 1 56  ? 12.906  4.906   -12.481 1.00 23.38  ? 393 ARG A CA  1 
ATOM   365 C  C   . ARG A 1 56  ? 13.344  3.853   -13.537 1.00 28.97  ? 393 ARG A C   1 
ATOM   366 O  O   . ARG A 1 56  ? 13.908  2.803   -13.181 1.00 28.24  ? 393 ARG A O   1 
ATOM   367 C  CB  . ARG A 1 56  ? 13.778  4.938   -11.220 1.00 22.98  ? 393 ARG A CB  1 
ATOM   368 C  CG  . ARG A 1 56  ? 13.674  6.223   -10.421 1.00 28.19  ? 393 ARG A CG  1 
ATOM   369 C  CD  . ARG A 1 56  ? 14.658  6.210   -9.257  1.00 35.06  ? 393 ARG A CD  1 
ATOM   370 N  NE  . ARG A 1 56  ? 14.856  7.533   -8.642  1.00 31.89  ? 393 ARG A NE  1 
ATOM   371 C  CZ  . ARG A 1 56  ? 15.655  8.475   -9.132  1.00 39.41  ? 393 ARG A CZ  1 
ATOM   372 N  NH1 . ARG A 1 56  ? 16.289  8.286   -10.284 1.00 35.09  ? 393 ARG A NH1 1 
ATOM   373 N  NH2 . ARG A 1 56  ? 15.812  9.624   -8.485  1.00 30.25  ? 393 ARG A NH2 1 
ATOM   374 N  N   . PRO A 1 57  ? 12.930  4.057   -14.826 1.00 26.77  ? 394 PRO A N   1 
ATOM   375 C  CA  . PRO A 1 57  ? 13.217  3.039   -15.870 1.00 27.05  ? 394 PRO A CA  1 
ATOM   376 C  C   . PRO A 1 57  ? 14.676  2.643   -16.039 1.00 30.15  ? 394 PRO A C   1 
ATOM   377 O  O   . PRO A 1 57  ? 14.951  1.481   -16.353 1.00 29.87  ? 394 PRO A O   1 
ATOM   378 C  CB  . PRO A 1 57  ? 12.677  3.649   -17.165 1.00 28.58  ? 394 PRO A CB  1 
ATOM   379 C  CG  . PRO A 1 57  ? 11.859  4.809   -16.774 1.00 32.76  ? 394 PRO A CG  1 
ATOM   380 C  CD  . PRO A 1 57  ? 12.226  5.231   -15.387 1.00 27.76  ? 394 PRO A CD  1 
ATOM   381 N  N   . LEU A 1 58  ? 15.605  3.576   -15.800 1.00 27.23  ? 395 LEU A N   1 
ATOM   382 C  CA  . LEU A 1 58  ? 17.040  3.291   -15.952 1.00 28.82  ? 395 LEU A CA  1 
ATOM   383 C  C   . LEU A 1 58  ? 17.540  2.257   -14.927 1.00 34.51  ? 395 LEU A C   1 
ATOM   384 O  O   . LEU A 1 58  ? 18.554  1.599   -15.158 1.00 34.58  ? 395 LEU A O   1 
ATOM   385 C  CB  . LEU A 1 58  ? 17.895  4.573   -15.930 1.00 28.53  ? 395 LEU A CB  1 
ATOM   386 C  CG  . LEU A 1 58  ? 17.707  5.578   -17.107 1.00 31.92  ? 395 LEU A CG  1 
ATOM   387 C  CD1 . LEU A 1 58  ? 18.556  6.818   -16.890 1.00 31.19  ? 395 LEU A CD1 1 
ATOM   388 C  CD2 . LEU A 1 58  ? 18.094  4.954   -18.467 1.00 35.64  ? 395 LEU A CD2 1 
ATOM   389 N  N   . ASP A 1 59  ? 16.809  2.101   -13.813 1.00 29.36  ? 396 ASP A N   1 
ATOM   390 C  CA  . ASP A 1 59  ? 17.127  1.140   -12.746 1.00 27.89  ? 396 ASP A CA  1 
ATOM   391 C  C   . ASP A 1 59  ? 16.151  -0.019  -12.720 1.00 30.80  ? 396 ASP A C   1 
ATOM   392 O  O   . ASP A 1 59  ? 16.271  -0.883  -11.837 1.00 31.92  ? 396 ASP A O   1 
ATOM   393 C  CB  . ASP A 1 59  ? 17.067  1.840   -11.388 1.00 29.54  ? 396 ASP A CB  1 
ATOM   394 C  CG  . ASP A 1 59  ? 18.087  2.927   -11.190 1.00 40.67  ? 396 ASP A CG  1 
ATOM   395 O  OD1 . ASP A 1 59  ? 19.292  2.651   -11.394 1.00 41.58  ? 396 ASP A OD1 1 
ATOM   396 O  OD2 . ASP A 1 59  ? 17.686  4.051   -10.801 1.00 41.61  ? 396 ASP A OD2 1 
ATOM   397 N  N   . ARG A 1 60  ? 15.148  -0.016  -13.635 1.00 26.92  ? 397 ARG A N   1 
ATOM   398 C  CA  . ARG A 1 60  ? 14.043  -0.998  -13.701 1.00 26.71  ? 397 ARG A CA  1 
ATOM   399 C  C   . ARG A 1 60  ? 13.301  -1.019  -12.345 1.00 29.35  ? 397 ARG A C   1 
ATOM   400 O  O   . ARG A 1 60  ? 12.973  -2.080  -11.802 1.00 27.81  ? 397 ARG A O   1 
ATOM   401 C  CB  . ARG A 1 60  ? 14.542  -2.411  -14.092 1.00 29.36  ? 397 ARG A CB  1 
ATOM   402 C  CG  . ARG A 1 60  ? 14.952  -2.525  -15.557 1.00 42.88  ? 397 ARG A CG  1 
ATOM   403 C  CD  . ARG A 1 60  ? 16.417  -2.916  -15.667 1.00 65.01  ? 397 ARG A CD  1 
ATOM   404 N  NE  . ARG A 1 60  ? 16.795  -3.277  -17.037 1.00 81.20  ? 397 ARG A NE  1 
ATOM   405 C  CZ  . ARG A 1 60  ? 17.204  -2.415  -17.965 1.00 94.84  ? 397 ARG A CZ  1 
ATOM   406 N  NH1 . ARG A 1 60  ? 17.524  -2.841  -19.179 1.00 84.24  ? 397 ARG A NH1 1 
ATOM   407 N  NH2 . ARG A 1 60  ? 17.288  -1.117  -17.686 1.00 77.34  ? 397 ARG A NH2 1 
ATOM   408 N  N   . LEU A 1 61  ? 13.159  0.167   -11.746 1.00 26.25  ? 398 LEU A N   1 
ATOM   409 C  CA  . LEU A 1 61  ? 12.537  0.276   -10.421 1.00 24.18  ? 398 LEU A CA  1 
ATOM   410 C  C   . LEU A 1 61  ? 11.127  0.831   -10.493 1.00 24.74  ? 398 LEU A C   1 
ATOM   411 O  O   . LEU A 1 61  ? 10.818  1.636   -11.374 1.00 22.31  ? 398 LEU A O   1 
ATOM   412 C  CB  . LEU A 1 61  ? 13.395  1.100   -9.460  1.00 24.14  ? 398 LEU A CB  1 
ATOM   413 C  CG  . LEU A 1 61  ? 14.687  0.432   -8.929  1.00 30.02  ? 398 LEU A CG  1 
ATOM   414 C  CD1 . LEU A 1 61  ? 15.481  1.401   -8.096  1.00 30.42  ? 398 LEU A CD1 1 
ATOM   415 C  CD2 . LEU A 1 61  ? 14.397  -0.866  -8.130  1.00 33.86  ? 398 LEU A CD2 1 
ATOM   416 N  N   . PHE A 1 62  ? 10.300  0.459   -9.506  1.00 22.29  ? 399 PHE A N   1 
ATOM   417 C  CA  . PHE A 1 62  ? 8.909   0.871   -9.442  1.00 22.54  ? 399 PHE A CA  1 
ATOM   418 C  C   . PHE A 1 62  ? 8.538   1.284   -8.027  1.00 26.23  ? 399 PHE A C   1 
ATOM   419 O  O   . PHE A 1 62  ? 9.001   0.687   -7.045  1.00 25.50  ? 399 PHE A O   1 
ATOM   420 C  CB  . PHE A 1 62  ? 7.990   -0.297  -9.857  1.00 24.53  ? 399 PHE A CB  1 
ATOM   421 C  CG  . PHE A 1 62  ? 8.131   -0.761  -11.292 1.00 26.09  ? 399 PHE A CG  1 
ATOM   422 C  CD1 . PHE A 1 62  ? 7.206   -0.375  -12.259 1.00 28.58  ? 399 PHE A CD1 1 
ATOM   423 C  CD2 . PHE A 1 62  ? 9.152   -1.638  -11.663 1.00 28.16  ? 399 PHE A CD2 1 
ATOM   424 C  CE1 . PHE A 1 62  ? 7.328   -0.812  -13.580 1.00 29.59  ? 399 PHE A CE1 1 
ATOM   425 C  CE2 . PHE A 1 62  ? 9.265   -2.081  -12.980 1.00 30.53  ? 399 PHE A CE2 1 
ATOM   426 C  CZ  . PHE A 1 62  ? 8.353   -1.661  -13.929 1.00 29.16  ? 399 PHE A CZ  1 
ATOM   427 N  N   . SER A 1 63  ? 7.670   2.289   -7.944  1.00 22.57  ? 400 SER A N   1 
ATOM   428 C  CA  . SER A 1 63  ? 7.031   2.743   -6.713  1.00 22.35  ? 400 SER A CA  1 
ATOM   429 C  C   . SER A 1 63  ? 5.549   2.966   -7.039  1.00 25.02  ? 400 SER A C   1 
ATOM   430 O  O   . SER A 1 63  ? 5.144   2.908   -8.203  1.00 24.08  ? 400 SER A O   1 
ATOM   431 C  CB  . SER A 1 63  ? 7.685   4.000   -6.139  1.00 22.35  ? 400 SER A CB  1 
ATOM   432 O  OG  . SER A 1 63  ? 7.034   4.376   -4.930  1.00 21.81  ? 400 SER A OG  1 
ATOM   433 N  N   . SER A 1 64  ? 4.739   3.130   -5.993  1.00 20.91  ? 401 SER A N   1 
ATOM   434 C  CA  . SER A 1 64  ? 3.333   3.375   -6.149  1.00 20.94  ? 401 SER A CA  1 
ATOM   435 C  C   . SER A 1 64  ? 2.887   4.291   -5.049  1.00 23.90  ? 401 SER A C   1 
ATOM   436 O  O   . SER A 1 64  ? 3.303   4.154   -3.896  1.00 22.04  ? 401 SER A O   1 
ATOM   437 C  CB  . SER A 1 64  ? 2.522   2.069   -6.131  1.00 22.13  ? 401 SER A CB  1 
ATOM   438 O  OG  . SER A 1 64  ? 1.157   2.344   -6.427  1.00 24.05  ? 401 SER A OG  1 
ATOM   439 N  N   . ILE A 1 65  ? 2.021   5.224   -5.413  1.00 21.68  ? 402 ILE A N   1 
ATOM   440 C  CA  . ILE A 1 65  ? 1.434   6.168   -4.467  1.00 20.82  ? 402 ILE A CA  1 
ATOM   441 C  C   . ILE A 1 65  ? -0.039  5.784   -4.424  1.00 24.28  ? 402 ILE A C   1 
ATOM   442 O  O   . ILE A 1 65  ? -0.693  5.782   -5.464  1.00 24.12  ? 402 ILE A O   1 
ATOM   443 C  CB  . ILE A 1 65  ? 1.599   7.646   -4.930  1.00 22.99  ? 402 ILE A CB  1 
ATOM   444 C  CG1 . ILE A 1 65  ? 3.093   8.040   -5.035  1.00 23.24  ? 402 ILE A CG1 1 
ATOM   445 C  CG2 . ILE A 1 65  ? 0.869   8.560   -3.942  1.00 20.71  ? 402 ILE A CG2 1 
ATOM   446 C  CD1 . ILE A 1 65  ? 3.333   9.373   -5.844  1.00 22.28  ? 402 ILE A CD1 1 
ATOM   447 N  N   . VAL A 1 66  ? -0.550  5.443   -3.239  1.00 21.42  ? 403 VAL A N   1 
ATOM   448 C  CA  . VAL A 1 66  ? -1.959  5.107   -3.100  1.00 20.90  ? 403 VAL A CA  1 
ATOM   449 C  C   . VAL A 1 66  ? -2.714  6.247   -2.394  1.00 24.49  ? 403 VAL A C   1 
ATOM   450 O  O   . VAL A 1 66  ? -2.252  6.783   -1.360  1.00 23.15  ? 403 VAL A O   1 
ATOM   451 C  CB  . VAL A 1 66  ? -2.197  3.710   -2.433  1.00 23.02  ? 403 VAL A CB  1 
ATOM   452 C  CG1 . VAL A 1 66  ? -1.696  3.669   -0.972  1.00 21.66  ? 403 VAL A CG1 1 
ATOM   453 C  CG2 . VAL A 1 66  ? -3.660  3.309   -2.525  1.00 22.75  ? 403 VAL A CG2 1 
ATOM   454 N  N   . THR A 1 67  ? -3.879  6.583   -2.938  1.00 22.39  ? 404 THR A N   1 
ATOM   455 C  CA  . THR A 1 67  ? -4.756  7.609   -2.365  1.00 23.86  ? 404 THR A CA  1 
ATOM   456 C  C   . THR A 1 67  ? -5.961  6.920   -1.756  1.00 27.95  ? 404 THR A C   1 
ATOM   457 O  O   . THR A 1 67  ? -6.684  6.187   -2.445  1.00 26.62  ? 404 THR A O   1 
ATOM   458 C  CB  . THR A 1 67  ? -5.137  8.664   -3.433  1.00 31.11  ? 404 THR A CB  1 
ATOM   459 O  OG1 . THR A 1 67  ? -3.922  9.232   -3.923  1.00 27.46  ? 404 THR A OG1 1 
ATOM   460 C  CG2 . THR A 1 67  ? -6.039  9.787   -2.868  1.00 28.57  ? 404 THR A CG2 1 
ATOM   461 N  N   . VAL A 1 68  ? -6.160  7.159   -0.461  1.00 24.79  ? 405 VAL A N   1 
ATOM   462 C  CA  . VAL A 1 68  ? -7.275  6.645   0.336   1.00 24.94  ? 405 VAL A CA  1 
ATOM   463 C  C   . VAL A 1 68  ? -7.788  7.837   1.166   1.00 29.20  ? 405 VAL A C   1 
ATOM   464 O  O   . VAL A 1 68  ? -6.999  8.502   1.837   1.00 26.65  ? 405 VAL A O   1 
ATOM   465 C  CB  . VAL A 1 68  ? -6.838  5.433   1.211   1.00 28.83  ? 405 VAL A CB  1 
ATOM   466 C  CG1 . VAL A 1 68  ? -7.881  5.110   2.291   1.00 29.68  ? 405 VAL A CG1 1 
ATOM   467 C  CG2 . VAL A 1 68  ? -6.534  4.194   0.353   1.00 28.03  ? 405 VAL A CG2 1 
ATOM   468 N  N   . ALA A 1 69  ? -9.103  8.126   1.081   1.00 28.74  ? 406 ALA A N   1 
ATOM   469 C  CA  . ALA A 1 69  ? -9.749  9.242   1.804   1.00 29.88  ? 406 ALA A CA  1 
ATOM   470 C  C   . ALA A 1 69  ? -8.944  10.554  1.666   1.00 32.65  ? 406 ALA A C   1 
ATOM   471 O  O   . ALA A 1 69  ? -8.593  11.190  2.661   1.00 32.27  ? 406 ALA A O   1 
ATOM   472 C  CB  . ALA A 1 69  ? -9.980  8.874   3.266   1.00 30.79  ? 406 ALA A CB  1 
ATOM   473 N  N   . GLU A 1 70  ? -8.600  10.904  0.396   1.00 30.58  ? 407 GLU A N   1 
ATOM   474 C  CA  . GLU A 1 70  ? -7.867  12.114  -0.024  1.00 31.12  ? 407 GLU A CA  1 
ATOM   475 C  C   . GLU A 1 70  ? -6.389  12.161  0.407   1.00 33.99  ? 407 GLU A C   1 
ATOM   476 O  O   . GLU A 1 70  ? -5.706  13.136  0.079   1.00 34.98  ? 407 GLU A O   1 
ATOM   477 C  CB  . GLU A 1 70  ? -8.585  13.422  0.430   1.00 33.31  ? 407 GLU A CB  1 
ATOM   478 C  CG  . GLU A 1 70  ? -10.105 13.457  0.270   1.00 46.43  ? 407 GLU A CG  1 
ATOM   479 C  CD  . GLU A 1 70  ? -10.672 13.587  -1.131  1.00 79.55  ? 407 GLU A CD  1 
ATOM   480 O  OE1 . GLU A 1 70  ? -9.913  13.935  -2.067  1.00 81.61  ? 407 GLU A OE1 1 
ATOM   481 O  OE2 . GLU A 1 70  ? -11.892 13.352  -1.288  1.00 80.99  ? 407 GLU A OE2 1 
ATOM   482 N  N   . GLN A 1 71  ? -5.891  11.135  1.130   1.00 27.32  ? 408 GLN A N   1 
ATOM   483 C  CA  . GLN A 1 71  ? -4.497  11.105  1.591   1.00 25.23  ? 408 GLN A CA  1 
ATOM   484 C  C   . GLN A 1 71  ? -3.632  10.170  0.736   1.00 26.28  ? 408 GLN A C   1 
ATOM   485 O  O   . GLN A 1 71  ? -4.011  9.016   0.514   1.00 23.30  ? 408 GLN A O   1 
ATOM   486 C  CB  . GLN A 1 71  ? -4.437  10.671  3.072   1.00 25.84  ? 408 GLN A CB  1 
ATOM   487 C  CG  . GLN A 1 71  ? -3.031  10.592  3.656   1.00 28.16  ? 408 GLN A CG  1 
ATOM   488 C  CD  . GLN A 1 71  ? -2.347  11.925  3.785   1.00 31.63  ? 408 GLN A CD  1 
ATOM   489 O  OE1 . GLN A 1 71  ? -2.718  12.758  4.611   1.00 29.20  ? 408 GLN A OE1 1 
ATOM   490 N  NE2 . GLN A 1 71  ? -1.311  12.137  3.004   1.00 26.29  ? 408 GLN A NE2 1 
ATOM   491 N  N   . LYS A 1 72  ? -2.450  10.660  0.330   1.00 22.04  ? 409 LYS A N   1 
ATOM   492 C  CA  . LYS A 1 72  ? -1.464  9.906   -0.435  1.00 20.76  ? 409 LYS A CA  1 
ATOM   493 C  C   . LYS A 1 72  ? -0.538  9.172   0.517   1.00 24.15  ? 409 LYS A C   1 
ATOM   494 O  O   . LYS A 1 72  ? -0.049  9.742   1.515   1.00 23.12  ? 409 LYS A O   1 
ATOM   495 C  CB  . LYS A 1 72  ? -0.609  10.826  -1.330  1.00 22.17  ? 409 LYS A CB  1 
ATOM   496 C  CG  . LYS A 1 72  ? -1.358  11.533  -2.450  1.00 29.27  ? 409 LYS A CG  1 
ATOM   497 C  CD  . LYS A 1 72  ? -0.444  12.624  -2.984  1.00 31.33  ? 409 LYS A CD  1 
ATOM   498 C  CE  . LYS A 1 72  ? -1.171  13.661  -3.776  1.00 38.66  ? 409 LYS A CE  1 
ATOM   499 N  NZ  . LYS A 1 72  ? -1.620  13.117  -5.087  1.00 45.85  ? 409 LYS A NZ  1 
ATOM   500 N  N   . TYR A 1 73  ? -0.248  7.919   0.168   1.00 21.05  ? 410 TYR A N   1 
ATOM   501 C  CA  . TYR A 1 73  ? 0.660   7.059   0.930   1.00 20.79  ? 410 TYR A CA  1 
ATOM   502 C  C   . TYR A 1 73  ? 1.640   6.428   -0.049  1.00 23.52  ? 410 TYR A C   1 
ATOM   503 O  O   . TYR A 1 73  ? 1.249   6.066   -1.171  1.00 22.03  ? 410 TYR A O   1 
ATOM   504 C  CB  . TYR A 1 73  ? -0.105  5.928   1.602   1.00 21.11  ? 410 TYR A CB  1 
ATOM   505 C  CG  . TYR A 1 73  ? -1.141  6.398   2.589   1.00 22.40  ? 410 TYR A CG  1 
ATOM   506 C  CD1 . TYR A 1 73  ? -0.825  6.554   3.937   1.00 23.79  ? 410 TYR A CD1 1 
ATOM   507 C  CD2 . TYR A 1 73  ? -2.444  6.679   2.180   1.00 21.89  ? 410 TYR A CD2 1 
ATOM   508 C  CE1 . TYR A 1 73  ? -1.778  6.988   4.858   1.00 26.01  ? 410 TYR A CE1 1 
ATOM   509 C  CE2 . TYR A 1 73  ? -3.403  7.128   3.094   1.00 22.00  ? 410 TYR A CE2 1 
ATOM   510 C  CZ  . TYR A 1 73  ? -3.069  7.258   4.433   1.00 25.91  ? 410 TYR A CZ  1 
ATOM   511 O  OH  . TYR A 1 73  ? -3.994  7.682   5.353   1.00 27.13  ? 410 TYR A OH  1 
ATOM   512 N  N   . GLN A 1 74  ? 2.875   6.229   0.398   1.00 20.86  ? 411 GLN A N   1 
ATOM   513 C  CA  . GLN A 1 74  ? 3.901   5.628   -0.465  1.00 19.74  ? 411 GLN A CA  1 
ATOM   514 C  C   . GLN A 1 74  ? 5.033   5.081   0.374   1.00 21.77  ? 411 GLN A C   1 
ATOM   515 O  O   . GLN A 1 74  ? 5.385   5.675   1.399   1.00 19.47  ? 411 GLN A O   1 
ATOM   516 C  CB  . GLN A 1 74  ? 4.459   6.721   -1.410  1.00 20.27  ? 411 GLN A CB  1 
ATOM   517 C  CG  . GLN A 1 74  ? 5.460   6.226   -2.451  1.00 21.44  ? 411 GLN A CG  1 
ATOM   518 C  CD  . GLN A 1 74  ? 5.995   7.392   -3.250  1.00 24.51  ? 411 GLN A CD  1 
ATOM   519 O  OE1 . GLN A 1 74  ? 6.029   8.542   -2.769  1.00 23.45  ? 411 GLN A OE1 1 
ATOM   520 N  NE2 . GLN A 1 74  ? 6.440   7.119   -4.473  1.00 23.98  ? 411 GLN A NE2 1 
ATOM   521 N  N   . SER A 1 75  ? 5.633   3.964   -0.058  1.00 18.93  ? 412 SER A N   1 
ATOM   522 C  CA  . SER A 1 75  ? 6.821   3.460   0.644   1.00 18.59  ? 412 SER A CA  1 
ATOM   523 C  C   . SER A 1 75  ? 8.004   4.397   0.379   1.00 23.38  ? 412 SER A C   1 
ATOM   524 O  O   . SER A 1 75  ? 8.042   5.032   -0.666  1.00 23.00  ? 412 SER A O   1 
ATOM   525 C  CB  . SER A 1 75  ? 7.205   2.077   0.123   1.00 21.98  ? 412 SER A CB  1 
ATOM   526 O  OG  . SER A 1 75  ? 8.288   1.564   0.884   1.00 23.36  ? 412 SER A OG  1 
ATOM   527 N  N   . THR A 1 76  ? 9.007   4.432   1.284   1.00 21.73  ? 413 THR A N   1 
ATOM   528 C  CA  . THR A 1 76  ? 10.253  5.166   1.032   1.00 22.51  ? 413 THR A CA  1 
ATOM   529 C  C   . THR A 1 76  ? 11.157  4.305   0.115   1.00 26.62  ? 413 THR A C   1 
ATOM   530 O  O   . THR A 1 76  ? 12.148  4.800   -0.415  1.00 27.37  ? 413 THR A O   1 
ATOM   531 C  CB  . THR A 1 76  ? 11.020  5.449   2.354   1.00 24.60  ? 413 THR A CB  1 
ATOM   532 O  OG1 . THR A 1 76  ? 11.296  4.194   2.982   1.00 24.47  ? 413 THR A OG1 1 
ATOM   533 C  CG2 . THR A 1 76  ? 10.259  6.349   3.317   1.00 25.20  ? 413 THR A CG2 1 
ATOM   534 N  N   . LEU A 1 77  ? 10.837  3.012   -0.025  1.00 24.03  ? 414 LEU A N   1 
ATOM   535 C  CA  . LEU A 1 77  ? 11.618  2.029   -0.789  1.00 24.48  ? 414 LEU A CA  1 
ATOM   536 C  C   . LEU A 1 77  ? 11.073  1.758   -2.189  1.00 29.13  ? 414 LEU A C   1 
ATOM   537 O  O   . LEU A 1 77  ? 9.867   1.876   -2.413  1.00 28.80  ? 414 LEU A O   1 
ATOM   538 C  CB  . LEU A 1 77  ? 11.719  0.698   -0.012  1.00 25.19  ? 414 LEU A CB  1 
ATOM   539 C  CG  . LEU A 1 77  ? 12.233  0.766   1.448   1.00 30.51  ? 414 LEU A CG  1 
ATOM   540 C  CD1 . LEU A 1 77  ? 12.167  -0.633  2.114   1.00 30.54  ? 414 LEU A CD1 1 
ATOM   541 C  CD2 . LEU A 1 77  ? 13.650  1.365   1.525   1.00 32.28  ? 414 LEU A CD2 1 
ATOM   542 N  N   . TRP A 1 78  ? 11.977  1.362   -3.118  1.00 25.24  ? 415 TRP A N   1 
ATOM   543 C  CA  . TRP A 1 78  ? 11.627  1.009   -4.493  1.00 25.82  ? 415 TRP A CA  1 
ATOM   544 C  C   . TRP A 1 78  ? 11.504  -0.500  -4.623  1.00 30.54  ? 415 TRP A C   1 
ATOM   545 O  O   . TRP A 1 78  ? 12.163  -1.250  -3.880  1.00 30.80  ? 415 TRP A O   1 
ATOM   546 C  CB  . TRP A 1 78  ? 12.675  1.542   -5.475  1.00 25.05  ? 415 TRP A CB  1 
ATOM   547 C  CG  . TRP A 1 78  ? 12.710  3.037   -5.575  1.00 25.90  ? 415 TRP A CG  1 
ATOM   548 C  CD1 . TRP A 1 78  ? 13.483  3.887   -4.836  1.00 29.11  ? 415 TRP A CD1 1 
ATOM   549 C  CD2 . TRP A 1 78  ? 11.985  3.858   -6.502  1.00 25.21  ? 415 TRP A CD2 1 
ATOM   550 N  NE1 . TRP A 1 78  ? 13.320  5.178   -5.279  1.00 28.74  ? 415 TRP A NE1 1 
ATOM   551 C  CE2 . TRP A 1 78  ? 12.393  5.194   -6.284  1.00 30.02  ? 415 TRP A CE2 1 
ATOM   552 C  CE3 . TRP A 1 78  ? 11.064  3.591   -7.530  1.00 25.39  ? 415 TRP A CE3 1 
ATOM   553 C  CZ2 . TRP A 1 78  ? 11.878  6.266   -7.026  1.00 28.88  ? 415 TRP A CZ2 1 
ATOM   554 C  CZ3 . TRP A 1 78  ? 10.564  4.654   -8.271  1.00 27.01  ? 415 TRP A CZ3 1 
ATOM   555 C  CH2 . TRP A 1 78  ? 10.966  5.973   -8.013  1.00 27.50  ? 415 TRP A CH2 1 
ATOM   556 N  N   . ASP A 1 79  ? 10.658  -0.933  -5.559  1.00 26.61  ? 416 ASP A N   1 
ATOM   557 C  CA  . ASP A 1 79  ? 10.365  -2.324  -5.861  1.00 27.56  ? 416 ASP A CA  1 
ATOM   558 C  C   . ASP A 1 79  ? 10.755  -2.722  -7.291  1.00 30.10  ? 416 ASP A C   1 
ATOM   559 O  O   . ASP A 1 79  ? 11.013  -1.854  -8.129  1.00 27.12  ? 416 ASP A O   1 
ATOM   560 C  CB  . ASP A 1 79  ? 8.878   -2.614  -5.594  1.00 30.00  ? 416 ASP A CB  1 
ATOM   561 C  CG  . ASP A 1 79  ? 8.606   -2.729  -4.111  1.00 42.68  ? 416 ASP A CG  1 
ATOM   562 O  OD1 . ASP A 1 79  ? 9.011   -3.767  -3.513  1.00 45.88  ? 416 ASP A OD1 1 
ATOM   563 O  OD2 . ASP A 1 79  ? 8.009   -1.759  -3.527  1.00 36.74  ? 416 ASP A OD2 1 
ATOM   564 N  N   . LYS A 1 80  ? 10.761  -4.045  -7.561  1.00 27.66  ? 417 LYS A N   1 
ATOM   565 C  CA  . LYS A 1 80  ? 11.133  -4.609  -8.860  1.00 28.54  ? 417 LYS A CA  1 
ATOM   566 C  C   . LYS A 1 80  ? 9.963   -4.729  -9.846  1.00 32.19  ? 417 LYS A C   1 
ATOM   567 O  O   . LYS A 1 80  ? 10.183  -5.083  -10.994 1.00 32.35  ? 417 LYS A O   1 
ATOM   568 C  CB  . LYS A 1 80  ? 11.863  -5.970  -8.675  1.00 32.62  ? 417 LYS A CB  1 
ATOM   569 C  CG  . LYS A 1 80  ? 13.237  -5.881  -7.963  1.00 48.49  ? 417 LYS A CG  1 
ATOM   570 C  CD  . LYS A 1 80  ? 14.169  -4.708  -8.401  1.00 60.13  ? 417 LYS A CD  1 
ATOM   571 C  CE  . LYS A 1 80  ? 14.810  -4.859  -9.770  1.00 70.95  ? 417 LYS A CE  1 
ATOM   572 N  NZ  . LYS A 1 80  ? 15.652  -3.681  -10.123 1.00 72.71  ? 417 LYS A NZ  1 
ATOM   573 N  N   . SER A 1 81  ? 8.721   -4.465  -9.399  1.00 27.22  ? 418 SER A N   1 
ATOM   574 C  CA  . SER A 1 81  ? 7.535   -4.499  -10.255 1.00 26.70  ? 418 SER A CA  1 
ATOM   575 C  C   . SER A 1 81  ? 6.458   -3.556  -9.716  1.00 29.07  ? 418 SER A C   1 
ATOM   576 O  O   . SER A 1 81  ? 6.484   -3.188  -8.531  1.00 26.42  ? 418 SER A O   1 
ATOM   577 C  CB  . SER A 1 81  ? 6.972   -5.918  -10.377 1.00 28.73  ? 418 SER A CB  1 
ATOM   578 O  OG  . SER A 1 81  ? 6.369   -6.345  -9.162  1.00 29.87  ? 418 SER A OG  1 
ATOM   579 N  N   . LYS A 1 82  ? 5.512   -3.192  -10.592 1.00 26.90  ? 419 LYS A N   1 
ATOM   580 C  CA  . LYS A 1 82  ? 4.343   -2.377  -10.262 1.00 26.42  ? 419 LYS A CA  1 
ATOM   581 C  C   . LYS A 1 82  ? 3.519   -3.105  -9.177  1.00 31.63  ? 419 LYS A C   1 
ATOM   582 O  O   . LYS A 1 82  ? 3.177   -2.497  -8.164  1.00 29.13  ? 419 LYS A O   1 
ATOM   583 C  CB  . LYS A 1 82  ? 3.503   -2.142  -11.522 1.00 27.74  ? 419 LYS A CB  1 
ATOM   584 C  CG  . LYS A 1 82  ? 2.171   -1.428  -11.278 1.00 32.19  ? 419 LYS A CG  1 
ATOM   585 C  CD  . LYS A 1 82  ? 1.377   -1.273  -12.565 1.00 32.27  ? 419 LYS A CD  1 
ATOM   586 C  CE  . LYS A 1 82  ? -0.071  -0.991  -12.287 1.00 42.24  ? 419 LYS A CE  1 
ATOM   587 N  NZ  . LYS A 1 82  ? -0.785  -0.496  -13.489 1.00 47.11  ? 419 LYS A NZ  1 
ATOM   588 N  N   . LYS A 1 83  ? 3.225   -4.403  -9.388  1.00 29.78  ? 420 LYS A N   1 
ATOM   589 C  CA  . LYS A 1 83  ? 2.460   -5.220  -8.443  1.00 29.98  ? 420 LYS A CA  1 
ATOM   590 C  C   . LYS A 1 83  ? 3.060   -5.172  -7.030  1.00 31.08  ? 420 LYS A C   1 
ATOM   591 O  O   . LYS A 1 83  ? 2.329   -4.895  -6.075  1.00 30.95  ? 420 LYS A O   1 
ATOM   592 C  CB  . LYS A 1 83  ? 2.338   -6.674  -8.935  1.00 33.49  ? 420 LYS A CB  1 
ATOM   593 C  CG  . LYS A 1 83  ? 1.200   -6.897  -9.923  1.00 50.71  ? 420 LYS A CG  1 
ATOM   594 C  CD  . LYS A 1 83  ? 1.218   -8.326  -10.448 1.00 62.50  ? 420 LYS A CD  1 
ATOM   595 C  CE  . LYS A 1 83  ? 0.092   -8.609  -11.409 1.00 70.33  ? 420 LYS A CE  1 
ATOM   596 N  NZ  . LYS A 1 83  ? 0.131   -10.017 -11.884 1.00 75.67  ? 420 LYS A NZ  1 
ATOM   597 N  N   . LEU A 1 84  ? 4.384   -5.395  -6.908  1.00 26.04  ? 421 LEU A N   1 
ATOM   598 C  CA  . LEU A 1 84  ? 5.076   -5.369  -5.628  1.00 26.18  ? 421 LEU A CA  1 
ATOM   599 C  C   . LEU A 1 84  ? 5.028   -3.973  -4.984  1.00 28.12  ? 421 LEU A C   1 
ATOM   600 O  O   . LEU A 1 84  ? 4.815   -3.869  -3.772  1.00 24.72  ? 421 LEU A O   1 
ATOM   601 C  CB  . LEU A 1 84  ? 6.520   -5.874  -5.752  1.00 26.54  ? 421 LEU A CB  1 
ATOM   602 C  CG  . LEU A 1 84  ? 6.688   -7.393  -6.010  1.00 32.28  ? 421 LEU A CG  1 
ATOM   603 C  CD1 . LEU A 1 84  ? 8.140   -7.732  -6.362  1.00 32.80  ? 421 LEU A CD1 1 
ATOM   604 C  CD2 . LEU A 1 84  ? 6.195   -8.233  -4.811  1.00 34.93  ? 421 LEU A CD2 1 
ATOM   605 N  N   . ALA A 1 85  ? 5.193   -2.916  -5.808  1.00 24.23  ? 422 ALA A N   1 
ATOM   606 C  CA  . ALA A 1 85  ? 5.140   -1.533  -5.339  1.00 23.38  ? 422 ALA A CA  1 
ATOM   607 C  C   . ALA A 1 85  ? 3.754   -1.200  -4.763  1.00 23.72  ? 422 ALA A C   1 
ATOM   608 O  O   . ALA A 1 85  ? 3.654   -0.521  -3.745  1.00 23.25  ? 422 ALA A O   1 
ATOM   609 C  CB  . ALA A 1 85  ? 5.480   -0.576  -6.484  1.00 24.40  ? 422 ALA A CB  1 
ATOM   610 N  N   . GLU A 1 86  ? 2.692   -1.692  -5.404  1.00 22.32  ? 423 GLU A N   1 
ATOM   611 C  CA  . GLU A 1 86  ? 1.314   -1.459  -4.979  1.00 21.58  ? 423 GLU A CA  1 
ATOM   612 C  C   . GLU A 1 86  ? 1.026   -2.127  -3.640  1.00 24.75  ? 423 GLU A C   1 
ATOM   613 O  O   . GLU A 1 86  ? 0.372   -1.520  -2.792  1.00 22.55  ? 423 GLU A O   1 
ATOM   614 C  CB  . GLU A 1 86  ? 0.345   -1.908  -6.059  1.00 22.65  ? 423 GLU A CB  1 
ATOM   615 C  CG  . GLU A 1 86  ? 0.342   -0.966  -7.254  1.00 26.42  ? 423 GLU A CG  1 
ATOM   616 C  CD  . GLU A 1 86  ? -0.641  -1.359  -8.330  1.00 36.96  ? 423 GLU A CD  1 
ATOM   617 O  OE1 . GLU A 1 86  ? -1.152  -2.500  -8.288  1.00 27.42  ? 423 GLU A OE1 1 
ATOM   618 O  OE2 . GLU A 1 86  ? -0.928  -0.512  -9.200  1.00 28.46  ? 423 GLU A OE2 1 
ATOM   619 N  N   . GLN A 1 87  ? 1.592   -3.333  -3.420  1.00 23.50  ? 424 GLN A N   1 
ATOM   620 C  CA  . GLN A 1 87  ? 1.443   -4.032  -2.124  1.00 23.53  ? 424 GLN A CA  1 
ATOM   621 C  C   . GLN A 1 87  ? 2.160   -3.208  -1.028  1.00 25.18  ? 424 GLN A C   1 
ATOM   622 O  O   . GLN A 1 87  ? 1.588   -2.988  0.044   1.00 23.59  ? 424 GLN A O   1 
ATOM   623 C  CB  . GLN A 1 87  ? 1.975   -5.474  -2.200  1.00 24.57  ? 424 GLN A CB  1 
ATOM   624 C  CG  . GLN A 1 87  ? 1.243   -6.355  -3.219  1.00 28.15  ? 424 GLN A CG  1 
ATOM   625 C  CD  . GLN A 1 87  ? -0.200  -6.658  -2.874  1.00 36.19  ? 424 GLN A CD  1 
ATOM   626 O  OE1 . GLN A 1 87  ? -0.690  -6.369  -1.780  1.00 30.11  ? 424 GLN A OE1 1 
ATOM   627 N  NE2 . GLN A 1 87  ? -0.925  -7.231  -3.831  1.00 34.45  ? 424 GLN A NE2 1 
ATOM   628 N  N   . ALA A 1 88  ? 3.356   -2.665  -1.338  1.00 23.15  ? 425 ALA A N   1 
ATOM   629 C  CA  . ALA A 1 88  ? 4.094   -1.806  -0.400  1.00 22.07  ? 425 ALA A CA  1 
ATOM   630 C  C   . ALA A 1 88  ? 3.250   -0.571  -0.047  1.00 22.85  ? 425 ALA A C   1 
ATOM   631 O  O   . ALA A 1 88  ? 3.070   -0.254  1.138   1.00 20.98  ? 425 ALA A O   1 
ATOM   632 C  CB  . ALA A 1 88  ? 5.446   -1.399  -0.989  1.00 22.63  ? 425 ALA A CB  1 
ATOM   633 N  N   . ALA A 1 89  ? 2.691   0.095   -1.064  1.00 21.52  ? 426 ALA A N   1 
ATOM   634 C  CA  . ALA A 1 89  ? 1.859   1.301   -0.874  1.00 21.65  ? 426 ALA A CA  1 
ATOM   635 C  C   . ALA A 1 89  ? 0.636   0.986   0.027   1.00 25.82  ? 426 ALA A C   1 
ATOM   636 O  O   . ALA A 1 89  ? 0.368   1.727   0.977   1.00 23.68  ? 426 ALA A O   1 
ATOM   637 C  CB  . ALA A 1 89  ? 1.437   1.860   -2.233  1.00 21.61  ? 426 ALA A CB  1 
ATOM   638 N  N   . ALA A 1 90  ? -0.010  -0.186  -0.193  1.00 23.37  ? 427 ALA A N   1 
ATOM   639 C  CA  . ALA A 1 90  ? -1.137  -0.641  0.645   1.00 23.20  ? 427 ALA A CA  1 
ATOM   640 C  C   . ALA A 1 90  ? -0.683  -0.835  2.104   1.00 23.98  ? 427 ALA A C   1 
ATOM   641 O  O   . ALA A 1 90  ? -1.361  -0.351  2.998   1.00 22.27  ? 427 ALA A O   1 
ATOM   642 C  CB  . ALA A 1 90  ? -1.735  -1.930  0.077   1.00 23.92  ? 427 ALA A CB  1 
ATOM   643 N  N   . ILE A 1 91  ? 0.495   -1.482  2.338   1.00 21.98  ? 428 ILE A N   1 
ATOM   644 C  CA  . ILE A 1 91  ? 1.061   -1.677  3.674   1.00 22.12  ? 428 ILE A CA  1 
ATOM   645 C  C   . ILE A 1 91  ? 1.243   -0.316  4.343   1.00 25.19  ? 428 ILE A C   1 
ATOM   646 O  O   . ILE A 1 91  ? 0.822   -0.153  5.475   1.00 24.30  ? 428 ILE A O   1 
ATOM   647 C  CB  . ILE A 1 91  ? 2.388   -2.486  3.683   1.00 24.37  ? 428 ILE A CB  1 
ATOM   648 C  CG1 . ILE A 1 91  ? 2.176   -3.931  3.211   1.00 24.25  ? 428 ILE A CG1 1 
ATOM   649 C  CG2 . ILE A 1 91  ? 3.037   -2.471  5.091   1.00 24.22  ? 428 ILE A CG2 1 
ATOM   650 C  CD1 . ILE A 1 91  ? 3.466   -4.657  2.731   1.00 27.01  ? 428 ILE A CD1 1 
ATOM   651 N  N   . VAL A 1 92  ? 1.854   0.660   3.647   1.00 20.98  ? 429 VAL A N   1 
ATOM   652 C  CA  . VAL A 1 92  ? 2.043   1.993   4.246   1.00 19.63  ? 429 VAL A CA  1 
ATOM   653 C  C   . VAL A 1 92  ? 0.702   2.565   4.703   1.00 21.56  ? 429 VAL A C   1 
ATOM   654 O  O   . VAL A 1 92  ? 0.617   3.087   5.812   1.00 21.22  ? 429 VAL A O   1 
ATOM   655 C  CB  . VAL A 1 92  ? 2.786   2.985   3.325   1.00 22.13  ? 429 VAL A CB  1 
ATOM   656 C  CG1 . VAL A 1 92  ? 2.906   4.356   3.990   1.00 21.64  ? 429 VAL A CG1 1 
ATOM   657 C  CG2 . VAL A 1 92  ? 4.179   2.448   2.955   1.00 21.65  ? 429 VAL A CG2 1 
ATOM   658 N  N   . CYS A 1 93  ? -0.320  2.493   3.824   1.00 20.65  ? 430 CYS A N   1 
ATOM   659 C  CA  . CYS A 1 93  ? -1.632  3.009   4.137   1.00 21.18  ? 430 CYS A CA  1 
ATOM   660 C  C   . CYS A 1 93  ? -2.200  2.382   5.406   1.00 23.57  ? 430 CYS A C   1 
ATOM   661 O  O   . CYS A 1 93  ? -2.626  3.108   6.308   1.00 22.59  ? 430 CYS A O   1 
ATOM   662 C  CB  . CYS A 1 93  ? -2.589  2.854   2.963   1.00 22.40  ? 430 CYS A CB  1 
ATOM   663 S  SG  . CYS A 1 93  ? -4.207  3.571   3.289   1.00 26.36  ? 430 CYS A SG  1 
ATOM   664 N  N   . LEU A 1 94  ? -2.192  1.039   5.481   1.00 21.89  ? 431 LEU A N   1 
ATOM   665 C  CA  . LEU A 1 94  ? -2.696  0.315   6.658   1.00 22.03  ? 431 LEU A CA  1 
ATOM   666 C  C   . LEU A 1 94  ? -1.849  0.535   7.920   1.00 24.56  ? 431 LEU A C   1 
ATOM   667 O  O   . LEU A 1 94  ? -2.373  0.908   8.976   1.00 23.14  ? 431 LEU A O   1 
ATOM   668 C  CB  . LEU A 1 94  ? -2.804  -1.184  6.349   1.00 22.52  ? 431 LEU A CB  1 
ATOM   669 C  CG  . LEU A 1 94  ? -3.809  -1.545  5.238   1.00 26.90  ? 431 LEU A CG  1 
ATOM   670 C  CD1 . LEU A 1 94  ? -3.491  -2.878  4.634   1.00 28.23  ? 431 LEU A CD1 1 
ATOM   671 C  CD2 . LEU A 1 94  ? -5.266  -1.443  5.751   1.00 30.36  ? 431 LEU A CD2 1 
ATOM   672 N  N   . ARG A 1 95  ? -0.553  0.278   7.812   1.00 21.59  ? 432 ARG A N   1 
ATOM   673 C  CA  . ARG A 1 95  ? 0.368   0.358   8.944   1.00 23.26  ? 432 ARG A CA  1 
ATOM   674 C  C   . ARG A 1 95  ? 0.466   1.746   9.564   1.00 24.11  ? 432 ARG A C   1 
ATOM   675 O  O   . ARG A 1 95  ? 0.478   1.863   10.790  1.00 23.28  ? 432 ARG A O   1 
ATOM   676 C  CB  . ARG A 1 95  ? 1.737   -0.174  8.531   1.00 25.40  ? 432 ARG A CB  1 
ATOM   677 C  CG  . ARG A 1 95  ? 2.700   -0.406  9.660   1.00 33.31  ? 432 ARG A CG  1 
ATOM   678 C  CD  . ARG A 1 95  ? 3.940   -1.089  9.121   1.00 31.28  ? 432 ARG A CD  1 
ATOM   679 N  NE  . ARG A 1 95  ? 3.688   -2.453  8.652   1.00 31.85  ? 432 ARG A NE  1 
ATOM   680 C  CZ  . ARG A 1 95  ? 4.634   -3.250  8.163   1.00 45.90  ? 432 ARG A CZ  1 
ATOM   681 N  NH1 . ARG A 1 95  ? 5.883   -2.817  8.048   1.00 32.63  ? 432 ARG A NH1 1 
ATOM   682 N  NH2 . ARG A 1 95  ? 4.333   -4.478  7.756   1.00 35.50  ? 432 ARG A NH2 1 
ATOM   683 N  N   . SER A 1 96  ? 0.523   2.796   8.742   1.00 20.96  ? 433 SER A N   1 
ATOM   684 C  CA  . SER A 1 96  ? 0.630   4.164   9.266   1.00 20.91  ? 433 SER A CA  1 
ATOM   685 C  C   . SER A 1 96  ? -0.604  4.551   10.067  1.00 24.23  ? 433 SER A C   1 
ATOM   686 O  O   . SER A 1 96  ? -0.497  5.337   10.986  1.00 24.61  ? 433 SER A O   1 
ATOM   687 C  CB  . SER A 1 96  ? 0.889   5.183   8.158   1.00 21.63  ? 433 SER A CB  1 
ATOM   688 O  OG  . SER A 1 96  ? -0.242  5.342   7.324   1.00 25.63  ? 433 SER A OG  1 
ATOM   689 N  N   . GLN A 1 97  ? -1.750  3.945   9.757   1.00 23.03  ? 434 GLN A N   1 
ATOM   690 C  CA  . GLN A 1 97  ? -3.025  4.188   10.433  1.00 24.09  ? 434 GLN A CA  1 
ATOM   691 C  C   . GLN A 1 97  ? -3.254  3.244   11.620  1.00 27.52  ? 434 GLN A C   1 
ATOM   692 O  O   . GLN A 1 97  ? -4.274  3.350   12.316  1.00 27.50  ? 434 GLN A O   1 
ATOM   693 C  CB  . GLN A 1 97  ? -4.158  4.066   9.415   1.00 25.70  ? 434 GLN A CB  1 
ATOM   694 C  CG  . GLN A 1 97  ? -4.157  5.183   8.386   1.00 26.62  ? 434 GLN A CG  1 
ATOM   695 C  CD  . GLN A 1 97  ? -5.416  5.094   7.579   1.00 32.68  ? 434 GLN A CD  1 
ATOM   696 O  OE1 . GLN A 1 97  ? -6.455  5.622   7.977   1.00 28.45  ? 434 GLN A OE1 1 
ATOM   697 N  NE2 . GLN A 1 97  ? -5.354  4.408   6.443   1.00 26.97  ? 434 GLN A NE2 1 
ATOM   698 N  N   . GLY A 1 98  ? -2.317  2.323   11.827  1.00 24.60  ? 435 GLY A N   1 
ATOM   699 C  CA  . GLY A 1 98  ? -2.389  1.341   12.908  1.00 26.01  ? 435 GLY A CA  1 
ATOM   700 C  C   . GLY A 1 98  ? -3.409  0.243   12.664  1.00 30.04  ? 435 GLY A C   1 
ATOM   701 O  O   . GLY A 1 98  ? -3.813  -0.430  13.611  1.00 30.50  ? 435 GLY A O   1 
ATOM   702 N  N   . LEU A 1 99  ? -3.821  0.044   11.386  1.00 24.45  ? 436 LEU A N   1 
ATOM   703 C  CA  . LEU A 1 99  ? -4.812  -0.948  10.974  1.00 25.19  ? 436 LEU A CA  1 
ATOM   704 C  C   . LEU A 1 99  ? -4.225  -2.360  10.801  1.00 31.16  ? 436 LEU A C   1 
ATOM   705 O  O   . LEU A 1 99  ? -3.042  -2.498  10.455  1.00 29.93  ? 436 LEU A O   1 
ATOM   706 C  CB  . LEU A 1 99  ? -5.523  -0.519  9.661   1.00 24.41  ? 436 LEU A CB  1 
ATOM   707 C  CG  . LEU A 1 99  ? -6.377  0.754   9.761   1.00 29.64  ? 436 LEU A CG  1 
ATOM   708 C  CD1 . LEU A 1 99  ? -6.658  1.344   8.376   1.00 29.97  ? 436 LEU A CD1 1 
ATOM   709 C  CD2 . LEU A 1 99  ? -7.669  0.499   10.563  1.00 29.70  ? 436 LEU A CD2 1 
ATOM   710 N  N   . PRO A 1 100 ? -5.052  -3.420  10.975  1.00 32.36  ? 437 PRO A N   1 
ATOM   711 C  CA  . PRO A 1 100 ? -4.561  -4.783  10.705  1.00 33.33  ? 437 PRO A CA  1 
ATOM   712 C  C   . PRO A 1 100 ? -4.233  -4.905  9.208   1.00 37.12  ? 437 PRO A C   1 
ATOM   713 O  O   . PRO A 1 100 ? -4.920  -4.313  8.367   1.00 34.78  ? 437 PRO A O   1 
ATOM   714 C  CB  . PRO A 1 100 ? -5.746  -5.662  11.121  1.00 35.60  ? 437 PRO A CB  1 
ATOM   715 C  CG  . PRO A 1 100 ? -6.576  -4.782  12.033  1.00 38.90  ? 437 PRO A CG  1 
ATOM   716 C  CD  . PRO A 1 100 ? -6.473  -3.452  11.372  1.00 33.97  ? 437 PRO A CD  1 
ATOM   717 N  N   . GLU A 1 101 ? -3.128  -5.587  8.889   1.00 36.76  ? 438 GLU A N   1 
ATOM   718 C  CA  . GLU A 1 101 ? -2.623  -5.705  7.518   1.00 38.07  ? 438 GLU A CA  1 
ATOM   719 C  C   . GLU A 1 101 ? -2.857  -7.052  6.841   1.00 45.83  ? 438 GLU A C   1 
ATOM   720 O  O   . GLU A 1 101 ? -2.454  -7.226  5.677   1.00 44.57  ? 438 GLU A O   1 
ATOM   721 C  CB  . GLU A 1 101 ? -1.127  -5.421  7.493   1.00 39.47  ? 438 GLU A CB  1 
ATOM   722 C  CG  . GLU A 1 101 ? -0.720  -4.109  8.115   1.00 47.67  ? 438 GLU A CG  1 
ATOM   723 C  CD  . GLU A 1 101 ? 0.755   -4.107  8.434   1.00 53.68  ? 438 GLU A CD  1 
ATOM   724 O  OE1 . GLU A 1 101 ? 1.149   -3.383  9.377   1.00 45.65  ? 438 GLU A OE1 1 
ATOM   725 O  OE2 . GLU A 1 101 ? 1.513   -4.847  7.765   1.00 32.72  ? 438 GLU A OE2 1 
ATOM   726 N  N   . GLY A 1 102 ? -3.498  -7.969  7.562   1.00 44.78  ? 439 GLY A N   1 
ATOM   727 C  CA  . GLY A 1 102 ? -3.816  -9.301  7.069   1.00 45.95  ? 439 GLY A CA  1 
ATOM   728 C  C   . GLY A 1 102 ? -2.657  -10.269 7.106   1.00 52.96  ? 439 GLY A C   1 
ATOM   729 O  O   . GLY A 1 102 ? -2.664  -11.245 6.352   1.00 53.45  ? 439 GLY A O   1 
ATOM   730 N  N   . ARG A 1 103 ? -1.662  -10.002 7.993   1.00 51.61  ? 440 ARG A N   1 
ATOM   731 C  CA  A ARG A 1 103 ? -0.477  -10.846 8.167   0.60 51.92  ? 440 ARG A CA  1 
ATOM   732 C  CA  B ARG A 1 103 ? -0.473  -10.835 8.194   0.40 52.06  ? 440 ARG A CA  1 
ATOM   733 C  C   . ARG A 1 103 ? -0.858  -12.147 8.895   1.00 58.26  ? 440 ARG A C   1 
ATOM   734 O  O   . ARG A 1 103 ? -2.012  -12.303 9.323   1.00 57.10  ? 440 ARG A O   1 
ATOM   735 C  CB  A ARG A 1 103 ? 0.625   -10.092 8.940   0.60 50.39  ? 440 ARG A CB  1 
ATOM   736 C  CB  B ARG A 1 103 ? 0.555   -10.096 9.069   0.40 51.25  ? 440 ARG A CB  1 
ATOM   737 C  CG  A ARG A 1 103 ? 1.378   -9.070  8.098   0.60 53.21  ? 440 ARG A CG  1 
ATOM   738 C  CG  B ARG A 1 103 ? 1.346   -9.004  8.375   0.40 56.82  ? 440 ARG A CG  1 
ATOM   739 C  CD  A ARG A 1 103 ? 2.235   -8.123  8.925   0.60 56.29  ? 440 ARG A CD  1 
ATOM   740 C  CD  B ARG A 1 103 ? 2.649   -8.788  9.116   0.40 62.29  ? 440 ARG A CD  1 
ATOM   741 N  NE  A ARG A 1 103 ? 3.532   -8.703  9.292   0.60 62.44  ? 440 ARG A NE  1 
ATOM   742 N  NE  B ARG A 1 103 ? 2.964   -7.374  9.317   0.40 66.34  ? 440 ARG A NE  1 
ATOM   743 C  CZ  A ARG A 1 103 ? 4.632   -8.648  8.541   0.60 73.04  ? 440 ARG A CZ  1 
ATOM   744 C  CZ  B ARG A 1 103 ? 2.596   -6.661  10.376  0.40 80.16  ? 440 ARG A CZ  1 
ATOM   745 N  NH1 A ARG A 1 103 ? 4.609   -8.054  7.354   0.60 59.33  ? 440 ARG A NH1 1 
ATOM   746 N  NH1 B ARG A 1 103 ? 2.943   -5.386  10.478  0.40 65.63  ? 440 ARG A NH1 1 
ATOM   747 N  NH2 A ARG A 1 103 ? 5.759   -9.200  8.969   0.60 56.57  ? 440 ARG A NH2 1 
ATOM   748 N  NH2 B ARG A 1 103 ? 1.871   -7.216  11.342  0.40 69.10  ? 440 ARG A NH2 1 
ATOM   749 N  N   . LEU A 1 104 ? 0.111   -13.088 9.027   1.00 57.99  ? 441 LEU A N   1 
ATOM   750 C  CA  . LEU A 1 104 ? -0.105  -14.360 9.720   1.00 58.83  ? 441 LEU A CA  1 
ATOM   751 C  C   . LEU A 1 104 ? 0.039   -14.100 11.229  1.00 65.33  ? 441 LEU A C   1 
ATOM   752 O  O   . LEU A 1 104 ? -0.885  -14.390 11.994  1.00 65.74  ? 441 LEU A O   1 
ATOM   753 C  CB  . LEU A 1 104 ? 0.903   -15.431 9.254   1.00 58.79  ? 441 LEU A CB  1 
ATOM   754 C  CG  . LEU A 1 104 ? 0.737   -15.962 7.831   1.00 63.41  ? 441 LEU A CG  1 
ATOM   755 C  CD1 . LEU A 1 104 ? 2.050   -16.497 7.311   1.00 63.88  ? 441 LEU A CD1 1 
ATOM   756 C  CD2 . LEU A 1 104 ? -0.352  -17.026 7.746   1.00 64.67  ? 441 LEU A CD2 1 
ATOM   757 N  N   . GLY A 1 105 ? 1.178   -13.514 11.616  1.00 62.52  ? 442 GLY A N   1 
ATOM   758 C  CA  . GLY A 1 105 ? 1.508   -13.159 12.991  1.00 95.57  ? 442 GLY A CA  1 
ATOM   759 C  C   . GLY A 1 105 ? 2.385   -11.926 13.078  1.00 130.79 ? 442 GLY A C   1 
ATOM   760 O  O   . GLY A 1 105 ? 2.127   -10.918 12.416  1.00 92.95  ? 442 GLY A O   1 
HETATM 761 CL CL  . CL  B 2 .   ? -1.785  -7.762  10.636  1.00 58.53  ? 501 CL  A CL  1 
HETATM 762 C  C1  . GOL C 3 .   ? 10.211  5.219   -3.325  1.00 33.84  ? 502 GOL A C1  1 
HETATM 763 O  O1  . GOL C 3 .   ? 9.021   4.444   -3.179  1.00 29.96  ? 502 GOL A O1  1 
HETATM 764 C  C2  . GOL C 3 .   ? 9.956   6.701   -3.154  1.00 34.68  ? 502 GOL A C2  1 
HETATM 765 O  O2  . GOL C 3 .   ? 9.424   6.996   -1.851  1.00 30.01  ? 502 GOL A O2  1 
HETATM 766 C  C3  . GOL C 3 .   ? 11.249  7.457   -3.347  1.00 38.90  ? 502 GOL A C3  1 
HETATM 767 O  O3  . GOL C 3 .   ? 11.033  8.832   -3.076  1.00 41.86  ? 502 GOL A O3  1 
HETATM 768 C  C1  A GOL D 3 .   ? -1.915  8.035   9.979   0.50 35.38  ? 503 GOL A C1  1 
HETATM 769 C  C1  B GOL D 3 .   ? -1.905  8.012   9.938   0.50 38.65  ? 503 GOL A C1  1 
HETATM 770 O  O1  A GOL D 3 .   ? -1.871  7.763   8.582   0.50 28.99  ? 503 GOL A O1  1 
HETATM 771 O  O1  B GOL D 3 .   ? -3.103  7.988   10.719  0.50 32.46  ? 503 GOL A O1  1 
HETATM 772 C  C2  A GOL D 3 .   ? -0.654  8.818   10.268  0.50 36.26  ? 503 GOL A C2  1 
HETATM 773 C  C2  B GOL D 3 .   ? -0.931  8.957   10.610  0.50 39.90  ? 503 GOL A C2  1 
HETATM 774 O  O2  A GOL D 3 .   ? -0.905  10.196  10.162  0.50 39.16  ? 503 GOL A O2  1 
HETATM 775 O  O2  B GOL D 3 .   ? -0.358  9.831   9.670   0.50 43.41  ? 503 GOL A O2  1 
HETATM 776 C  C3  A GOL D 3 .   ? 0.033   8.436   11.552  0.50 31.71  ? 503 GOL A C3  1 
HETATM 777 C  C3  B GOL D 3 .   ? 0.018   8.414   11.664  0.50 36.21  ? 503 GOL A C3  1 
HETATM 778 O  O3  A GOL D 3 .   ? 1.047   7.522   11.312  0.50 28.58  ? 503 GOL A O3  1 
HETATM 779 O  O3  B GOL D 3 .   ? 1.003   7.540   11.223  0.50 33.77  ? 503 GOL A O3  1 
HETATM 780 AS AS  . CAC E 4 .   ? -0.731  3.326   -13.492 0.40 31.83  ? 504 CAC A AS  1 
HETATM 781 O  O1  . CAC E 4 .   ? -0.175  4.758   -12.801 0.40 21.46  ? 504 CAC A O1  1 
HETATM 782 O  O2  . CAC E 4 .   ? 0.269   2.065   -13.778 0.40 29.47  ? 504 CAC A O2  1 
HETATM 783 C  C1  . CAC E 4 .   ? -1.647  3.748   -15.182 0.40 32.46  ? 504 CAC A C1  1 
HETATM 784 C  C2  . CAC E 4 .   ? -2.260  2.652   -12.454 0.40 32.54  ? 504 CAC A C2  1 
HETATM 785 O  O   . HOH F 5 .   ? -2.968  6.968   13.119  1.00 37.34  ? 601 HOH A O   1 
HETATM 786 O  O   . HOH F 5 .   ? 9.136   -1.650  -1.098  1.00 33.82  ? 602 HOH A O   1 
HETATM 787 O  O   . HOH F 5 .   ? 6.954   -4.398  -2.018  1.00 32.87  ? 603 HOH A O   1 
HETATM 788 O  O   . HOH F 5 .   ? -0.729  9.923   -6.946  1.00 38.31  ? 604 HOH A O   1 
HETATM 789 O  O   . HOH F 5 .   ? -2.319  13.610  0.048   1.00 26.32  ? 605 HOH A O   1 
HETATM 790 O  O   . HOH F 5 .   ? -3.848  9.196   7.558   1.00 37.96  ? 606 HOH A O   1 
HETATM 791 O  O   . HOH F 5 .   ? -10.026 -9.373  3.092   1.00 103.58 ? 607 HOH A O   1 
HETATM 792 O  O   . HOH F 5 .   ? -0.456  -2.591  11.333  1.00 36.98  ? 608 HOH A O   1 
HETATM 793 O  O   . HOH F 5 .   ? -6.460  8.265   4.519   1.00 31.19  ? 609 HOH A O   1 
HETATM 794 O  O   . HOH F 5 .   ? 2.291   1.456   -15.414 1.00 55.19  ? 610 HOH A O   1 
HETATM 795 O  O   . HOH F 5 .   ? 12.382  -4.670  -12.460 1.00 34.73  ? 611 HOH A O   1 
HETATM 796 O  O   . HOH F 5 .   ? -6.319  -1.880  -2.451  1.00 27.67  ? 612 HOH A O   1 
HETATM 797 O  O   . HOH F 5 .   ? 1.235   0.137   12.696  1.00 27.37  ? 613 HOH A O   1 
HETATM 798 O  O   . HOH F 5 .   ? -18.770 0.042   0.604   1.00 51.18  ? 614 HOH A O   1 
HETATM 799 O  O   . HOH F 5 .   ? -4.013  11.777  -4.764  1.00 32.63  ? 615 HOH A O   1 
HETATM 800 O  O   . HOH F 5 .   ? 5.639   11.133  -3.362  1.00 27.65  ? 616 HOH A O   1 
HETATM 801 O  O   . HOH F 5 .   ? -0.982  12.650  9.064   1.00 39.88  ? 617 HOH A O   1 
HETATM 802 O  O   . HOH F 5 .   ? 2.165   5.834   -13.827 1.00 28.22  ? 618 HOH A O   1 
HETATM 803 O  O   . HOH F 5 .   ? -2.132  -3.832  -10.412 1.00 39.93  ? 619 HOH A O   1 
HETATM 804 O  O   . HOH F 5 .   ? -9.281  6.536   -3.074  1.00 31.69  ? 620 HOH A O   1 
HETATM 805 O  O   . HOH F 5 .   ? 8.702   -7.341  -2.439  1.00 50.53  ? 621 HOH A O   1 
HETATM 806 O  O   . HOH F 5 .   ? -10.807 6.665   -0.643  1.00 38.80  ? 622 HOH A O   1 
HETATM 807 O  O   . HOH F 5 .   ? -4.348  11.894  6.582   1.00 37.47  ? 623 HOH A O   1 
HETATM 808 O  O   . HOH F 5 .   ? -3.289  -0.469  -10.516 1.00 40.42  ? 624 HOH A O   1 
HETATM 809 O  O   . HOH F 5 .   ? -0.441  7.245   -13.840 1.00 63.57  ? 625 HOH A O   1 
HETATM 810 O  O   . HOH F 5 .   ? -4.270  5.464   -11.452 1.00 44.70  ? 626 HOH A O   1 
HETATM 811 O  O   . HOH F 5 .   ? 12.280  11.240  -3.029  1.00 56.11  ? 627 HOH A O   1 
HETATM 812 O  O   . HOH F 5 .   ? -8.891  -0.162  -5.720  1.00 42.86  ? 628 HOH A O   1 
HETATM 813 O  O   . HOH F 5 .   ? 5.589   -8.923  -9.487  1.00 45.33  ? 629 HOH A O   1 
HETATM 814 O  O   . HOH F 5 .   ? -7.548  -3.745  7.997   1.00 49.81  ? 630 HOH A O   1 
HETATM 815 O  O   . HOH F 5 .   ? -5.652  7.796   -11.194 1.00 82.37  ? 631 HOH A O   1 
HETATM 816 O  O   . HOH F 5 .   ? -11.779 5.365   -5.984  1.00 44.38  ? 632 HOH A O   1 
HETATM 817 O  O   . HOH F 5 .   ? 1.818   18.294  2.700   1.00 36.66  ? 633 HOH A O   1 
HETATM 818 O  O   . HOH F 5 .   ? -3.290  -15.369 11.165  1.00 60.68  ? 634 HOH A O   1 
HETATM 819 O  O   . HOH F 5 .   ? -8.114  6.387   5.954   1.00 33.40  ? 635 HOH A O   1 
HETATM 820 O  O   . HOH F 5 .   ? 18.170  -1.502  -9.980  1.00 52.65  ? 636 HOH A O   1 
HETATM 821 O  O   . HOH F 5 .   ? -9.146  -5.046  6.261   1.00 35.59  ? 637 HOH A O   1 
HETATM 822 O  O   . HOH F 5 .   ? 4.934   2.553   -2.406  1.00 24.61  ? 638 HOH A O   1 
HETATM 823 O  O   . HOH F 5 .   ? -5.328  5.744   13.094  1.00 48.10  ? 639 HOH A O   1 
HETATM 824 O  O   . HOH F 5 .   ? 4.789   14.671  3.003   1.00 28.70  ? 640 HOH A O   1 
HETATM 825 O  O   . HOH F 5 .   ? -13.722 -1.263  9.266   1.00 60.15  ? 641 HOH A O   1 
HETATM 826 O  O   . HOH F 5 .   ? 7.263   -0.800  9.270   1.00 48.13  ? 642 HOH A O   1 
HETATM 827 O  O   . HOH F 5 .   ? -4.487  9.011   -7.477  1.00 44.48  ? 643 HOH A O   1 
HETATM 828 O  O   . HOH F 5 .   ? 10.672  1.202   -14.304 1.00 27.89  ? 644 HOH A O   1 
HETATM 829 O  O   A HOH F 5 .   ? 13.928  4.253   3.732   0.50 27.59  ? 645 HOH A O   1 
HETATM 830 O  O   B HOH F 5 .   ? 13.137  4.932   4.898   0.50 22.87  ? 645 HOH A O   1 
HETATM 831 O  O   . HOH F 5 .   ? 12.906  7.429   -0.197  1.00 41.26  ? 646 HOH A O   1 
HETATM 832 O  O   . HOH F 5 .   ? 0.532   1.878   -9.074  1.00 25.97  ? 647 HOH A O   1 
HETATM 833 O  O   . HOH F 5 .   ? 17.102  6.354   -12.211 1.00 30.63  ? 648 HOH A O   1 
HETATM 834 O  O   . HOH F 5 .   ? 10.090  -14.104 5.677   1.00 60.35  ? 649 HOH A O   1 
HETATM 835 O  O   . HOH F 5 .   ? -2.402  7.956   -5.848  1.00 24.86  ? 650 HOH A O   1 
HETATM 836 O  O   . HOH F 5 .   ? 3.533   -3.211  12.105  1.00 49.59  ? 651 HOH A O   1 
HETATM 837 O  O   . HOH F 5 .   ? -5.732  15.920  0.135   1.00 42.12  ? 652 HOH A O   1 
HETATM 838 O  O   . HOH F 5 .   ? 13.071  -0.107  -17.659 1.00 42.81  ? 653 HOH A O   1 
HETATM 839 O  O   . HOH F 5 .   ? 20.680  0.333   -12.077 1.00 67.99  ? 654 HOH A O   1 
HETATM 840 O  O   . HOH F 5 .   ? 19.553  5.645   -9.476  1.00 56.13  ? 655 HOH A O   1 
HETATM 841 O  O   . HOH F 5 .   ? 10.714  -5.393  -5.015  1.00 34.39  ? 656 HOH A O   1 
HETATM 842 O  O   . HOH F 5 .   ? -15.032 -1.128  -4.238  1.00 52.36  ? 657 HOH A O   1 
HETATM 843 O  O   . HOH F 5 .   ? 3.837   3.724   -15.353 1.00 32.94  ? 658 HOH A O   1 
HETATM 844 O  O   . HOH F 5 .   ? -13.305 -6.770  -5.695  1.00 54.42  ? 659 HOH A O   1 
HETATM 845 O  O   . HOH F 5 .   ? 10.827  10.481  0.589   1.00 37.36  ? 660 HOH A O   1 
HETATM 846 O  O   . HOH F 5 .   ? -9.325  11.678  5.329   1.00 59.03  ? 661 HOH A O   1 
HETATM 847 O  O   . HOH F 5 .   ? -3.593  20.764  4.689   1.00 69.11  ? 662 HOH A O   1 
HETATM 848 O  O   . HOH F 5 .   ? 14.670  1.051   -2.322  1.00 32.10  ? 663 HOH A O   1 
HETATM 849 O  O   . HOH F 5 .   ? -16.452 1.435   -1.273  1.00 52.65  ? 664 HOH A O   1 
HETATM 850 O  O   . HOH F 5 .   ? -4.860  -2.931  14.454  1.00 34.31  ? 665 HOH A O   1 
HETATM 851 O  O   . HOH F 5 .   ? 20.961  4.498   -12.779 1.00 57.85  ? 666 HOH A O   1 
HETATM 852 O  O   . HOH F 5 .   ? 7.302   1.006   -3.595  1.00 29.30  ? 667 HOH A O   1 
HETATM 853 O  O   . HOH F 5 .   ? -6.096  2.282   -8.918  1.00 37.02  ? 668 HOH A O   1 
HETATM 854 O  O   . HOH F 5 .   ? -3.777  -8.125  -4.598  1.00 34.12  ? 669 HOH A O   1 
HETATM 855 O  O   . HOH F 5 .   ? -9.652  9.709   -1.998  1.00 41.47  ? 670 HOH A O   1 
HETATM 856 O  O   . HOH F 5 .   ? -5.209  -1.806  -8.480  1.00 49.89  ? 671 HOH A O   1 
HETATM 857 O  O   . HOH F 5 .   ? 10.127  -9.198  0.238   1.00 60.18  ? 672 HOH A O   1 
HETATM 858 O  O   . HOH F 5 .   ? -13.497 8.329   0.062   1.00 38.29  ? 673 HOH A O   1 
HETATM 859 O  O   . HOH F 5 .   ? 5.849   -4.249  -13.280 1.00 34.75  ? 674 HOH A O   1 
HETATM 860 O  O   . HOH F 5 .   ? 9.085   -4.143  5.138   1.00 41.38  ? 675 HOH A O   1 
HETATM 861 O  O   . HOH F 5 .   ? 5.371   -7.566  4.245   1.00 53.24  ? 676 HOH A O   1 
HETATM 862 O  O   . HOH F 5 .   ? -15.184 3.108   -5.138  1.00 50.41  ? 677 HOH A O   1 
HETATM 863 O  O   . HOH F 5 .   ? 5.341   1.908   -18.604 1.00 50.88  ? 678 HOH A O   1 
HETATM 864 O  O   . HOH F 5 .   ? -8.241  16.338  -1.368  1.00 62.64  ? 679 HOH A O   1 
HETATM 865 O  O   . HOH F 5 .   ? 3.829   -5.955  -11.895 1.00 37.94  ? 680 HOH A O   1 
HETATM 866 O  O   . HOH F 5 .   ? 14.982  4.278   -1.305  1.00 51.91  ? 681 HOH A O   1 
HETATM 867 O  O   . HOH F 5 .   ? -1.307  21.638  3.485   1.00 55.46  ? 682 HOH A O   1 
HETATM 868 O  O   . HOH F 5 .   ? -5.765  19.080  4.357   1.00 58.74  ? 683 HOH A O   1 
HETATM 869 O  O   . HOH F 5 .   ? 9.439   -7.080  4.606   1.00 58.20  ? 684 HOH A O   1 
HETATM 870 O  O   . HOH F 5 .   ? 14.456  -1.556  -1.161  1.00 42.16  ? 685 HOH A O   1 
HETATM 871 O  O   . HOH F 5 .   ? -5.402  13.428  -2.982  1.00 51.90  ? 686 HOH A O   1 
HETATM 872 O  O   . HOH F 5 .   ? 6.680   -5.339  5.901   1.00 63.06  ? 687 HOH A O   1 
HETATM 873 O  O   . HOH F 5 .   ? 14.254  -2.998  -5.393  1.00 44.78  ? 688 HOH A O   1 
HETATM 874 O  O   . HOH F 5 .   ? 7.357   -11.115 -1.781  1.00 64.29  ? 689 HOH A O   1 
HETATM 875 O  O   . HOH F 5 .   ? 8.645   -0.770  -17.442 1.00 56.69  ? 690 HOH A O   1 
HETATM 876 O  O   . HOH F 5 .   ? -12.948 6.268   8.035   1.00 62.90  ? 691 HOH A O   1 
HETATM 877 O  O   . HOH F 5 .   ? -3.816  15.127  -1.644  1.00 47.77  ? 692 HOH A O   1 
HETATM 878 O  O   . HOH F 5 .   ? -2.960  16.031  -5.616  1.00 57.43  ? 693 HOH A O   1 
HETATM 879 O  O   . HOH F 5 .   ? -11.653 -11.548 2.051   1.00 67.08  ? 694 HOH A O   1 
HETATM 880 O  O   . HOH F 5 .   ? 13.192  -5.063  -4.029  1.00 48.96  ? 695 HOH A O   1 
HETATM 881 O  O   . HOH F 5 .   ? -12.343 10.075  -1.640  1.00 59.56  ? 696 HOH A O   1 
HETATM 882 O  O   . HOH F 5 .   ? -17.641 7.542   4.948   1.00 63.46  ? 697 HOH A O   1 
HETATM 883 O  O   . HOH F 5 .   ? 1.260   -9.163  -5.615  1.00 53.91  ? 698 HOH A O   1 
HETATM 884 O  O   . HOH F 5 .   ? 1.540   19.241  0.065   1.00 41.76  ? 699 HOH A O   1 
HETATM 885 O  O   . HOH F 5 .   ? 8.303   -5.607  -13.859 1.00 57.35  ? 700 HOH A O   1 
HETATM 886 O  O   . HOH F 5 .   ? -0.455  21.254  0.619   1.00 68.46  ? 701 HOH A O   1 
HETATM 887 O  O   . HOH F 5 .   ? -17.583 0.097   10.959  1.00 67.55  ? 702 HOH A O   1 
HETATM 888 O  O   . HOH F 5 .   ? 4.259   -0.340  -15.244 1.00 52.33  ? 703 HOH A O   1 
HETATM 889 O  O   . HOH F 5 .   ? 4.063   -5.487  14.025  1.00 63.51  ? 704 HOH A O   1 
HETATM 890 O  O   . HOH F 5 .   ? -7.313  -5.666  -4.369  1.00 46.39  ? 705 HOH A O   1 
HETATM 891 O  O   . HOH F 5 .   ? -6.828  10.634  5.896   1.00 39.78  ? 706 HOH A O   1 
HETATM 892 O  O   . HOH F 5 .   ? 4.849   -8.453  -12.068 1.00 49.03  ? 707 HOH A O   1 
HETATM 893 O  O   . HOH F 5 .   ? 15.059  3.370   -19.785 1.00 49.92  ? 708 HOH A O   1 
HETATM 894 O  O   . HOH F 5 .   ? -11.814 -4.488  7.324   1.00 51.46  ? 709 HOH A O   1 
HETATM 895 O  O   . HOH F 5 .   ? 19.396  0.209   -8.244  1.00 70.09  ? 710 HOH A O   1 
HETATM 896 O  O   . HOH F 5 .   ? -7.126  9.779   -6.486  1.00 45.41  ? 711 HOH A O   1 
HETATM 897 O  O   . HOH F 5 .   ? 10.960  -8.156  2.623   1.00 66.17  ? 712 HOH A O   1 
HETATM 898 O  O   . HOH F 5 .   ? -3.414  -5.249  14.358  1.00 48.52  ? 713 HOH A O   1 
HETATM 899 O  O   . HOH F 5 .   ? -14.414 5.093   -6.811  1.00 59.95  ? 714 HOH A O   1 
HETATM 900 O  O   . HOH F 5 .   ? -0.708  -4.651  -12.887 1.00 55.81  ? 715 HOH A O   1 
HETATM 901 O  O   . HOH F 5 .   ? 11.309  -1.151  -15.870 1.00 32.07  ? 716 HOH A O   1 
HETATM 902 O  O   . HOH F 5 .   ? 9.853   -9.172  -10.027 1.00 58.14  ? 717 HOH A O   1 
HETATM 903 O  O   . HOH F 5 .   ? -9.087  8.886   -4.817  1.00 57.23  ? 718 HOH A O   1 
HETATM 904 O  O   . HOH F 5 .   ? -9.695  -3.428  10.174  1.00 45.26  ? 719 HOH A O   1 
HETATM 905 O  O   . HOH F 5 .   ? -10.323 7.513   7.165   1.00 49.48  ? 720 HOH A O   1 
HETATM 906 O  O   . HOH F 5 .   ? 11.661  -3.864  -15.626 1.00 68.72  ? 721 HOH A O   1 
HETATM 907 O  O   . HOH F 5 .   ? -11.339 4.963   -8.615  1.00 47.05  ? 722 HOH A O   1 
HETATM 908 O  O   . HOH F 5 .   ? -7.612  -2.393  -4.958  1.00 32.60  ? 723 HOH A O   1 
HETATM 909 O  O   . HOH F 5 .   ? -11.430 8.043   -5.858  1.00 54.59  ? 724 HOH A O   1 
HETATM 910 O  O   . HOH F 5 .   ? 16.046  4.405   1.790   1.00 46.53  ? 725 HOH A O   1 
HETATM 911 O  O   . HOH F 5 .   ? 0.763   -17.590 -4.541  1.00 67.15  ? 726 HOH A O   1 
HETATM 912 O  O   . HOH F 5 .   ? 0.266   -13.348 -2.559  1.00 58.70  ? 727 HOH A O   1 
HETATM 913 O  O   . HOH F 5 .   ? 4.495   -0.763  -18.231 1.00 70.10  ? 728 HOH A O   1 
HETATM 914 O  O   . HOH F 5 .   ? 7.556   -10.605 -10.338 1.00 78.27  ? 729 HOH A O   1 
HETATM 915 O  O   . HOH F 5 .   ? 1.721   -5.567  -13.568 1.00 54.68  ? 730 HOH A O   1 
HETATM 916 O  O   . HOH F 5 .   ? -13.347 10.715  2.231   1.00 63.19  ? 731 HOH A O   1 
HETATM 917 O  O   . HOH F 5 .   ? 5.500   -11.684 -4.080  1.00 58.84  ? 732 HOH A O   1 
HETATM 918 O  O   . HOH F 5 .   ? -4.953  20.845  1.993   1.00 59.55  ? 733 HOH A O   1 
HETATM 919 O  O   . HOH F 5 .   ? 11.806  13.217  -0.104  1.00 46.93  ? 734 HOH A O   1 
HETATM 920 O  O   . HOH F 5 .   ? 14.979  2.766   5.725   1.00 57.84  ? 735 HOH A O   1 
HETATM 921 O  O   . HOH F 5 .   ? -11.404 10.350  6.523   1.00 55.48  ? 736 HOH A O   1 
HETATM 922 O  O   . HOH F 5 .   ? 4.628   -10.563 -7.520  1.00 72.67  ? 737 HOH A O   1 
HETATM 923 O  O   . HOH F 5 .   ? 4.977   -2.943  -15.442 1.00 48.22  ? 738 HOH A O   1 
HETATM 924 O  O   . HOH F 5 .   ? 2.140   -3.704  -15.825 1.00 59.63  ? 739 HOH A O   1 
HETATM 925 O  O   . HOH F 5 .   ? 14.871  0.122   5.078   1.00 62.63  ? 740 HOH A O   1 
HETATM 926 O  O   . HOH F 5 .   ? 6.728   -8.420  -14.014 1.00 55.05  ? 741 HOH A O   1 
HETATM 927 O  O   . HOH F 5 .   ? 9.121   -4.516  -16.228 1.00 51.00  ? 742 HOH A O   1 
HETATM 928 O  O   . HOH F 5 .   ? -13.580 10.155  4.888   1.00 66.46  ? 743 HOH A O   1 
HETATM 929 O  O   . HOH F 5 .   ? 6.877   -11.936 -6.773  1.00 67.77  ? 744 HOH A O   1 
# 
